data_4H33
# 
_entry.id   4H33 
# 
_audit_conform.dict_name       mmcif_pdbx.dic 
_audit_conform.dict_version    5.379 
_audit_conform.dict_location   http://mmcif.pdb.org/dictionaries/ascii/mmcif_pdbx.dic 
# 
loop_
_database_2.database_id 
_database_2.database_code 
_database_2.pdbx_database_accession 
_database_2.pdbx_DOI 
PDB   4H33         pdb_00004h33 10.2210/pdb4h33/pdb 
RCSB  RCSB074957   ?            ?                   
WWPDB D_1000074957 ?            ?                   
# 
_pdbx_database_related.db_name        PDB 
_pdbx_database_related.db_id          4H37 
_pdbx_database_related.details        . 
_pdbx_database_related.content_type   unspecified 
# 
_pdbx_database_status.status_code                     REL 
_pdbx_database_status.entry_id                        4H33 
_pdbx_database_status.recvd_initial_deposition_date   2012-09-13 
_pdbx_database_status.deposit_site                    RCSB 
_pdbx_database_status.process_site                    RCSB 
_pdbx_database_status.status_code_sf                  REL 
_pdbx_database_status.status_code_mr                  ? 
_pdbx_database_status.SG_entry                        ? 
_pdbx_database_status.status_code_cs                  ? 
_pdbx_database_status.methods_development_category    ? 
_pdbx_database_status.pdb_format_compatible           Y 
_pdbx_database_status.status_code_nmr_data            ? 
# 
loop_
_audit_author.name 
_audit_author.pdbx_ordinal 
'Santos, J.S.'       1 
'Asmar-Rovira, G.A.' 2 
'Han, G.W.'          3 
'Liu, W.'            4 
'Syeda, R.'          5 
'Cherezov, V.'       6 
'Baker, K.A.'        7 
'Stevens, R.C.'      8 
'Montal, M.'         9 
# 
_citation.id                        primary 
_citation.title                     
'Crystal Structure of a Voltage-gated K+ Channel Pore Module in a Closed State in Lipid Membranes.' 
_citation.journal_abbrev            J.Biol.Chem. 
_citation.journal_volume            287 
_citation.page_first                43063 
_citation.page_last                 43070 
_citation.year                      2012 
_citation.journal_id_ASTM           JBCHA3 
_citation.country                   US 
_citation.journal_id_ISSN           0021-9258 
_citation.journal_id_CSD            0071 
_citation.book_publisher            ? 
_citation.pdbx_database_id_PubMed   23095758 
_citation.pdbx_database_id_DOI      10.1074/jbc.M112.415091 
# 
loop_
_citation_author.citation_id 
_citation_author.name 
_citation_author.ordinal 
_citation_author.identifier_ORCID 
primary 'Santos, J.S.'       1 ? 
primary 'Asmar-Rovira, G.A.' 2 ? 
primary 'Han, G.W.'          3 ? 
primary 'Liu, W.'            4 ? 
primary 'Syeda, R.'          5 ? 
primary 'Cherezov, V.'       6 ? 
primary 'Baker, K.A.'        7 ? 
primary 'Stevens, R.C.'      8 ? 
primary 'Montal, M.'         9 ? 
# 
_cell.entry_id           4H33 
_cell.length_a           53.370 
_cell.length_b           53.370 
_cell.length_c           108.160 
_cell.angle_alpha        90.00 
_cell.angle_beta         90.00 
_cell.angle_gamma        90.00 
_cell.Z_PDB              8 
_cell.pdbx_unique_axis   ? 
_cell.length_a_esd       ? 
_cell.length_b_esd       ? 
_cell.length_c_esd       ? 
_cell.angle_alpha_esd    ? 
_cell.angle_beta_esd     ? 
_cell.angle_gamma_esd    ? 
# 
_symmetry.entry_id                         4H33 
_symmetry.space_group_name_H-M             'P 4 21 2' 
_symmetry.pdbx_full_space_group_name_H-M   ? 
_symmetry.cell_setting                     ? 
_symmetry.Int_Tables_number                90 
_symmetry.space_group_name_Hall            ? 
# 
loop_
_entity.id 
_entity.type 
_entity.src_method 
_entity.pdbx_description 
_entity.formula_weight 
_entity.pdbx_number_of_molecules 
_entity.pdbx_ec 
_entity.pdbx_mutation 
_entity.pdbx_fragment 
_entity.details 
1 polymer     man 'Lmo2059 protein'                                15561.433 1 ? A98C 
'KVLM PORE MODULE, TRUNCATED C-TERMINUS (UNP RESIDUES 98-233)' ? 
2 non-polymer syn 'POTASSIUM ION'                                  39.098    3 ? ?    ? ? 
3 non-polymer syn '(2R)-2,3-dihydroxypropyl (9Z)-octadec-9-enoate' 356.540   4 ? ?    ? ? 
# 
_entity_poly.entity_id                      1 
_entity_poly.type                           'polypeptide(L)' 
_entity_poly.nstd_linkage                   no 
_entity_poly.nstd_monomer                   no 
_entity_poly.pdbx_seq_one_letter_code       
;MRYIVPIYSFFRSNGLNRFLMIFVLLVIIIPVPMVFIEPEINNYPDALWWAIVTATTVGYGDIVPVTPIGRILASIMMLF
GIAFIGMITSTITNFFRCKKPTNSSTQRANKITQLISETPDLTKEEIAVVEQFLTLR
;
_entity_poly.pdbx_seq_one_letter_code_can   
;MRYIVPIYSFFRSNGLNRFLMIFVLLVIIIPVPMVFIEPEINNYPDALWWAIVTATTVGYGDIVPVTPIGRILASIMMLF
GIAFIGMITSTITNFFRCKKPTNSSTQRANKITQLISETPDLTKEEIAVVEQFLTLR
;
_entity_poly.pdbx_strand_id                 A 
_entity_poly.pdbx_target_identifier         ? 
# 
loop_
_entity_poly_seq.entity_id 
_entity_poly_seq.num 
_entity_poly_seq.mon_id 
_entity_poly_seq.hetero 
1 1   MET n 
1 2   ARG n 
1 3   TYR n 
1 4   ILE n 
1 5   VAL n 
1 6   PRO n 
1 7   ILE n 
1 8   TYR n 
1 9   SER n 
1 10  PHE n 
1 11  PHE n 
1 12  ARG n 
1 13  SER n 
1 14  ASN n 
1 15  GLY n 
1 16  LEU n 
1 17  ASN n 
1 18  ARG n 
1 19  PHE n 
1 20  LEU n 
1 21  MET n 
1 22  ILE n 
1 23  PHE n 
1 24  VAL n 
1 25  LEU n 
1 26  LEU n 
1 27  VAL n 
1 28  ILE n 
1 29  ILE n 
1 30  ILE n 
1 31  PRO n 
1 32  VAL n 
1 33  PRO n 
1 34  MET n 
1 35  VAL n 
1 36  PHE n 
1 37  ILE n 
1 38  GLU n 
1 39  PRO n 
1 40  GLU n 
1 41  ILE n 
1 42  ASN n 
1 43  ASN n 
1 44  TYR n 
1 45  PRO n 
1 46  ASP n 
1 47  ALA n 
1 48  LEU n 
1 49  TRP n 
1 50  TRP n 
1 51  ALA n 
1 52  ILE n 
1 53  VAL n 
1 54  THR n 
1 55  ALA n 
1 56  THR n 
1 57  THR n 
1 58  VAL n 
1 59  GLY n 
1 60  TYR n 
1 61  GLY n 
1 62  ASP n 
1 63  ILE n 
1 64  VAL n 
1 65  PRO n 
1 66  VAL n 
1 67  THR n 
1 68  PRO n 
1 69  ILE n 
1 70  GLY n 
1 71  ARG n 
1 72  ILE n 
1 73  LEU n 
1 74  ALA n 
1 75  SER n 
1 76  ILE n 
1 77  MET n 
1 78  MET n 
1 79  LEU n 
1 80  PHE n 
1 81  GLY n 
1 82  ILE n 
1 83  ALA n 
1 84  PHE n 
1 85  ILE n 
1 86  GLY n 
1 87  MET n 
1 88  ILE n 
1 89  THR n 
1 90  SER n 
1 91  THR n 
1 92  ILE n 
1 93  THR n 
1 94  ASN n 
1 95  PHE n 
1 96  PHE n 
1 97  ARG n 
1 98  CYS n 
1 99  LYS n 
1 100 LYS n 
1 101 PRO n 
1 102 THR n 
1 103 ASN n 
1 104 SER n 
1 105 SER n 
1 106 THR n 
1 107 GLN n 
1 108 ARG n 
1 109 ALA n 
1 110 ASN n 
1 111 LYS n 
1 112 ILE n 
1 113 THR n 
1 114 GLN n 
1 115 LEU n 
1 116 ILE n 
1 117 SER n 
1 118 GLU n 
1 119 THR n 
1 120 PRO n 
1 121 ASP n 
1 122 LEU n 
1 123 THR n 
1 124 LYS n 
1 125 GLU n 
1 126 GLU n 
1 127 ILE n 
1 128 ALA n 
1 129 VAL n 
1 130 VAL n 
1 131 GLU n 
1 132 GLN n 
1 133 PHE n 
1 134 LEU n 
1 135 THR n 
1 136 LEU n 
1 137 ARG n 
# 
_entity_src_gen.entity_id                          1 
_entity_src_gen.pdbx_src_id                        1 
_entity_src_gen.pdbx_alt_source_flag               sample 
_entity_src_gen.pdbx_seq_type                      ? 
_entity_src_gen.pdbx_beg_seq_num                   ? 
_entity_src_gen.pdbx_end_seq_num                   ? 
_entity_src_gen.gene_src_common_name               ? 
_entity_src_gen.gene_src_genus                     ? 
_entity_src_gen.pdbx_gene_src_gene                 lmo2059 
_entity_src_gen.gene_src_species                   ? 
_entity_src_gen.gene_src_strain                    'ATCC BAA-679 / EGD-e' 
_entity_src_gen.gene_src_tissue                    ? 
_entity_src_gen.gene_src_tissue_fraction           ? 
_entity_src_gen.gene_src_details                   ? 
_entity_src_gen.pdbx_gene_src_fragment             ? 
_entity_src_gen.pdbx_gene_src_scientific_name      'Listeria monocytogenes' 
_entity_src_gen.pdbx_gene_src_ncbi_taxonomy_id     169963 
_entity_src_gen.pdbx_gene_src_variant              ? 
_entity_src_gen.pdbx_gene_src_cell_line            ? 
_entity_src_gen.pdbx_gene_src_atcc                 ? 
_entity_src_gen.pdbx_gene_src_organ                ? 
_entity_src_gen.pdbx_gene_src_organelle            ? 
_entity_src_gen.pdbx_gene_src_cell                 ? 
_entity_src_gen.pdbx_gene_src_cellular_location    ? 
_entity_src_gen.host_org_common_name               ? 
_entity_src_gen.pdbx_host_org_scientific_name      'Escherichia coli' 
_entity_src_gen.pdbx_host_org_ncbi_taxonomy_id     562 
_entity_src_gen.host_org_genus                     ? 
_entity_src_gen.pdbx_host_org_gene                 ? 
_entity_src_gen.pdbx_host_org_organ                ? 
_entity_src_gen.host_org_species                   ? 
_entity_src_gen.pdbx_host_org_tissue               ? 
_entity_src_gen.pdbx_host_org_tissue_fraction      ? 
_entity_src_gen.pdbx_host_org_strain               XL1-Blue 
_entity_src_gen.pdbx_host_org_variant              ? 
_entity_src_gen.pdbx_host_org_cell_line            ? 
_entity_src_gen.pdbx_host_org_atcc                 ? 
_entity_src_gen.pdbx_host_org_culture_collection   ? 
_entity_src_gen.pdbx_host_org_cell                 ? 
_entity_src_gen.pdbx_host_org_organelle            ? 
_entity_src_gen.pdbx_host_org_cellular_location    ? 
_entity_src_gen.pdbx_host_org_vector_type          Plasmid 
_entity_src_gen.pdbx_host_org_vector               ? 
_entity_src_gen.host_org_details                   ? 
_entity_src_gen.expression_system_id               ? 
_entity_src_gen.plasmid_name                       pQE-70 
_entity_src_gen.plasmid_details                    ? 
_entity_src_gen.pdbx_description                   ? 
# 
_struct_ref.id                         1 
_struct_ref.db_name                    UNP 
_struct_ref.db_code                    Q8Y5K1_LISMO 
_struct_ref.pdbx_db_accession          Q8Y5K1 
_struct_ref.entity_id                  1 
_struct_ref.pdbx_seq_one_letter_code   
;RYIVPIYSFFRSNGLNRFLMIFVLLVIIIPVPMVFIEPEINNYPDALWWAIVTATTVGYGDIVPVTPIGRILASIMMLFG
IAFIGMITSTITNFFRAKKPTNSSTQRANKITQLISETPDLTKEEIAVVEQFLTLR
;
_struct_ref.pdbx_align_begin           98 
_struct_ref.pdbx_db_isoform            ? 
# 
_struct_ref_seq.align_id                      1 
_struct_ref_seq.ref_id                        1 
_struct_ref_seq.pdbx_PDB_id_code              4H33 
_struct_ref_seq.pdbx_strand_id                A 
_struct_ref_seq.seq_align_beg                 2 
_struct_ref_seq.pdbx_seq_align_beg_ins_code   ? 
_struct_ref_seq.seq_align_end                 137 
_struct_ref_seq.pdbx_seq_align_end_ins_code   ? 
_struct_ref_seq.pdbx_db_accession             Q8Y5K1 
_struct_ref_seq.db_align_beg                  98 
_struct_ref_seq.pdbx_db_align_beg_ins_code    ? 
_struct_ref_seq.db_align_end                  233 
_struct_ref_seq.pdbx_db_align_end_ins_code    ? 
_struct_ref_seq.pdbx_auth_seq_align_beg       2 
_struct_ref_seq.pdbx_auth_seq_align_end       137 
# 
loop_
_struct_ref_seq_dif.align_id 
_struct_ref_seq_dif.pdbx_pdb_id_code 
_struct_ref_seq_dif.mon_id 
_struct_ref_seq_dif.pdbx_pdb_strand_id 
_struct_ref_seq_dif.seq_num 
_struct_ref_seq_dif.pdbx_pdb_ins_code 
_struct_ref_seq_dif.pdbx_seq_db_name 
_struct_ref_seq_dif.pdbx_seq_db_accession_code 
_struct_ref_seq_dif.db_mon_id 
_struct_ref_seq_dif.pdbx_seq_db_seq_num 
_struct_ref_seq_dif.details 
_struct_ref_seq_dif.pdbx_auth_seq_num 
_struct_ref_seq_dif.pdbx_ordinal 
1 4H33 MET A 1  ? UNP Q8Y5K1 ?   ?   'expression tag'      1  1 
1 4H33 CYS A 98 ? UNP Q8Y5K1 ALA 194 'engineered mutation' 98 2 
# 
loop_
_chem_comp.id 
_chem_comp.type 
_chem_comp.mon_nstd_flag 
_chem_comp.name 
_chem_comp.pdbx_synonyms 
_chem_comp.formula 
_chem_comp.formula_weight 
ALA 'L-peptide linking' y ALANINE                                          ?                   'C3 H7 N O2'     89.093  
ARG 'L-peptide linking' y ARGININE                                         ?                   'C6 H15 N4 O2 1' 175.209 
ASN 'L-peptide linking' y ASPARAGINE                                       ?                   'C4 H8 N2 O3'    132.118 
ASP 'L-peptide linking' y 'ASPARTIC ACID'                                  ?                   'C4 H7 N O4'     133.103 
CYS 'L-peptide linking' y CYSTEINE                                         ?                   'C3 H7 N O2 S'   121.158 
GLN 'L-peptide linking' y GLUTAMINE                                        ?                   'C5 H10 N2 O3'   146.144 
GLU 'L-peptide linking' y 'GLUTAMIC ACID'                                  ?                   'C5 H9 N O4'     147.129 
GLY 'peptide linking'   y GLYCINE                                          ?                   'C2 H5 N O2'     75.067  
ILE 'L-peptide linking' y ISOLEUCINE                                       ?                   'C6 H13 N O2'    131.173 
K   non-polymer         . 'POTASSIUM ION'                                  ?                   'K 1'            39.098  
LEU 'L-peptide linking' y LEUCINE                                          ?                   'C6 H13 N O2'    131.173 
LYS 'L-peptide linking' y LYSINE                                           ?                   'C6 H15 N2 O2 1' 147.195 
MET 'L-peptide linking' y METHIONINE                                       ?                   'C5 H11 N O2 S'  149.211 
OLC non-polymer         . '(2R)-2,3-dihydroxypropyl (9Z)-octadec-9-enoate' 1-Oleoyl-R-glycerol 'C21 H40 O4'     356.540 
PHE 'L-peptide linking' y PHENYLALANINE                                    ?                   'C9 H11 N O2'    165.189 
PRO 'L-peptide linking' y PROLINE                                          ?                   'C5 H9 N O2'     115.130 
SER 'L-peptide linking' y SERINE                                           ?                   'C3 H7 N O3'     105.093 
THR 'L-peptide linking' y THREONINE                                        ?                   'C4 H9 N O3'     119.119 
TRP 'L-peptide linking' y TRYPTOPHAN                                       ?                   'C11 H12 N2 O2'  204.225 
TYR 'L-peptide linking' y TYROSINE                                         ?                   'C9 H11 N O3'    181.189 
VAL 'L-peptide linking' y VALINE                                           ?                   'C5 H11 N O2'    117.146 
# 
_exptl.entry_id          4H33 
_exptl.method            'X-RAY DIFFRACTION' 
_exptl.crystals_number   32 
# 
_exptl_crystal.id                    1 
_exptl_crystal.density_meas          ? 
_exptl_crystal.density_Matthews      2.47 
_exptl_crystal.density_percent_sol   50.30 
_exptl_crystal.description           ? 
_exptl_crystal.F_000                 ? 
_exptl_crystal.preparation           ? 
# 
_exptl_crystal_grow.crystal_id      1 
_exptl_crystal_grow.method          ? 
_exptl_crystal_grow.temp            293 
_exptl_crystal_grow.temp_details    ? 
_exptl_crystal_grow.pH              7.0 
_exptl_crystal_grow.pdbx_pH_range   ? 
_exptl_crystal_grow.pdbx_details    
'26-30% (v/v) PEG-MME-550, 0.5 M to 0.6 M ammonium sulfate, and 50 mM ADA, Lipidic Cubic Phase (LCP) , pH 7.0, temperature 293K' 
# 
_diffrn.id                     1 
_diffrn.ambient_temp           100 
_diffrn.ambient_temp_details   ? 
_diffrn.crystal_id             1 
# 
_diffrn_detector.diffrn_id              1 
_diffrn_detector.detector               CCD 
_diffrn_detector.type                   'MARMOSAIC 300 mm CCD' 
_diffrn_detector.pdbx_collection_date   2011-03-18 
_diffrn_detector.details                ? 
# 
_diffrn_radiation.diffrn_id                        1 
_diffrn_radiation.wavelength_id                    1 
_diffrn_radiation.pdbx_monochromatic_or_laue_m_l   M 
_diffrn_radiation.monochromator                    ? 
_diffrn_radiation.pdbx_diffrn_protocol             'SINGLE WAVELENGTH' 
_diffrn_radiation.pdbx_scattering_type             x-ray 
# 
_diffrn_radiation_wavelength.id           1 
_diffrn_radiation_wavelength.wavelength   1.0330 
_diffrn_radiation_wavelength.wt           1.0 
# 
_diffrn_source.diffrn_id                   1 
_diffrn_source.source                      SYNCHROTRON 
_diffrn_source.type                        'APS BEAMLINE 23-ID-D' 
_diffrn_source.pdbx_synchrotron_site       APS 
_diffrn_source.pdbx_synchrotron_beamline   23-ID-D 
_diffrn_source.pdbx_wavelength             ? 
_diffrn_source.pdbx_wavelength_list        1.0330 
# 
_reflns.pdbx_diffrn_id               1 
_reflns.pdbx_ordinal                 1 
_reflns.entry_id                     4H33 
_reflns.observed_criterion_sigma_I   ? 
_reflns.observed_criterion_sigma_F   ? 
_reflns.d_resolution_low             50 
_reflns.d_resolution_high            3.1 
_reflns.number_obs                   2994 
_reflns.number_all                   ? 
_reflns.percent_possible_obs         94.4 
_reflns.pdbx_Rmerge_I_obs            0.132 
_reflns.pdbx_Rsym_value              ? 
_reflns.pdbx_netI_over_sigmaI        18.6 
_reflns.B_iso_Wilson_estimate        80.28 
_reflns.pdbx_redundancy              7.1 
_reflns.R_free_details               ? 
_reflns.limit_h_max                  ? 
_reflns.limit_h_min                  ? 
_reflns.limit_k_max                  ? 
_reflns.limit_k_min                  ? 
_reflns.limit_l_max                  ? 
_reflns.limit_l_min                  ? 
_reflns.observed_criterion_F_max     ? 
_reflns.observed_criterion_F_min     ? 
_reflns.pdbx_chi_squared             ? 
_reflns.pdbx_scaling_rejects         ? 
# 
_reflns_shell.pdbx_diffrn_id         1 
_reflns_shell.pdbx_ordinal           1 
_reflns_shell.d_res_high             3.1 
_reflns_shell.d_res_low              3.21 
_reflns_shell.percent_possible_all   75 
_reflns_shell.Rmerge_I_obs           0.92 
_reflns_shell.pdbx_Rsym_value        ? 
_reflns_shell.meanI_over_sigI_obs    2.45 
_reflns_shell.pdbx_redundancy        5.5 
_reflns_shell.percent_possible_obs   ? 
_reflns_shell.number_unique_all      ? 
_reflns_shell.number_measured_all    ? 
_reflns_shell.number_measured_obs    ? 
_reflns_shell.number_unique_obs      ? 
_reflns_shell.pdbx_chi_squared       ? 
# 
_refine.pdbx_refine_id                           'X-RAY DIFFRACTION' 
_refine.entry_id                                 4H33 
_refine.pdbx_diffrn_id                           1 
_refine.pdbx_TLS_residual_ADP_flag               ? 
_refine.ls_number_reflns_obs                     2674 
_refine.ls_number_reflns_all                     ? 
_refine.pdbx_ls_sigma_I                          ? 
_refine.pdbx_ls_sigma_F                          0.0 
_refine.pdbx_data_cutoff_high_absF               ? 
_refine.pdbx_data_cutoff_low_absF                ? 
_refine.pdbx_data_cutoff_high_rms_absF           ? 
_refine.ls_d_res_low                             16.40 
_refine.ls_d_res_high                            3.10 
_refine.ls_percent_reflns_obs                    85.11 
_refine.ls_R_factor_obs                          0.2845 
_refine.ls_R_factor_all                          ? 
_refine.ls_R_factor_R_work                       0.2814 
_refine.ls_R_factor_R_free                       0.3050 
_refine.ls_R_factor_R_free_error                 ? 
_refine.ls_R_factor_R_free_error_details         ? 
_refine.ls_percent_reflns_R_free                 13.80 
_refine.ls_number_reflns_R_free                  369 
_refine.ls_number_parameters                     ? 
_refine.ls_number_restraints                     ? 
_refine.occupancy_min                            ? 
_refine.occupancy_max                            ? 
_refine.correlation_coeff_Fo_to_Fc               0.8555 
_refine.correlation_coeff_Fo_to_Fc_free          0.7825 
_refine.B_iso_mean                               114.20 
_refine.aniso_B[1][1]                            -6.6701 
_refine.aniso_B[2][2]                            -6.6701 
_refine.aniso_B[3][3]                            13.3403 
_refine.aniso_B[1][2]                            0.0000 
_refine.aniso_B[1][3]                            0.0000 
_refine.aniso_B[2][3]                            0.0000 
_refine.solvent_model_details                    ? 
_refine.solvent_model_param_ksol                 ? 
_refine.solvent_model_param_bsol                 ? 
_refine.pdbx_solvent_vdw_probe_radii             ? 
_refine.pdbx_solvent_ion_probe_radii             ? 
_refine.pdbx_solvent_shrinkage_radii             ? 
_refine.pdbx_ls_cross_valid_method               THROUGHOUT 
_refine.details                                  ? 
_refine.pdbx_starting_model                      'PDB ENTRY 3EFF, 2ATK, 2A79  and 1ORQ' 
_refine.pdbx_method_to_determine_struct          'MOLECULAR REPLACEMENT' 
_refine.pdbx_isotropic_thermal_model             ? 
_refine.pdbx_stereochemistry_target_values       ? 
_refine.pdbx_stereochem_target_val_spec_case     ? 
_refine.pdbx_R_Free_selection_details            RANDOM 
_refine.pdbx_overall_ESU_R                       ? 
_refine.pdbx_overall_ESU_R_Free                  ? 
_refine.overall_SU_ML                            ? 
_refine.pdbx_overall_phase_error                 ? 
_refine.overall_SU_B                             ? 
_refine.overall_SU_R_Cruickshank_DPI             ? 
_refine.pdbx_overall_SU_R_free_Cruickshank_DPI   ? 
_refine.pdbx_overall_SU_R_Blow_DPI               ? 
_refine.pdbx_overall_SU_R_free_Blow_DPI          ? 
_refine.ls_redundancy_reflns_obs                 ? 
_refine.B_iso_min                                ? 
_refine.B_iso_max                                ? 
_refine.overall_SU_R_free                        ? 
_refine.ls_wR_factor_R_free                      ? 
_refine.ls_wR_factor_R_work                      ? 
_refine.overall_FOM_free_R_set                   ? 
_refine.overall_FOM_work_R_set                   ? 
# 
_refine_analyze.pdbx_refine_id                  'X-RAY DIFFRACTION' 
_refine_analyze.entry_id                        4H33 
_refine_analyze.Luzzati_coordinate_error_obs    1.248 
_refine_analyze.Luzzati_sigma_a_obs             ? 
_refine_analyze.Luzzati_d_res_low_obs           ? 
_refine_analyze.Luzzati_coordinate_error_free   ? 
_refine_analyze.Luzzati_sigma_a_free            ? 
_refine_analyze.Luzzati_d_res_low_free          ? 
_refine_analyze.number_disordered_residues      ? 
_refine_analyze.occupancy_sum_hydrogen          ? 
_refine_analyze.occupancy_sum_non_hydrogen      ? 
_refine_analyze.pdbx_Luzzati_d_res_high_obs     ? 
# 
_refine_hist.pdbx_refine_id                   'X-RAY DIFFRACTION' 
_refine_hist.cycle_id                         LAST 
_refine_hist.pdbx_number_atoms_protein        673 
_refine_hist.pdbx_number_atoms_nucleic_acid   0 
_refine_hist.pdbx_number_atoms_ligand         60 
_refine_hist.number_atoms_solvent             0 
_refine_hist.number_atoms_total               733 
_refine_hist.d_res_high                       3.10 
_refine_hist.d_res_low                        16.40 
# 
loop_
_refine_ls_restr.type 
_refine_ls_restr.dev_ideal 
_refine_ls_restr.dev_ideal_target 
_refine_ls_restr.weight 
_refine_ls_restr.number 
_refine_ls_restr.pdbx_refine_id 
_refine_ls_restr.pdbx_restraint_function 
t_bond_d                  0.010 ? 2.00  744  'X-RAY DIFFRACTION' HARMONIC     
t_angle_deg               1.01  ? 2.00  1006 'X-RAY DIFFRACTION' HARMONIC     
t_dihedral_angle_d        ?     ? 2.00  332  'X-RAY DIFFRACTION' SINUSOIDAL   
t_incorr_chiral_ct        ?     ? ?     ?    'X-RAY DIFFRACTION' ?            
t_pseud_angle             ?     ? ?     ?    'X-RAY DIFFRACTION' ?            
t_trig_c_planes           ?     ? 2.00  8    'X-RAY DIFFRACTION' HARMONIC     
t_gen_planes              ?     ? 5.00  101  'X-RAY DIFFRACTION' HARMONIC     
t_it                      ?     ? 20.00 744  'X-RAY DIFFRACTION' HARMONIC     
t_nbd                     ?     ? 5.00  4    'X-RAY DIFFRACTION' SEMIHARMONIC 
t_omega_torsion           ?     ? ?     ?    'X-RAY DIFFRACTION' ?            
t_other_torsion           ?     ? ?     ?    'X-RAY DIFFRACTION' ?            
t_improper_torsion        ?     ? ?     ?    'X-RAY DIFFRACTION' ?            
t_chiral_improper_torsion ?     ? ?     ?    'X-RAY DIFFRACTION' ?            
t_sum_occupancies         ?     ? ?     ?    'X-RAY DIFFRACTION' ?            
t_utility_distance        ?     ? ?     ?    'X-RAY DIFFRACTION' ?            
t_utility_angle           ?     ? ?     ?    'X-RAY DIFFRACTION' ?            
t_utility_torsion         ?     ? ?     ?    'X-RAY DIFFRACTION' ?            
t_ideal_dist_contact      ?     ? ?     ?    'X-RAY DIFFRACTION' ?            
# 
_refine_ls_shell.pdbx_refine_id                   'X-RAY DIFFRACTION' 
_refine_ls_shell.pdbx_total_number_of_bins_used   5 
_refine_ls_shell.d_res_high                       3.10 
_refine_ls_shell.d_res_low                        3.47 
_refine_ls_shell.number_reflns_R_work             389 
_refine_ls_shell.R_factor_R_work                  0.2488 
_refine_ls_shell.percent_reflns_obs               85.11 
_refine_ls_shell.R_factor_R_free                  0.2978 
_refine_ls_shell.R_factor_R_free_error            ? 
_refine_ls_shell.percent_reflns_R_free            12.98 
_refine_ls_shell.number_reflns_R_free             58 
_refine_ls_shell.number_reflns_all                447 
_refine_ls_shell.R_factor_all                     0.2551 
_refine_ls_shell.redundancy_reflns_obs            ? 
_refine_ls_shell.number_reflns_obs                ? 
# 
_struct.entry_id                  4H33 
_struct.title                     
'Crystal structure of a voltage-gated K+ channel pore module in a closed state in lipid membranes, tetragonal crystal form' 
_struct.pdbx_model_details        ? 
_struct.pdbx_CASP_flag            ? 
_struct.pdbx_model_type_details   ? 
# 
_struct_keywords.entry_id        4H33 
_struct_keywords.pdbx_keywords   'MEMBRANE PROTEIN' 
_struct_keywords.text            'BILAYERS, KVLM, LIPIDIC CUBIC PHASE (LCP), PORE MODULE, ION CHANNEL, MEMBRANE PROTEIN' 
# 
loop_
_struct_asym.id 
_struct_asym.pdbx_blank_PDB_chainid_flag 
_struct_asym.pdbx_modified 
_struct_asym.entity_id 
_struct_asym.details 
A N N 1 ? 
B N N 2 ? 
C N N 2 ? 
D N N 2 ? 
E N N 3 ? 
F N N 3 ? 
G N N 3 ? 
H N N 3 ? 
# 
_struct_biol.id        1 
_struct_biol.details   ? 
# 
loop_
_struct_conf.conf_type_id 
_struct_conf.id 
_struct_conf.pdbx_PDB_helix_id 
_struct_conf.beg_label_comp_id 
_struct_conf.beg_label_asym_id 
_struct_conf.beg_label_seq_id 
_struct_conf.pdbx_beg_PDB_ins_code 
_struct_conf.end_label_comp_id 
_struct_conf.end_label_asym_id 
_struct_conf.end_label_seq_id 
_struct_conf.pdbx_end_PDB_ins_code 
_struct_conf.beg_auth_comp_id 
_struct_conf.beg_auth_asym_id 
_struct_conf.beg_auth_seq_id 
_struct_conf.end_auth_comp_id 
_struct_conf.end_auth_asym_id 
_struct_conf.end_auth_seq_id 
_struct_conf.pdbx_PDB_helix_class 
_struct_conf.details 
_struct_conf.pdbx_PDB_helix_length 
HELX_P HELX_P1 1 ASN A 14 ? ILE A 30 ? ASN A 14 ILE A 30 1 ? 17 
HELX_P HELX_P2 2 ILE A 30 ? GLU A 38 ? ILE A 30 GLU A 38 1 ? 9  
HELX_P HELX_P3 3 ASN A 43 ? THR A 56 ? ASN A 43 THR A 56 1 ? 14 
HELX_P HELX_P4 4 THR A 67 ? ASN A 94 ? THR A 67 ASN A 94 1 ? 28 
# 
_struct_conf_type.id          HELX_P 
_struct_conf_type.criteria    ? 
_struct_conf_type.reference   ? 
# 
loop_
_struct_conn.id 
_struct_conn.conn_type_id 
_struct_conn.pdbx_leaving_atom_flag 
_struct_conn.pdbx_PDB_id 
_struct_conn.ptnr1_label_asym_id 
_struct_conn.ptnr1_label_comp_id 
_struct_conn.ptnr1_label_seq_id 
_struct_conn.ptnr1_label_atom_id 
_struct_conn.pdbx_ptnr1_label_alt_id 
_struct_conn.pdbx_ptnr1_PDB_ins_code 
_struct_conn.pdbx_ptnr1_standard_comp_id 
_struct_conn.ptnr1_symmetry 
_struct_conn.ptnr2_label_asym_id 
_struct_conn.ptnr2_label_comp_id 
_struct_conn.ptnr2_label_seq_id 
_struct_conn.ptnr2_label_atom_id 
_struct_conn.pdbx_ptnr2_label_alt_id 
_struct_conn.pdbx_ptnr2_PDB_ins_code 
_struct_conn.ptnr1_auth_asym_id 
_struct_conn.ptnr1_auth_comp_id 
_struct_conn.ptnr1_auth_seq_id 
_struct_conn.ptnr2_auth_asym_id 
_struct_conn.ptnr2_auth_comp_id 
_struct_conn.ptnr2_auth_seq_id 
_struct_conn.ptnr2_symmetry 
_struct_conn.pdbx_ptnr3_label_atom_id 
_struct_conn.pdbx_ptnr3_label_seq_id 
_struct_conn.pdbx_ptnr3_label_comp_id 
_struct_conn.pdbx_ptnr3_label_asym_id 
_struct_conn.pdbx_ptnr3_label_alt_id 
_struct_conn.pdbx_ptnr3_PDB_ins_code 
_struct_conn.details 
_struct_conn.pdbx_dist_value 
_struct_conn.pdbx_value_order 
_struct_conn.pdbx_role 
metalc1 metalc ? ? A THR 57 O ? ? ? 1_555 D K . K ? ? A THR 57 A K 203 1_555 ? ? ? ? ? ? ? 2.864 ? ? 
metalc2 metalc ? ? A VAL 58 O ? ? ? 1_555 B K . K ? ? A VAL 58 A K 201 1_555 ? ? ? ? ? ? ? 3.140 ? ? 
metalc3 metalc ? ? A VAL 58 O ? ? ? 1_555 C K . K ? ? A VAL 58 A K 202 1_555 ? ? ? ? ? ? ? 2.557 ? ? 
metalc4 metalc ? ? A GLY 59 O ? ? ? 1_555 B K . K ? ? A GLY 59 A K 201 1_555 ? ? ? ? ? ? ? 2.415 ? ? 
# 
_struct_conn_type.id          metalc 
_struct_conn_type.criteria    ? 
_struct_conn_type.reference   ? 
# 
loop_
_struct_site.id 
_struct_site.pdbx_evidence_code 
_struct_site.pdbx_auth_asym_id 
_struct_site.pdbx_auth_comp_id 
_struct_site.pdbx_auth_seq_id 
_struct_site.pdbx_auth_ins_code 
_struct_site.pdbx_num_residues 
_struct_site.details 
AC1 Software A K   201 ? 12 'BINDING SITE FOR RESIDUE K A 201'   
AC2 Software A K   202 ? 12 'BINDING SITE FOR RESIDUE K A 202'   
AC3 Software A K   203 ? 4  'BINDING SITE FOR RESIDUE K A 203'   
AC4 Software A OLC 204 ? 8  'BINDING SITE FOR RESIDUE OLC A 204' 
AC5 Software A OLC 205 ? 2  'BINDING SITE FOR RESIDUE OLC A 205' 
AC6 Software A OLC 207 ? 3  'BINDING SITE FOR RESIDUE OLC A 207' 
# 
loop_
_struct_site_gen.id 
_struct_site_gen.site_id 
_struct_site_gen.pdbx_num_res 
_struct_site_gen.label_comp_id 
_struct_site_gen.label_asym_id 
_struct_site_gen.label_seq_id 
_struct_site_gen.pdbx_auth_ins_code 
_struct_site_gen.auth_comp_id 
_struct_site_gen.auth_asym_id 
_struct_site_gen.auth_seq_id 
_struct_site_gen.label_atom_id 
_struct_site_gen.label_alt_id 
_struct_site_gen.symmetry 
_struct_site_gen.details 
1  AC1 12 VAL A 58 ? VAL A 58  . ? 3_545 ? 
2  AC1 12 VAL A 58 ? VAL A 58  . ? 1_555 ? 
3  AC1 12 VAL A 58 ? VAL A 58  . ? 4_555 ? 
4  AC1 12 VAL A 58 ? VAL A 58  . ? 2_655 ? 
5  AC1 12 GLY A 59 ? GLY A 59  . ? 4_555 ? 
6  AC1 12 GLY A 59 ? GLY A 59  . ? 3_545 ? 
7  AC1 12 GLY A 59 ? GLY A 59  . ? 2_655 ? 
8  AC1 12 GLY A 59 ? GLY A 59  . ? 1_555 ? 
9  AC1 12 K   C .  ? K   A 202 . ? 4_555 ? 
10 AC1 12 K   C .  ? K   A 202 . ? 3_545 ? 
11 AC1 12 K   C .  ? K   A 202 . ? 2_655 ? 
12 AC1 12 K   C .  ? K   A 202 . ? 1_555 ? 
13 AC2 12 THR A 57 ? THR A 57  . ? 1_555 ? 
14 AC2 12 THR A 57 ? THR A 57  . ? 4_555 ? 
15 AC2 12 THR A 57 ? THR A 57  . ? 2_655 ? 
16 AC2 12 THR A 57 ? THR A 57  . ? 3_545 ? 
17 AC2 12 VAL A 58 ? VAL A 58  . ? 4_555 ? 
18 AC2 12 VAL A 58 ? VAL A 58  . ? 2_655 ? 
19 AC2 12 VAL A 58 ? VAL A 58  . ? 3_545 ? 
20 AC2 12 VAL A 58 ? VAL A 58  . ? 1_555 ? 
21 AC2 12 K   B .  ? K   A 201 . ? 4_555 ? 
22 AC2 12 K   B .  ? K   A 201 . ? 3_545 ? 
23 AC2 12 K   B .  ? K   A 201 . ? 2_655 ? 
24 AC2 12 K   B .  ? K   A 201 . ? 1_555 ? 
25 AC3 4  THR A 57 ? THR A 57  . ? 1_555 ? 
26 AC3 4  THR A 57 ? THR A 57  . ? 4_555 ? 
27 AC3 4  THR A 57 ? THR A 57  . ? 3_545 ? 
28 AC3 4  THR A 57 ? THR A 57  . ? 2_655 ? 
29 AC4 8  ASN A 43 ? ASN A 43  . ? 3_545 ? 
30 AC4 8  PRO A 45 ? PRO A 45  . ? 3_545 ? 
31 AC4 8  ASP A 46 ? ASP A 46  . ? 3_545 ? 
32 AC4 8  TRP A 49 ? TRP A 49  . ? 3_545 ? 
33 AC4 8  VAL A 66 ? VAL A 66  . ? 1_555 ? 
34 AC4 8  ARG A 71 ? ARG A 71  . ? 1_555 ? 
35 AC4 8  SER A 75 ? SER A 75  . ? 1_555 ? 
36 AC4 8  OLC H .  ? OLC A 207 . ? 1_555 ? 
37 AC5 2  PRO A 68 ? PRO A 68  . ? 1_555 ? 
38 AC5 2  OLC H .  ? OLC A 207 . ? 1_555 ? 
39 AC6 3  PRO A 45 ? PRO A 45  . ? 3_545 ? 
40 AC6 3  OLC E .  ? OLC A 204 . ? 1_555 ? 
41 AC6 3  OLC F .  ? OLC A 205 . ? 1_555 ? 
# 
_atom_sites.entry_id                    4H33 
_atom_sites.fract_transf_matrix[1][1]   0.00628495 
_atom_sites.fract_transf_matrix[1][2]   -0.00496951 
_atom_sites.fract_transf_matrix[1][3]   0.01693749 
_atom_sites.fract_transf_matrix[2][1]   0.01625725 
_atom_sites.fract_transf_matrix[2][2]   0.00863307 
_atom_sites.fract_transf_matrix[2][3]   -0.00349957 
_atom_sites.fract_transf_matrix[3][1]   -0.00339293 
_atom_sites.fract_transf_matrix[3][2]   0.00783112 
_atom_sites.fract_transf_matrix[3][3]   0.00355668 
_atom_sites.fract_transf_vector[1]      0.293427 
_atom_sites.fract_transf_vector[2]      -0.105002 
_atom_sites.fract_transf_vector[3]      0.310177 
# 
loop_
_atom_type.symbol 
C 
K 
N 
O 
S 
# 
loop_
_atom_site.group_PDB 
_atom_site.id 
_atom_site.type_symbol 
_atom_site.label_atom_id 
_atom_site.label_alt_id 
_atom_site.label_comp_id 
_atom_site.label_asym_id 
_atom_site.label_entity_id 
_atom_site.label_seq_id 
_atom_site.pdbx_PDB_ins_code 
_atom_site.Cartn_x 
_atom_site.Cartn_y 
_atom_site.Cartn_z 
_atom_site.occupancy 
_atom_site.B_iso_or_equiv 
_atom_site.pdbx_formal_charge 
_atom_site.auth_seq_id 
_atom_site.auth_comp_id 
_atom_site.auth_asym_id 
_atom_site.auth_atom_id 
_atom_site.pdbx_PDB_model_num 
ATOM   1   N N   . ARG A 1 12  ? 6.101   -17.862 -9.308  1.00 183.08 ? 12  ARG A N   1 
ATOM   2   C CA  . ARG A 1 12  ? 5.722   -17.600 -10.694 1.00 185.54 ? 12  ARG A CA  1 
ATOM   3   C C   . ARG A 1 12  ? 6.292   -16.267 -11.187 1.00 186.92 ? 12  ARG A C   1 
ATOM   4   O O   . ARG A 1 12  ? 6.420   -15.322 -10.403 1.00 181.27 ? 12  ARG A O   1 
ATOM   5   C CB  . ARG A 1 12  ? 4.195   -17.606 -10.845 1.00 185.05 ? 12  ARG A CB  1 
ATOM   6   N N   . SER A 1 13  ? 6.629   -16.199 -12.494 1.00 187.57 ? 13  SER A N   1 
ATOM   7   C CA  . SER A 1 13  ? 7.177   -15.010 -13.157 1.00 186.12 ? 13  SER A CA  1 
ATOM   8   C C   . SER A 1 13  ? 6.141   -13.877 -13.207 1.00 185.07 ? 13  SER A C   1 
ATOM   9   O O   . SER A 1 13  ? 6.502   -12.711 -13.024 1.00 180.91 ? 13  SER A O   1 
ATOM   10  C CB  . SER A 1 13  ? 7.662   -15.351 -14.565 1.00 195.88 ? 13  SER A CB  1 
ATOM   11  O OG  . SER A 1 13  ? 6.634   -15.924 -15.357 1.00 207.97 ? 13  SER A OG  1 
ATOM   12  N N   . ASN A 1 14  ? 4.855   -14.232 -13.423 1.00 181.73 ? 14  ASN A N   1 
ATOM   13  C CA  . ASN A 1 14  ? 3.727   -13.297 -13.466 1.00 177.48 ? 14  ASN A CA  1 
ATOM   14  C C   . ASN A 1 14  ? 3.133   -13.070 -12.058 1.00 175.36 ? 14  ASN A C   1 
ATOM   15  O O   . ASN A 1 14  ? 2.205   -12.273 -11.903 1.00 171.42 ? 14  ASN A O   1 
ATOM   16  C CB  . ASN A 1 14  ? 2.643   -13.799 -14.439 1.00 181.77 ? 14  ASN A CB  1 
ATOM   17  C CG  . ASN A 1 14  ? 2.960   -13.634 -15.914 1.00 206.50 ? 14  ASN A CG  1 
ATOM   18  O OD1 . ASN A 1 14  ? 3.711   -12.743 -16.337 1.00 199.38 ? 14  ASN A OD1 1 
ATOM   19  N ND2 . ASN A 1 14  ? 2.341   -14.462 -16.739 1.00 202.52 ? 14  ASN A ND2 1 
ATOM   20  N N   . GLY A 1 15  ? 3.691   -13.760 -11.058 1.00 171.15 ? 15  GLY A N   1 
ATOM   21  C CA  . GLY A 1 15  ? 3.287   -13.664 -9.658  1.00 166.47 ? 15  GLY A CA  1 
ATOM   22  C C   . GLY A 1 15  ? 3.553   -12.303 -9.047  1.00 164.37 ? 15  GLY A C   1 
ATOM   23  O O   . GLY A 1 15  ? 2.722   -11.792 -8.290  1.00 160.16 ? 15  GLY A O   1 
ATOM   24  N N   . LEU A 1 16  ? 4.714   -11.702 -9.383  1.00 160.45 ? 16  LEU A N   1 
ATOM   25  C CA  . LEU A 1 16  ? 5.116   -10.373 -8.917  1.00 155.62 ? 16  LEU A CA  1 
ATOM   26  C C   . LEU A 1 16  ? 4.233   -9.302  -9.564  1.00 156.99 ? 16  LEU A C   1 
ATOM   27  O O   . LEU A 1 16  ? 3.807   -8.374  -8.877  1.00 152.19 ? 16  LEU A O   1 
ATOM   28  C CB  . LEU A 1 16  ? 6.607   -10.116 -9.221  1.00 157.17 ? 16  LEU A CB  1 
ATOM   29  C CG  . LEU A 1 16  ? 7.228   -8.831  -8.651  1.00 157.91 ? 16  LEU A CG  1 
ATOM   30  C CD1 . LEU A 1 16  ? 7.554   -8.976  -7.175  1.00 155.31 ? 16  LEU A CD1 1 
ATOM   31  C CD2 . LEU A 1 16  ? 8.482   -8.457  -9.407  1.00 162.96 ? 16  LEU A CD2 1 
ATOM   32  N N   . ASN A 1 17  ? 3.945   -9.457  -10.875 1.00 156.66 ? 17  ASN A N   1 
ATOM   33  C CA  . ASN A 1 17  ? 3.111   -8.559  -11.678 1.00 155.43 ? 17  ASN A CA  1 
ATOM   34  C C   . ASN A 1 17  ? 1.656   -8.564  -11.183 1.00 156.18 ? 17  ASN A C   1 
ATOM   35  O O   . ASN A 1 17  ? 1.051   -7.495  -11.102 1.00 152.70 ? 17  ASN A O   1 
ATOM   36  C CB  . ASN A 1 17  ? 3.180   -8.953  -13.166 1.00 161.67 ? 17  ASN A CB  1 
ATOM   37  C CG  . ASN A 1 17  ? 2.335   -8.118  -14.111 1.00 185.27 ? 17  ASN A CG  1 
ATOM   38  O OD1 . ASN A 1 17  ? 2.201   -6.896  -13.972 1.00 176.07 ? 17  ASN A OD1 1 
ATOM   39  N ND2 . ASN A 1 17  ? 1.777   -8.765  -15.125 1.00 181.52 ? 17  ASN A ND2 1 
ATOM   40  N N   . ARG A 1 18  ? 1.112   -9.758  -10.847 1.00 153.80 ? 18  ARG A N   1 
ATOM   41  C CA  . ARG A 1 18  ? -0.259  -9.941  -10.355 1.00 151.87 ? 18  ARG A CA  1 
ATOM   42  C C   . ARG A 1 18  ? -0.469  -9.246  -9.005  1.00 149.64 ? 18  ARG A C   1 
ATOM   43  O O   . ARG A 1 18  ? -1.523  -8.646  -8.786  1.00 146.86 ? 18  ARG A O   1 
ATOM   44  C CB  . ARG A 1 18  ? -0.604  -11.434 -10.243 1.00 155.77 ? 18  ARG A CB  1 
ATOM   45  N N   . PHE A 1 19  ? 0.535   -9.315  -8.114  1.00 144.01 ? 19  PHE A N   1 
ATOM   46  C CA  . PHE A 1 19  ? 0.485   -8.684  -6.796  1.00 139.10 ? 19  PHE A CA  1 
ATOM   47  C C   . PHE A 1 19  ? 0.712   -7.179  -6.901  1.00 138.84 ? 19  PHE A C   1 
ATOM   48  O O   . PHE A 1 19  ? 0.139   -6.425  -6.115  1.00 134.84 ? 19  PHE A O   1 
ATOM   49  C CB  . PHE A 1 19  ? 1.521   -9.310  -5.857  1.00 140.91 ? 19  PHE A CB  1 
ATOM   50  N N   . LEU A 1 20  ? 1.549   -6.744  -7.863  1.00 136.28 ? 20  LEU A N   1 
ATOM   51  C CA  . LEU A 1 20  ? 1.866   -5.335  -8.084  1.00 133.47 ? 20  LEU A CA  1 
ATOM   52  C C   . LEU A 1 20  ? 0.682   -4.583  -8.699  1.00 136.11 ? 20  LEU A C   1 
ATOM   53  O O   . LEU A 1 20  ? 0.397   -3.470  -8.258  1.00 132.40 ? 20  LEU A O   1 
ATOM   54  C CB  . LEU A 1 20  ? 3.112   -5.191  -8.977  1.00 135.89 ? 20  LEU A CB  1 
ATOM   55  C CG  . LEU A 1 20  ? 3.818   -3.834  -8.962  1.00 138.42 ? 20  LEU A CG  1 
ATOM   56  C CD1 . LEU A 1 20  ? 4.838   -3.755  -7.836  1.00 136.62 ? 20  LEU A CD1 1 
ATOM   57  C CD2 . LEU A 1 20  ? 4.504   -3.570  -10.288 1.00 144.03 ? 20  LEU A CD2 1 
ATOM   58  N N   . MET A 1 21  ? -0.006  -5.183  -9.701  1.00 135.62 ? 21  MET A N   1 
ATOM   59  C CA  . MET A 1 21  ? -1.141  -4.545  -10.379 1.00 135.23 ? 21  MET A CA  1 
ATOM   60  C C   . MET A 1 21  ? -2.343  -4.357  -9.435  1.00 135.65 ? 21  MET A C   1 
ATOM   61  O O   . MET A 1 21  ? -3.070  -3.378  -9.596  1.00 133.65 ? 21  MET A O   1 
ATOM   62  C CB  . MET A 1 21  ? -1.558  -5.284  -11.675 1.00 142.21 ? 21  MET A CB  1 
ATOM   63  C CG  . MET A 1 21  ? -2.173  -6.668  -11.473 1.00 148.54 ? 21  MET A CG  1 
ATOM   64  S SD  . MET A 1 21  ? -2.980  -7.318  -12.963 1.00 158.11 ? 21  MET A SD  1 
ATOM   65  C CE  . MET A 1 21  ? -4.606  -6.608  -12.789 1.00 152.68 ? 21  MET A CE  1 
ATOM   66  N N   . ILE A 1 22  ? -2.532  -5.266  -8.450  1.00 131.31 ? 22  ILE A N   1 
ATOM   67  C CA  . ILE A 1 22  ? -3.634  -5.170  -7.490  1.00 128.65 ? 22  ILE A CA  1 
ATOM   68  C C   . ILE A 1 22  ? -3.263  -4.168  -6.375  1.00 127.60 ? 22  ILE A C   1 
ATOM   69  O O   . ILE A 1 22  ? -4.144  -3.447  -5.905  1.00 125.14 ? 22  ILE A O   1 
ATOM   70  C CB  . ILE A 1 22  ? -4.101  -6.559  -6.942  1.00 133.69 ? 22  ILE A CB  1 
ATOM   71  C CG1 . ILE A 1 22  ? -5.485  -6.486  -6.253  1.00 133.04 ? 22  ILE A CG1 1 
ATOM   72  C CG2 . ILE A 1 22  ? -3.062  -7.264  -6.061  1.00 134.06 ? 22  ILE A CG2 1 
ATOM   73  C CD1 . ILE A 1 22  ? -6.703  -6.453  -7.205  1.00 143.24 ? 22  ILE A CD1 1 
ATOM   74  N N   . PHE A 1 23  ? -1.966  -4.100  -5.990  1.00 122.49 ? 23  PHE A N   1 
ATOM   75  C CA  . PHE A 1 23  ? -1.466  -3.180  -4.965  1.00 118.46 ? 23  PHE A CA  1 
ATOM   76  C C   . PHE A 1 23  ? -1.549  -1.731  -5.458  1.00 119.05 ? 23  PHE A C   1 
ATOM   77  O O   . PHE A 1 23  ? -2.070  -0.882  -4.733  1.00 115.93 ? 23  PHE A O   1 
ATOM   78  C CB  . PHE A 1 23  ? -0.025  -3.541  -4.553  1.00 120.65 ? 23  PHE A CB  1 
ATOM   79  C CG  . PHE A 1 23  ? 0.636   -2.588  -3.582  1.00 119.34 ? 23  PHE A CG  1 
ATOM   80  C CD1 . PHE A 1 23  ? 1.562   -1.649  -4.025  1.00 122.04 ? 23  PHE A CD1 1 
ATOM   81  C CD2 . PHE A 1 23  ? 0.342   -2.637  -2.224  1.00 119.43 ? 23  PHE A CD2 1 
ATOM   82  C CE1 . PHE A 1 23  ? 2.171   -0.767  -3.130  1.00 120.49 ? 23  PHE A CE1 1 
ATOM   83  C CE2 . PHE A 1 23  ? 0.948   -1.751  -1.329  1.00 119.86 ? 23  PHE A CE2 1 
ATOM   84  C CZ  . PHE A 1 23  ? 1.869   -0.831  -1.789  1.00 117.60 ? 23  PHE A CZ  1 
ATOM   85  N N   . VAL A 1 24  ? -1.052  -1.460  -6.688  1.00 116.23 ? 24  VAL A N   1 
ATOM   86  C CA  . VAL A 1 24  ? -1.064  -0.135  -7.319  1.00 114.52 ? 24  VAL A CA  1 
ATOM   87  C C   . VAL A 1 24  ? -2.525  0.317   -7.501  1.00 116.78 ? 24  VAL A C   1 
ATOM   88  O O   . VAL A 1 24  ? -2.830  1.469   -7.194  1.00 114.06 ? 24  VAL A O   1 
ATOM   89  C CB  . VAL A 1 24  ? -0.250  -0.116  -8.645  1.00 121.02 ? 24  VAL A CB  1 
ATOM   90  C CG1 . VAL A 1 24  ? -0.524  1.141   -9.469  1.00 120.47 ? 24  VAL A CG1 1 
ATOM   91  C CG2 . VAL A 1 24  ? 1.244   -0.248  -8.363  1.00 121.11 ? 24  VAL A CG2 1 
ATOM   92  N N   . LEU A 1 25  ? -3.425  -0.609  -7.915  1.00 114.85 ? 25  LEU A N   1 
ATOM   93  C CA  . LEU A 1 25  ? -4.861  -0.354  -8.091  1.00 114.38 ? 25  LEU A CA  1 
ATOM   94  C C   . LEU A 1 25  ? -5.504  0.164   -6.799  1.00 114.72 ? 25  LEU A C   1 
ATOM   95  O O   . LEU A 1 25  ? -6.241  1.144   -6.857  1.00 113.17 ? 25  LEU A O   1 
ATOM   96  C CB  . LEU A 1 25  ? -5.592  -1.616  -8.564  1.00 117.52 ? 25  LEU A CB  1 
ATOM   97  N N   . LEU A 1 26  ? -5.191  -0.464  -5.639  1.00 109.71 ? 26  LEU A N   1 
ATOM   98  C CA  . LEU A 1 26  ? -5.718  -0.072  -4.325  1.00 106.87 ? 26  LEU A CA  1 
ATOM   99  C C   . LEU A 1 26  ? -5.253  1.328   -3.929  1.00 107.29 ? 26  LEU A C   1 
ATOM   100 O O   . LEU A 1 26  ? -6.081  2.149   -3.544  1.00 105.06 ? 26  LEU A O   1 
ATOM   101 C CB  . LEU A 1 26  ? -5.313  -1.077  -3.231  1.00 106.91 ? 26  LEU A CB  1 
ATOM   102 C CG  . LEU A 1 26  ? -5.970  -2.458  -3.260  1.00 114.19 ? 26  LEU A CG  1 
ATOM   103 C CD1 . LEU A 1 26  ? -5.121  -3.464  -2.526  1.00 114.82 ? 26  LEU A CD1 1 
ATOM   104 C CD2 . LEU A 1 26  ? -7.372  -2.433  -2.664  1.00 116.36 ? 26  LEU A CD2 1 
ATOM   105 N N   . VAL A 1 27  ? -3.939  1.614   -4.075  1.00 103.73 ? 27  VAL A N   1 
ATOM   106 C CA  . VAL A 1 27  ? -3.311  2.909   -3.756  1.00 101.74 ? 27  VAL A CA  1 
ATOM   107 C C   . VAL A 1 27  ? -3.928  4.029   -4.652  1.00 106.13 ? 27  VAL A C   1 
ATOM   108 O O   . VAL A 1 27  ? -3.791  5.210   -4.331  1.00 104.41 ? 27  VAL A O   1 
ATOM   109 C CB  . VAL A 1 27  ? -1.751  2.828   -3.858  1.00 105.84 ? 27  VAL A CB  1 
ATOM   110 C CG1 . VAL A 1 27  ? -1.082  4.169   -3.563  1.00 103.87 ? 27  VAL A CG1 1 
ATOM   111 C CG2 . VAL A 1 27  ? -1.193  1.759   -2.921  1.00 105.71 ? 27  VAL A CG2 1 
ATOM   112 N N   . ILE A 1 28  ? -4.658  3.650   -5.722  1.00 104.64 ? 28  ILE A N   1 
ATOM   113 C CA  . ILE A 1 28  ? -5.336  4.590   -6.617  1.00 104.91 ? 28  ILE A CA  1 
ATOM   114 C C   . ILE A 1 28  ? -6.854  4.634   -6.288  1.00 108.35 ? 28  ILE A C   1 
ATOM   115 O O   . ILE A 1 28  ? -7.416  5.727   -6.214  1.00 107.02 ? 28  ILE A O   1 
ATOM   116 C CB  . ILE A 1 28  ? -5.060  4.261   -8.126  1.00 110.86 ? 28  ILE A CB  1 
ATOM   117 C CG1 . ILE A 1 28  ? -3.541  4.256   -8.483  1.00 111.81 ? 28  ILE A CG1 1 
ATOM   118 C CG2 . ILE A 1 28  ? -5.864  5.149   -9.101  1.00 112.54 ? 28  ILE A CG2 1 
ATOM   119 C CD1 . ILE A 1 28  ? -2.708  5.582   -8.281  1.00 118.49 ? 28  ILE A CD1 1 
ATOM   120 N N   . ILE A 1 29  ? -7.495  3.465   -6.064  1.00 105.87 ? 29  ILE A N   1 
ATOM   121 C CA  . ILE A 1 29  ? -8.941  3.368   -5.813  1.00 106.22 ? 29  ILE A CA  1 
ATOM   122 C C   . ILE A 1 29  ? -9.322  3.691   -4.345  1.00 107.59 ? 29  ILE A C   1 
ATOM   123 O O   . ILE A 1 29  ? -10.226 4.504   -4.153  1.00 106.88 ? 29  ILE A O   1 
ATOM   124 C CB  . ILE A 1 29  ? -9.517  1.990   -6.275  1.00 112.18 ? 29  ILE A CB  1 
ATOM   125 C CG1 . ILE A 1 29  ? -9.250  1.708   -7.786  1.00 115.32 ? 29  ILE A CG1 1 
ATOM   126 C CG2 . ILE A 1 29  ? -11.009 1.822   -5.936  1.00 113.92 ? 29  ILE A CG2 1 
ATOM   127 C CD1 . ILE A 1 29  ? -9.666  2.822   -8.849  1.00 124.55 ? 29  ILE A CD1 1 
ATOM   128 N N   . ILE A 1 30  ? -8.660  3.075   -3.329  1.00 102.56 ? 30  ILE A N   1 
ATOM   129 C CA  . ILE A 1 30  ? -8.955  3.294   -1.893  1.00 100.50 ? 30  ILE A CA  1 
ATOM   130 C C   . ILE A 1 30  ? -8.974  4.816   -1.530  1.00 101.58 ? 30  ILE A C   1 
ATOM   131 O O   . ILE A 1 30  ? -9.909  5.205   -0.826  1.00 100.86 ? 30  ILE A O   1 
ATOM   132 C CB  . ILE A 1 30  ? -8.029  2.468   -0.941  1.00 102.99 ? 30  ILE A CB  1 
ATOM   133 C CG1 . ILE A 1 30  ? -8.139  0.933   -1.184  1.00 105.57 ? 30  ILE A CG1 1 
ATOM   134 C CG2 . ILE A 1 30  ? -8.211  2.822   0.550   1.00 102.11 ? 30  ILE A CG2 1 
ATOM   135 C CD1 . ILE A 1 30  ? -9.552  0.234   -0.953  1.00 115.17 ? 30  ILE A CD1 1 
ATOM   136 N N   . PRO A 1 31  ? -8.069  5.706   -2.031  1.00 96.43  ? 31  PRO A N   1 
ATOM   137 C CA  . PRO A 1 31  ? -8.182  7.138   -1.684  1.00 94.63  ? 31  PRO A CA  1 
ATOM   138 C C   . PRO A 1 31  ? -9.512  7.807   -2.073  1.00 97.88  ? 31  PRO A C   1 
ATOM   139 O O   . PRO A 1 31  ? -9.852  8.819   -1.463  1.00 96.44  ? 31  PRO A O   1 
ATOM   140 C CB  . PRO A 1 31  ? -7.034  7.770   -2.474  1.00 96.18  ? 31  PRO A CB  1 
ATOM   141 C CG  . PRO A 1 31  ? -6.046  6.708   -2.593  1.00 101.14 ? 31  PRO A CG  1 
ATOM   142 C CD  . PRO A 1 31  ? -6.858  5.477   -2.846  1.00 98.26  ? 31  PRO A CD  1 
ATOM   143 N N   . VAL A 1 32  ? -10.262 7.256   -3.058  1.00 95.55  ? 32  VAL A N   1 
ATOM   144 C CA  . VAL A 1 32  ? -11.545 7.817   -3.523  1.00 96.40  ? 32  VAL A CA  1 
ATOM   145 C C   . VAL A 1 32  ? -12.596 7.853   -2.368  1.00 99.66  ? 32  VAL A C   1 
ATOM   146 O O   . VAL A 1 32  ? -12.985 8.972   -2.018  1.00 98.97  ? 32  VAL A O   1 
ATOM   147 C CB  . VAL A 1 32  ? -12.109 7.131   -4.801  1.00 102.67 ? 32  VAL A CB  1 
ATOM   148 C CG1 . VAL A 1 32  ? -13.474 7.698   -5.185  1.00 103.85 ? 32  VAL A CG1 1 
ATOM   149 C CG2 . VAL A 1 32  ? -11.134 7.250   -5.967  1.00 103.00 ? 32  VAL A CG2 1 
ATOM   150 N N   . PRO A 1 33  ? -13.059 6.722   -1.747  1.00 95.95  ? 33  PRO A N   1 
ATOM   151 C CA  . PRO A 1 33  ? -14.061 6.847   -0.669  1.00 95.72  ? 33  PRO A CA  1 
ATOM   152 C C   . PRO A 1 33  ? -13.572 7.659   0.527   1.00 97.34  ? 33  PRO A C   1 
ATOM   153 O O   . PRO A 1 33  ? -14.377 8.355   1.144   1.00 97.14  ? 33  PRO A O   1 
ATOM   154 C CB  . PRO A 1 33  ? -14.332 5.394   -0.260  1.00 98.50  ? 33  PRO A CB  1 
ATOM   155 C CG  . PRO A 1 33  ? -13.156 4.627   -0.737  1.00 102.44 ? 33  PRO A CG  1 
ATOM   156 C CD  . PRO A 1 33  ? -12.753 5.299   -2.006  1.00 98.13  ? 33  PRO A CD  1 
ATOM   157 N N   . MET A 1 34  ? -12.247 7.610   0.808   1.00 92.04  ? 34  MET A N   1 
ATOM   158 C CA  . MET A 1 34  ? -11.576 8.290   1.921   1.00 90.17  ? 34  MET A CA  1 
ATOM   159 C C   . MET A 1 34  ? -11.784 9.813   1.924   1.00 92.53  ? 34  MET A C   1 
ATOM   160 O O   . MET A 1 34  ? -11.699 10.422  2.990   1.00 91.67  ? 34  MET A O   1 
ATOM   161 C CB  . MET A 1 34  ? -10.072 7.972   1.934   1.00 91.39  ? 34  MET A CB  1 
ATOM   162 C CG  . MET A 1 34  ? -9.748  6.533   2.318   1.00 95.61  ? 34  MET A CG  1 
ATOM   163 S SD  . MET A 1 34  ? -10.336 6.007   3.956   1.00 100.50 ? 34  MET A SD  1 
ATOM   164 C CE  . MET A 1 34  ? -9.145  6.776   5.004   1.00 95.54  ? 34  MET A CE  1 
ATOM   165 N N   . VAL A 1 35  ? -12.068 10.421  0.756   1.00 88.55  ? 35  VAL A N   1 
ATOM   166 C CA  . VAL A 1 35  ? -12.300 11.865  0.642   1.00 87.92  ? 35  VAL A CA  1 
ATOM   167 C C   . VAL A 1 35  ? -13.679 12.212  1.226   1.00 92.78  ? 35  VAL A C   1 
ATOM   168 O O   . VAL A 1 35  ? -13.794 13.145  2.027   1.00 92.14  ? 35  VAL A O   1 
ATOM   169 C CB  . VAL A 1 35  ? -12.154 12.360  -0.824  1.00 92.00  ? 35  VAL A CB  1 
ATOM   170 C CG1 . VAL A 1 35  ? -12.395 13.865  -0.932  1.00 92.01  ? 35  VAL A CG1 1 
ATOM   171 C CG2 . VAL A 1 35  ? -10.786 12.005  -1.395  1.00 90.88  ? 35  VAL A CG2 1 
ATOM   172 N N   . PHE A 1 36  ? -14.706 11.439  0.834   1.00 90.86  ? 36  PHE A N   1 
ATOM   173 C CA  . PHE A 1 36  ? -16.104 11.627  1.218   1.00 92.57  ? 36  PHE A CA  1 
ATOM   174 C C   . PHE A 1 36  ? -16.446 11.070  2.612   1.00 94.23  ? 36  PHE A C   1 
ATOM   175 O O   . PHE A 1 36  ? -17.478 11.460  3.166   1.00 95.12  ? 36  PHE A O   1 
ATOM   176 C CB  . PHE A 1 36  ? -17.029 10.979  0.169   1.00 96.94  ? 36  PHE A CB  1 
ATOM   177 C CG  . PHE A 1 36  ? -16.839 11.480  -1.246  1.00 99.71  ? 36  PHE A CG  1 
ATOM   178 C CD1 . PHE A 1 36  ? -15.998 10.813  -2.132  1.00 103.03 ? 36  PHE A CD1 1 
ATOM   179 C CD2 . PHE A 1 36  ? -17.506 12.613  -1.698  1.00 103.76 ? 36  PHE A CD2 1 
ATOM   180 C CE1 . PHE A 1 36  ? -15.816 11.281  -3.439  1.00 104.74 ? 36  PHE A CE1 1 
ATOM   181 C CE2 . PHE A 1 36  ? -17.325 13.080  -3.006  1.00 107.26 ? 36  PHE A CE2 1 
ATOM   182 C CZ  . PHE A 1 36  ? -16.482 12.411  -3.868  1.00 104.84 ? 36  PHE A CZ  1 
ATOM   183 N N   . ILE A 1 37  ? -15.610 10.170  3.178   1.00 87.91  ? 37  ILE A N   1 
ATOM   184 C CA  . ILE A 1 37  ? -15.906 9.573   4.491   1.00 87.43  ? 37  ILE A CA  1 
ATOM   185 C C   . ILE A 1 37  ? -15.089 10.201  5.629   1.00 88.17  ? 37  ILE A C   1 
ATOM   186 O O   . ILE A 1 37  ? -15.560 10.193  6.765   1.00 88.18  ? 37  ILE A O   1 
ATOM   187 C CB  . ILE A 1 37  ? -15.782 8.021   4.516   1.00 90.70  ? 37  ILE A CB  1 
ATOM   188 C CG1 . ILE A 1 37  ? -14.341 7.527   4.252   1.00 88.79  ? 37  ILE A CG1 1 
ATOM   189 C CG2 . ILE A 1 37  ? -16.827 7.361   3.594   1.00 93.83  ? 37  ILE A CG2 1 
ATOM   190 C CD1 . ILE A 1 37  ? -14.081 6.100   4.574   1.00 94.77  ? 37  ILE A CD1 1 
ATOM   191 N N   . GLU A 1 38  ? -13.895 10.747  5.337   1.00 82.39  ? 38  GLU A N   1 
ATOM   192 C CA  . GLU A 1 38  ? -13.026 11.338  6.358   1.00 80.64  ? 38  GLU A CA  1 
ATOM   193 C C   . GLU A 1 38  ? -13.051 12.871  6.357   1.00 85.34  ? 38  GLU A C   1 
ATOM   194 O O   . GLU A 1 38  ? -13.041 13.482  5.283   1.00 84.91  ? 38  GLU A O   1 
ATOM   195 C CB  . GLU A 1 38  ? -11.579 10.857  6.187   1.00 79.82  ? 38  GLU A CB  1 
ATOM   196 C CG  . GLU A 1 38  ? -11.341 9.434   6.654   1.00 87.09  ? 38  GLU A CG  1 
ATOM   197 C CD  . GLU A 1 38  ? -11.388 9.192   8.152   1.00 102.20 ? 38  GLU A CD  1 
ATOM   198 O OE1 . GLU A 1 38  ? -11.607 8.025   8.546   1.00 93.11  ? 38  GLU A OE1 1 
ATOM   199 O OE2 . GLU A 1 38  ? -11.157 10.145  8.933   1.00 94.11  ? 38  GLU A OE2 1 
ATOM   200 N N   . PRO A 1 39  ? -13.037 13.511  7.553   1.00 82.77  ? 39  PRO A N   1 
ATOM   201 C CA  . PRO A 1 39  ? -13.009 14.983  7.599   1.00 83.46  ? 39  PRO A CA  1 
ATOM   202 C C   . PRO A 1 39  ? -11.602 15.548  7.331   1.00 86.80  ? 39  PRO A C   1 
ATOM   203 O O   . PRO A 1 39  ? -11.476 16.587  6.672   1.00 86.59  ? 39  PRO A O   1 
ATOM   204 C CB  . PRO A 1 39  ? -13.478 15.308  9.024   1.00 86.56  ? 39  PRO A CB  1 
ATOM   205 C CG  . PRO A 1 39  ? -13.787 13.987  9.681   1.00 91.03  ? 39  PRO A CG  1 
ATOM   206 C CD  . PRO A 1 39  ? -13.052 12.947  8.915   1.00 84.71  ? 39  PRO A CD  1 
ATOM   207 N N   . GLU A 1 40  ? -10.546 14.855  7.834   1.00 82.15  ? 40  GLU A N   1 
ATOM   208 C CA  . GLU A 1 40  ? -9.129  15.215  7.687   1.00 80.41  ? 40  GLU A CA  1 
ATOM   209 C C   . GLU A 1 40  ? -8.662  15.111  6.218   1.00 81.76  ? 40  GLU A C   1 
ATOM   210 O O   . GLU A 1 40  ? -7.667  15.743  5.855   1.00 81.00  ? 40  GLU A O   1 
ATOM   211 C CB  . GLU A 1 40  ? -8.258  14.327  8.592   1.00 81.09  ? 40  GLU A CB  1 
ATOM   212 C CG  . GLU A 1 40  ? -6.982  15.003  9.072   1.00 92.47  ? 40  GLU A CG  1 
ATOM   213 C CD  . GLU A 1 40  ? -6.266  14.352  10.244  1.00 115.69 ? 40  GLU A CD  1 
ATOM   214 O OE1 . GLU A 1 40  ? -5.014  14.400  10.267  1.00 102.94 ? 40  GLU A OE1 1 
ATOM   215 O OE2 . GLU A 1 40  ? -6.949  13.832  11.158  1.00 113.84 ? 40  GLU A OE2 1 
ATOM   216 N N   . ILE A 1 41  ? -9.377  14.312  5.390   1.00 76.98  ? 41  ILE A N   1 
ATOM   217 C CA  . ILE A 1 41  ? -9.104  14.123  3.959   1.00 75.98  ? 41  ILE A CA  1 
ATOM   218 C C   . ILE A 1 41  ? -10.146 14.938  3.181   1.00 80.41  ? 41  ILE A C   1 
ATOM   219 O O   . ILE A 1 41  ? -11.345 14.628  3.218   1.00 80.78  ? 41  ILE A O   1 
ATOM   220 C CB  . ILE A 1 41  ? -9.057  12.623  3.548   1.00 78.56  ? 41  ILE A CB  1 
ATOM   221 C CG1 . ILE A 1 41  ? -7.983  11.870  4.369   1.00 77.97  ? 41  ILE A CG1 1 
ATOM   222 C CG2 . ILE A 1 41  ? -8.787  12.489  2.050   1.00 78.83  ? 41  ILE A CG2 1 
ATOM   223 C CD1 . ILE A 1 41  ? -8.177  10.379  4.577   1.00 83.69  ? 41  ILE A CD1 1 
ATOM   224 N N   . ASN A 1 42  ? -9.682  16.003  2.508   1.00 76.55  ? 42  ASN A N   1 
ATOM   225 C CA  . ASN A 1 42  ? -10.566 16.924  1.806   1.00 77.38  ? 42  ASN A CA  1 
ATOM   226 C C   . ASN A 1 42  ? -10.304 16.997  0.284   1.00 80.84  ? 42  ASN A C   1 
ATOM   227 O O   . ASN A 1 42  ? -10.923 17.823  -0.388  1.00 81.75  ? 42  ASN A O   1 
ATOM   228 C CB  . ASN A 1 42  ? -10.475 18.311  2.448   1.00 79.32  ? 42  ASN A CB  1 
ATOM   229 C CG  . ASN A 1 42  ? -11.008 18.362  3.866   1.00 110.89 ? 42  ASN A CG  1 
ATOM   230 O OD1 . ASN A 1 42  ? -12.185 18.069  4.140   1.00 106.18 ? 42  ASN A OD1 1 
ATOM   231 N ND2 . ASN A 1 42  ? -10.148 18.737  4.803   1.00 105.42 ? 42  ASN A ND2 1 
ATOM   232 N N   . ASN A 1 43  ? -9.438  16.115  -0.263  1.00 76.00  ? 43  ASN A N   1 
ATOM   233 C CA  . ASN A 1 43  ? -9.140  16.036  -1.704  1.00 76.05  ? 43  ASN A CA  1 
ATOM   234 C C   . ASN A 1 43  ? -8.390  14.745  -2.051  1.00 79.15  ? 43  ASN A C   1 
ATOM   235 O O   . ASN A 1 43  ? -7.842  14.091  -1.159  1.00 77.58  ? 43  ASN A O   1 
ATOM   236 C CB  . ASN A 1 43  ? -8.364  17.265  -2.224  1.00 76.11  ? 43  ASN A CB  1 
ATOM   237 C CG  . ASN A 1 43  ? -7.209  17.689  -1.369  1.00 97.05  ? 43  ASN A CG  1 
ATOM   238 O OD1 . ASN A 1 43  ? -7.379  18.291  -0.306  1.00 90.13  ? 43  ASN A OD1 1 
ATOM   239 N ND2 . ASN A 1 43  ? -6.007  17.425  -1.841  1.00 90.86  ? 43  ASN A ND2 1 
ATOM   240 N N   . TYR A 1 44  ? -8.396  14.372  -3.353  1.00 76.60  ? 44  TYR A N   1 
ATOM   241 C CA  . TYR A 1 44  ? -7.724  13.173  -3.849  1.00 76.46  ? 44  TYR A CA  1 
ATOM   242 C C   . TYR A 1 44  ? -6.201  13.276  -3.695  1.00 80.92  ? 44  TYR A C   1 
ATOM   243 O O   . TYR A 1 44  ? -5.642  12.304  -3.191  1.00 79.63  ? 44  TYR A O   1 
ATOM   244 C CB  . TYR A 1 44  ? -8.093  12.843  -5.304  1.00 78.66  ? 44  TYR A CB  1 
ATOM   245 C CG  . TYR A 1 44  ? -7.515  11.522  -5.771  1.00 80.38  ? 44  TYR A CG  1 
ATOM   246 C CD1 . TYR A 1 44  ? -8.201  10.328  -5.566  1.00 83.00  ? 44  TYR A CD1 1 
ATOM   247 C CD2 . TYR A 1 44  ? -6.274  11.463  -6.396  1.00 81.22  ? 44  TYR A CD2 1 
ATOM   248 C CE1 . TYR A 1 44  ? -7.666  9.108   -5.977  1.00 84.82  ? 44  TYR A CE1 1 
ATOM   249 C CE2 . TYR A 1 44  ? -5.727  10.249  -6.804  1.00 82.96  ? 44  TYR A CE2 1 
ATOM   250 C CZ  . TYR A 1 44  ? -6.431  9.074   -6.599  1.00 91.18  ? 44  TYR A CZ  1 
ATOM   251 O OH  . TYR A 1 44  ? -5.903  7.879   -7.017  1.00 93.65  ? 44  TYR A OH  1 
ATOM   252 N N   . PRO A 1 45  ? -5.491  14.372  -4.104  1.00 79.24  ? 45  PRO A N   1 
ATOM   253 C CA  . PRO A 1 45  ? -4.027  14.397  -3.914  1.00 79.21  ? 45  PRO A CA  1 
ATOM   254 C C   . PRO A 1 45  ? -3.630  14.155  -2.450  1.00 83.46  ? 45  PRO A C   1 
ATOM   255 O O   . PRO A 1 45  ? -2.686  13.402  -2.204  1.00 82.60  ? 45  PRO A O   1 
ATOM   256 C CB  . PRO A 1 45  ? -3.627  15.793  -4.404  1.00 81.35  ? 45  PRO A CB  1 
ATOM   257 C CG  . PRO A 1 45  ? -4.698  16.179  -5.353  1.00 86.53  ? 45  PRO A CG  1 
ATOM   258 C CD  . PRO A 1 45  ? -5.950  15.624  -4.749  1.00 81.65  ? 45  PRO A CD  1 
ATOM   259 N N   . ASP A 1 46  ? -4.398  14.724  -1.488  1.00 81.06  ? 46  ASP A N   1 
ATOM   260 C CA  . ASP A 1 46  ? -4.201  14.531  -0.047  1.00 80.78  ? 46  ASP A CA  1 
ATOM   261 C C   . ASP A 1 46  ? -4.393  13.056  0.316   1.00 86.09  ? 46  ASP A C   1 
ATOM   262 O O   . ASP A 1 46  ? -3.571  12.498  1.045   1.00 85.77  ? 46  ASP A O   1 
ATOM   263 C CB  . ASP A 1 46  ? -5.181  15.408  0.766   1.00 82.83  ? 46  ASP A CB  1 
ATOM   264 C CG  . ASP A 1 46  ? -4.683  16.788  1.174   1.00 93.33  ? 46  ASP A CG  1 
ATOM   265 O OD1 . ASP A 1 46  ? -3.545  17.150  0.797   1.00 94.14  ? 46  ASP A OD1 1 
ATOM   266 O OD2 . ASP A 1 46  ? -5.428  17.500  1.882   1.00 99.18  ? 46  ASP A OD2 1 
ATOM   267 N N   . ALA A 1 47  ? -5.467  12.428  -0.225  1.00 83.67  ? 47  ALA A N   1 
ATOM   268 C CA  . ALA A 1 47  ? -5.846  11.024  -0.025  1.00 83.70  ? 47  ALA A CA  1 
ATOM   269 C C   . ALA A 1 47  ? -4.832  10.055  -0.651  1.00 87.34  ? 47  ALA A C   1 
ATOM   270 O O   . ALA A 1 47  ? -4.524  9.025   -0.048  1.00 86.71  ? 47  ALA A O   1 
ATOM   271 C CB  . ALA A 1 47  ? -7.224  10.776  -0.613  1.00 85.55  ? 47  ALA A CB  1 
ATOM   272 N N   . LEU A 1 48  ? -4.330  10.381  -1.862  1.00 84.10  ? 48  LEU A N   1 
ATOM   273 C CA  . LEU A 1 48  ? -3.330  9.601   -2.593  1.00 84.34  ? 48  LEU A CA  1 
ATOM   274 C C   . LEU A 1 48  ? -2.010  9.583   -1.815  1.00 86.74  ? 48  LEU A C   1 
ATOM   275 O O   . LEU A 1 48  ? -1.355  8.540   -1.760  1.00 86.61  ? 48  LEU A O   1 
ATOM   276 C CB  . LEU A 1 48  ? -3.130  10.198  -3.998  1.00 85.61  ? 48  LEU A CB  1 
ATOM   277 C CG  . LEU A 1 48  ? -2.192  9.461   -4.956  1.00 91.84  ? 48  LEU A CG  1 
ATOM   278 C CD1 . LEU A 1 48  ? -2.851  8.223   -5.529  1.00 93.43  ? 48  LEU A CD1 1 
ATOM   279 C CD2 . LEU A 1 48  ? -1.767  10.366  -6.087  1.00 95.62  ? 48  LEU A CD2 1 
ATOM   280 N N   . TRP A 1 49  ? -1.648  10.735  -1.194  1.00 82.04  ? 49  TRP A N   1 
ATOM   281 C CA  . TRP A 1 49  ? -0.451  10.938  -0.367  1.00 81.04  ? 49  TRP A CA  1 
ATOM   282 C C   . TRP A 1 49  ? -0.505  10.040  0.867   1.00 82.97  ? 49  TRP A C   1 
ATOM   283 O O   . TRP A 1 49  ? 0.461   9.321   1.127   1.00 82.88  ? 49  TRP A O   1 
ATOM   284 C CB  . TRP A 1 49  ? -0.320  12.424  0.025   1.00 79.55  ? 49  TRP A CB  1 
ATOM   285 C CG  . TRP A 1 49  ? 0.587   12.727  1.187   1.00 80.17  ? 49  TRP A CG  1 
ATOM   286 C CD1 . TRP A 1 49  ? 0.221   13.264  2.386   1.00 82.47  ? 49  TRP A CD1 1 
ATOM   287 C CD2 . TRP A 1 49  ? 2.013   12.564  1.239   1.00 80.52  ? 49  TRP A CD2 1 
ATOM   288 N NE1 . TRP A 1 49  ? 1.328   13.447  3.182   1.00 81.83  ? 49  TRP A NE1 1 
ATOM   289 C CE2 . TRP A 1 49  ? 2.441   13.019  2.507   1.00 83.88  ? 49  TRP A CE2 1 
ATOM   290 C CE3 . TRP A 1 49  ? 2.974   12.070  0.338   1.00 82.89  ? 49  TRP A CE3 1 
ATOM   291 C CZ2 . TRP A 1 49  ? 3.785   13.002  2.895   1.00 83.71  ? 49  TRP A CZ2 1 
ATOM   292 C CZ3 . TRP A 1 49  ? 4.306   12.057  0.722   1.00 84.92  ? 49  TRP A CZ3 1 
ATOM   293 C CH2 . TRP A 1 49  ? 4.699   12.509  1.990   1.00 84.99  ? 49  TRP A CH2 1 
ATOM   294 N N   . TRP A 1 50  ? -1.645  10.060  1.598   1.00 77.76  ? 50  TRP A N   1 
ATOM   295 C CA  . TRP A 1 50  ? -1.898  9.247   2.787   1.00 76.52  ? 50  TRP A CA  1 
ATOM   296 C C   . TRP A 1 50  ? -1.767  7.753   2.463   1.00 79.94  ? 50  TRP A C   1 
ATOM   297 O O   . TRP A 1 50  ? -1.154  7.024   3.242   1.00 79.49  ? 50  TRP A O   1 
ATOM   298 C CB  . TRP A 1 50  ? -3.293  9.552   3.367   1.00 75.16  ? 50  TRP A CB  1 
ATOM   299 C CG  . TRP A 1 50  ? -3.784  8.500   4.321   1.00 76.52  ? 50  TRP A CG  1 
ATOM   300 C CD1 . TRP A 1 50  ? -3.482  8.392   5.647   1.00 79.21  ? 50  TRP A CD1 1 
ATOM   301 C CD2 . TRP A 1 50  ? -4.591  7.357   3.999   1.00 77.23  ? 50  TRP A CD2 1 
ATOM   302 N NE1 . TRP A 1 50  ? -4.073  7.268   6.179   1.00 79.29  ? 50  TRP A NE1 1 
ATOM   303 C CE2 . TRP A 1 50  ? -4.756  6.611   5.187   1.00 81.42  ? 50  TRP A CE2 1 
ATOM   304 C CE3 . TRP A 1 50  ? -5.204  6.894   2.821   1.00 79.41  ? 50  TRP A CE3 1 
ATOM   305 C CZ2 . TRP A 1 50  ? -5.507  5.431   5.232   1.00 81.62  ? 50  TRP A CZ2 1 
ATOM   306 C CZ3 . TRP A 1 50  ? -5.927  5.713   2.861   1.00 81.85  ? 50  TRP A CZ3 1 
ATOM   307 C CH2 . TRP A 1 50  ? -6.076  4.996   4.054   1.00 82.53  ? 50  TRP A CH2 1 
ATOM   308 N N   . ALA A 1 51  ? -2.347  7.310   1.325   1.00 76.69  ? 51  ALA A N   1 
ATOM   309 C CA  . ALA A 1 51  ? -2.347  5.916   0.863   1.00 77.24  ? 51  ALA A CA  1 
ATOM   310 C C   . ALA A 1 51  ? -0.929  5.370   0.696   1.00 80.63  ? 51  ALA A C   1 
ATOM   311 O O   . ALA A 1 51  ? -0.674  4.245   1.119   1.00 80.44  ? 51  ALA A O   1 
ATOM   312 C CB  . ALA A 1 51  ? -3.116  5.790   -0.443  1.00 79.14  ? 51  ALA A CB  1 
ATOM   313 N N   . ILE A 1 52  ? -0.008  6.177   0.123   1.00 76.72  ? 52  ILE A N   1 
ATOM   314 C CA  . ILE A 1 52  ? 1.395   5.801   -0.073  1.00 77.09  ? 52  ILE A CA  1 
ATOM   315 C C   . ILE A 1 52  ? 2.074   5.725   1.309   1.00 79.46  ? 52  ILE A C   1 
ATOM   316 O O   . ILE A 1 52  ? 2.618   4.677   1.644   1.00 79.45  ? 52  ILE A O   1 
ATOM   317 C CB  . ILE A 1 52  ? 2.130   6.752   -1.066  1.00 80.79  ? 52  ILE A CB  1 
ATOM   318 C CG1 . ILE A 1 52  ? 1.427   6.748   -2.441  1.00 82.80  ? 52  ILE A CG1 1 
ATOM   319 C CG2 . ILE A 1 52  ? 3.608   6.358   -1.222  1.00 82.20  ? 52  ILE A CG2 1 
ATOM   320 C CD1 . ILE A 1 52  ? 1.674   7.978   -3.331  1.00 92.96  ? 52  ILE A CD1 1 
ATOM   321 N N   . VAL A 1 53  ? 1.960   6.805   2.126   1.00 74.42  ? 53  VAL A N   1 
ATOM   322 C CA  . VAL A 1 53  ? 2.495   6.951   3.495   1.00 73.33  ? 53  VAL A CA  1 
ATOM   323 C C   . VAL A 1 53  ? 2.118   5.710   4.360   1.00 76.70  ? 53  VAL A C   1 
ATOM   324 O O   . VAL A 1 53  ? 2.936   5.247   5.163   1.00 76.22  ? 53  VAL A O   1 
ATOM   325 C CB  . VAL A 1 53  ? 1.996   8.300   4.113   1.00 76.13  ? 53  VAL A CB  1 
ATOM   326 C CG1 . VAL A 1 53  ? 2.110   8.336   5.634   1.00 75.33  ? 53  VAL A CG1 1 
ATOM   327 C CG2 . VAL A 1 53  ? 2.732   9.487   3.504   1.00 76.21  ? 53  VAL A CG2 1 
ATOM   328 N N   . THR A 1 54  ? 0.910   5.152   4.129   1.00 72.93  ? 54  THR A N   1 
ATOM   329 C CA  . THR A 1 54  ? 0.361   3.980   4.813   1.00 72.93  ? 54  THR A CA  1 
ATOM   330 C C   . THR A 1 54  ? 0.859   2.664   4.156   1.00 79.14  ? 54  THR A C   1 
ATOM   331 O O   . THR A 1 54  ? 1.324   1.773   4.871   1.00 79.19  ? 54  THR A O   1 
ATOM   332 C CB  . THR A 1 54  ? -1.176  4.076   4.823   1.00 77.05  ? 54  THR A CB  1 
ATOM   333 O OG1 . THR A 1 54  ? -1.555  5.373   5.289   1.00 72.51  ? 54  THR A OG1 1 
ATOM   334 C CG2 . THR A 1 54  ? -1.832  3.007   5.685   1.00 75.59  ? 54  THR A CG2 1 
ATOM   335 N N   . ALA A 1 55  ? 0.765   2.549   2.813   1.00 77.35  ? 55  ALA A N   1 
ATOM   336 C CA  . ALA A 1 55  ? 1.181   1.359   2.056   1.00 79.36  ? 55  ALA A CA  1 
ATOM   337 C C   . ALA A 1 55  ? 2.704   1.131   2.086   1.00 84.54  ? 55  ALA A C   1 
ATOM   338 O O   . ALA A 1 55  ? 3.155   0.012   1.848   1.00 85.74  ? 55  ALA A O   1 
ATOM   339 C CB  . ALA A 1 55  ? 0.706   1.467   0.619   1.00 81.24  ? 55  ALA A CB  1 
ATOM   340 N N   . THR A 1 56  ? 3.489   2.183   2.368   1.00 80.70  ? 56  THR A N   1 
ATOM   341 C CA  . THR A 1 56  ? 4.951   2.091   2.467   1.00 81.67  ? 56  THR A CA  1 
ATOM   342 C C   . THR A 1 56  ? 5.373   1.842   3.928   1.00 84.87  ? 56  THR A C   1 
ATOM   343 O O   . THR A 1 56  ? 6.570   1.722   4.212   1.00 85.35  ? 56  THR A O   1 
ATOM   344 C CB  . THR A 1 56  ? 5.623   3.344   1.890   1.00 90.93  ? 56  THR A CB  1 
ATOM   345 O OG1 . THR A 1 56  ? 5.054   4.507   2.493   1.00 88.68  ? 56  THR A OG1 1 
ATOM   346 C CG2 . THR A 1 56  ? 5.517   3.423   0.373   1.00 91.52  ? 56  THR A CG2 1 
ATOM   347 N N   . THR A 1 57  ? 4.376   1.744   4.845   1.00 80.02  ? 57  THR A N   1 
ATOM   348 C CA  . THR A 1 57  ? 4.504   1.520   6.295   1.00 79.19  ? 57  THR A CA  1 
ATOM   349 C C   . THR A 1 57  ? 5.403   2.600   6.937   1.00 80.91  ? 57  THR A C   1 
ATOM   350 O O   . THR A 1 57  ? 6.155   2.316   7.872   1.00 80.38  ? 57  THR A O   1 
ATOM   351 C CB  . THR A 1 57  ? 4.972   0.080   6.627   1.00 91.85  ? 57  THR A CB  1 
ATOM   352 O OG1 . THR A 1 57  ? 6.287   -0.136  6.109   1.00 93.72  ? 57  THR A OG1 1 
ATOM   353 C CG2 . THR A 1 57  ? 3.995   -0.995  6.134   1.00 91.72  ? 57  THR A CG2 1 
ATOM   354 N N   . VAL A 1 58  ? 5.302   3.842   6.435   1.00 76.43  ? 58  VAL A N   1 
ATOM   355 C CA  . VAL A 1 58  ? 6.068   4.982   6.934   1.00 75.88  ? 58  VAL A CA  1 
ATOM   356 C C   . VAL A 1 58  ? 5.250   5.634   8.057   1.00 78.88  ? 58  VAL A C   1 
ATOM   357 O O   . VAL A 1 58  ? 5.757   5.766   9.171   1.00 78.65  ? 58  VAL A O   1 
ATOM   358 C CB  . VAL A 1 58  ? 6.474   5.960   5.794   1.00 79.88  ? 58  VAL A CB  1 
ATOM   359 C CG1 . VAL A 1 58  ? 7.055   7.262   6.343   1.00 79.42  ? 58  VAL A CG1 1 
ATOM   360 C CG2 . VAL A 1 58  ? 7.469   5.296   4.845   1.00 81.22  ? 58  VAL A CG2 1 
ATOM   361 N N   . GLY A 1 59  ? 3.999   5.987   7.762   1.00 74.97  ? 59  GLY A N   1 
ATOM   362 C CA  . GLY A 1 59  ? 3.052   6.562   8.712   1.00 74.35  ? 59  GLY A CA  1 
ATOM   363 C C   . GLY A 1 59  ? 3.514   7.804   9.442   1.00 78.71  ? 59  GLY A C   1 
ATOM   364 O O   . GLY A 1 59  ? 3.891   7.725   10.613  1.00 78.69  ? 59  GLY A O   1 
ATOM   365 N N   . TYR A 1 60  ? 3.472   8.955   8.758   1.00 75.67  ? 60  TYR A N   1 
ATOM   366 C CA  . TYR A 1 60  ? 3.861   10.252  9.316   1.00 76.05  ? 60  TYR A CA  1 
ATOM   367 C C   . TYR A 1 60  ? 2.897   10.722  10.411  1.00 80.00  ? 60  TYR A C   1 
ATOM   368 O O   . TYR A 1 60  ? 3.321   11.372  11.365  1.00 79.87  ? 60  TYR A O   1 
ATOM   369 C CB  . TYR A 1 60  ? 3.906   11.322  8.214   1.00 77.56  ? 60  TYR A CB  1 
ATOM   370 C CG  . TYR A 1 60  ? 5.142   11.375  7.338   1.00 80.26  ? 60  TYR A CG  1 
ATOM   371 C CD1 . TYR A 1 60  ? 5.067   11.824  6.025   1.00 82.65  ? 60  TYR A CD1 1 
ATOM   372 C CD2 . TYR A 1 60  ? 6.401   11.070  7.852   1.00 81.85  ? 60  TYR A CD2 1 
ATOM   373 C CE1 . TYR A 1 60  ? 6.205   11.930  5.228   1.00 84.85  ? 60  TYR A CE1 1 
ATOM   374 C CE2 . TYR A 1 60  ? 7.544   11.152  7.058   1.00 83.93  ? 60  TYR A CE2 1 
ATOM   375 C CZ  . TYR A 1 60  ? 7.441   11.584  5.744   1.00 92.74  ? 60  TYR A CZ  1 
ATOM   376 O OH  . TYR A 1 60  ? 8.559   11.688  4.948   1.00 95.29  ? 60  TYR A OH  1 
ATOM   377 N N   . GLY A 1 61  ? 1.611   10.430  10.230  1.00 76.77  ? 61  GLY A N   1 
ATOM   378 C CA  . GLY A 1 61  ? 0.560   10.833  11.155  1.00 77.33  ? 61  GLY A CA  1 
ATOM   379 C C   . GLY A 1 61  ? -0.049  12.189  10.852  1.00 82.47  ? 61  GLY A C   1 
ATOM   380 O O   . GLY A 1 61  ? -0.943  12.639  11.574  1.00 82.92  ? 61  GLY A O   1 
ATOM   381 N N   . ASP A 1 62  ? 0.423   12.846  9.775   1.00 79.40  ? 62  ASP A N   1 
ATOM   382 C CA  . ASP A 1 62  ? -0.063  14.154  9.326   1.00 79.75  ? 62  ASP A CA  1 
ATOM   383 C C   . ASP A 1 62  ? -1.536  14.064  8.879   1.00 84.58  ? 62  ASP A C   1 
ATOM   384 O O   . ASP A 1 62  ? -2.287  15.031  9.029   1.00 85.11  ? 62  ASP A O   1 
ATOM   385 C CB  . ASP A 1 62  ? 0.835   14.724  8.203   1.00 81.32  ? 62  ASP A CB  1 
ATOM   386 C CG  . ASP A 1 62  ? 1.019   13.863  6.958   1.00 89.15  ? 62  ASP A CG  1 
ATOM   387 O OD1 . ASP A 1 62  ? 1.090   12.619  7.094   1.00 88.29  ? 62  ASP A OD1 1 
ATOM   388 O OD2 . ASP A 1 62  ? 1.155   14.438  5.855   1.00 96.56  ? 62  ASP A OD2 1 
ATOM   389 N N   . ILE A 1 63  ? -1.939  12.888  8.356   1.00 80.71  ? 63  ILE A N   1 
ATOM   390 C CA  . ILE A 1 63  ? -3.298  12.567  7.918   1.00 80.56  ? 63  ILE A CA  1 
ATOM   391 C C   . ILE A 1 63  ? -3.658  11.227  8.579   1.00 83.61  ? 63  ILE A C   1 
ATOM   392 O O   . ILE A 1 63  ? -3.009  10.216  8.304   1.00 82.50  ? 63  ILE A O   1 
ATOM   393 C CB  . ILE A 1 63  ? -3.412  12.556  6.359   1.00 83.66  ? 63  ILE A CB  1 
ATOM   394 C CG1 . ILE A 1 63  ? -3.162  13.962  5.766   1.00 84.24  ? 63  ILE A CG1 1 
ATOM   395 C CG2 . ILE A 1 63  ? -4.772  12.019  5.905   1.00 84.99  ? 63  ILE A CG2 1 
ATOM   396 C CD1 . ILE A 1 63  ? -2.569  13.974  4.388   1.00 91.04  ? 63  ILE A CD1 1 
ATOM   397 N N   . VAL A 1 64  ? -4.639  11.238  9.500   1.00 80.94  ? 64  VAL A N   1 
ATOM   398 C CA  . VAL A 1 64  ? -5.036  10.033  10.245  1.00 81.11  ? 64  VAL A CA  1 
ATOM   399 C C   . VAL A 1 64  ? -6.560  9.766   10.150  1.00 85.91  ? 64  VAL A C   1 
ATOM   400 O O   . VAL A 1 64  ? -7.365  10.676  10.388  1.00 86.01  ? 64  VAL A O   1 
ATOM   401 C CB  . VAL A 1 64  ? -4.556  10.020  11.732  1.00 85.10  ? 64  VAL A CB  1 
ATOM   402 C CG1 . VAL A 1 64  ? -3.048  9.828   11.824  1.00 84.13  ? 64  VAL A CG1 1 
ATOM   403 C CG2 . VAL A 1 64  ? -4.994  11.268  12.506  1.00 85.81  ? 64  VAL A CG2 1 
ATOM   404 N N   . PRO A 1 65  ? -6.966  8.513   9.825   1.00 82.84  ? 65  PRO A N   1 
ATOM   405 C CA  . PRO A 1 65  ? -8.403  8.202   9.749   1.00 83.72  ? 65  PRO A CA  1 
ATOM   406 C C   . PRO A 1 65  ? -9.054  8.189   11.136  1.00 88.47  ? 65  PRO A C   1 
ATOM   407 O O   . PRO A 1 65  ? -8.456  7.695   12.101  1.00 87.95  ? 65  PRO A O   1 
ATOM   408 C CB  . PRO A 1 65  ? -8.442  6.815   9.089   1.00 85.65  ? 65  PRO A CB  1 
ATOM   409 C CG  . PRO A 1 65  ? -7.049  6.561   8.588   1.00 89.13  ? 65  PRO A CG  1 
ATOM   410 C CD  . PRO A 1 65  ? -6.155  7.324   9.505   1.00 84.09  ? 65  PRO A CD  1 
ATOM   411 N N   . VAL A 1 66  ? -10.275 8.758   11.229  1.00 85.64  ? 66  VAL A N   1 
ATOM   412 C CA  . VAL A 1 66  ? -11.043 8.880   12.474  1.00 86.53  ? 66  VAL A CA  1 
ATOM   413 C C   . VAL A 1 66  ? -12.237 7.900   12.464  1.00 90.26  ? 66  VAL A C   1 
ATOM   414 O O   . VAL A 1 66  ? -12.433 7.169   13.441  1.00 90.45  ? 66  VAL A O   1 
ATOM   415 C CB  . VAL A 1 66  ? -11.511 10.349  12.724  1.00 91.37  ? 66  VAL A CB  1 
ATOM   416 C CG1 . VAL A 1 66  ? -12.174 10.499  14.093  1.00 93.37  ? 66  VAL A CG1 1 
ATOM   417 C CG2 . VAL A 1 66  ? -10.357 11.339  12.580  1.00 89.88  ? 66  VAL A CG2 1 
ATOM   418 N N   . THR A 1 67  ? -13.024 7.901   11.362  1.00 86.30  ? 67  THR A N   1 
ATOM   419 C CA  . THR A 1 67  ? -14.232 7.086   11.164  1.00 87.16  ? 67  THR A CA  1 
ATOM   420 C C   . THR A 1 67  ? -13.916 5.573   11.157  1.00 89.62  ? 67  THR A C   1 
ATOM   421 O O   . THR A 1 67  ? -12.802 5.198   10.778  1.00 87.26  ? 67  THR A O   1 
ATOM   422 C CB  . THR A 1 67  ? -14.951 7.495   9.864   1.00 93.71  ? 67  THR A CB  1 
ATOM   423 O OG1 . THR A 1 67  ? -14.138 7.180   8.735   1.00 89.83  ? 67  THR A OG1 1 
ATOM   424 C CG2 . THR A 1 67  ? -15.356 8.965   9.851   1.00 92.84  ? 67  THR A CG2 1 
ATOM   425 N N   . PRO A 1 68  ? -14.876 4.694   11.557  1.00 87.50  ? 68  PRO A N   1 
ATOM   426 C CA  . PRO A 1 68  ? -14.590 3.245   11.559  1.00 87.44  ? 68  PRO A CA  1 
ATOM   427 C C   . PRO A 1 68  ? -14.226 2.708   10.172  1.00 90.06  ? 68  PRO A C   1 
ATOM   428 O O   . PRO A 1 68  ? -13.177 2.079   10.037  1.00 88.23  ? 68  PRO A O   1 
ATOM   429 C CB  . PRO A 1 68  ? -15.890 2.622   12.084  1.00 91.95  ? 68  PRO A CB  1 
ATOM   430 C CG  . PRO A 1 68  ? -16.938 3.658   11.866  1.00 97.55  ? 68  PRO A CG  1 
ATOM   431 C CD  . PRO A 1 68  ? -16.242 4.965   12.050  1.00 91.33  ? 68  PRO A CD  1 
ATOM   432 N N   . ILE A 1 69  ? -15.052 3.016   9.140   1.00 87.16  ? 69  ILE A N   1 
ATOM   433 C CA  . ILE A 1 69  ? -14.868 2.607   7.738   1.00 86.42  ? 69  ILE A CA  1 
ATOM   434 C C   . ILE A 1 69  ? -13.482 3.066   7.245   1.00 86.78  ? 69  ILE A C   1 
ATOM   435 O O   . ILE A 1 69  ? -12.762 2.266   6.647   1.00 85.96  ? 69  ILE A O   1 
ATOM   436 C CB  . ILE A 1 69  ? -16.031 3.131   6.839   1.00 90.88  ? 69  ILE A CB  1 
ATOM   437 C CG1 . ILE A 1 69  ? -17.401 2.592   7.328   1.00 93.98  ? 69  ILE A CG1 1 
ATOM   438 C CG2 . ILE A 1 69  ? -15.809 2.773   5.358   1.00 91.73  ? 69  ILE A CG2 1 
ATOM   439 C CD1 . ILE A 1 69  ? -18.525 3.619   7.357   1.00 102.12 ? 69  ILE A CD1 1 
ATOM   440 N N   . GLY A 1 70  ? -13.118 4.312   7.562   1.00 81.34  ? 70  GLY A N   1 
ATOM   441 C CA  . GLY A 1 70  ? -11.826 4.906   7.226   1.00 78.84  ? 70  GLY A CA  1 
ATOM   442 C C   . GLY A 1 70  ? -10.656 4.219   7.901   1.00 81.12  ? 70  GLY A C   1 
ATOM   443 O O   . GLY A 1 70  ? -9.573  4.133   7.317   1.00 79.33  ? 70  GLY A O   1 
ATOM   444 N N   . ARG A 1 71  ? -10.876 3.718   9.141   1.00 77.97  ? 71  ARG A N   1 
ATOM   445 C CA  . ARG A 1 71  ? -9.889  2.985   9.941   1.00 76.82  ? 71  ARG A CA  1 
ATOM   446 C C   . ARG A 1 71  ? -9.844  1.508   9.516   1.00 81.45  ? 71  ARG A C   1 
ATOM   447 O O   . ARG A 1 71  ? -8.824  0.850   9.720   1.00 80.00  ? 71  ARG A O   1 
ATOM   448 C CB  . ARG A 1 71  ? -10.192 3.119   11.441  1.00 76.18  ? 71  ARG A CB  1 
ATOM   449 C CG  . ARG A 1 71  ? -9.772  4.468   12.011  1.00 82.80  ? 71  ARG A CG  1 
ATOM   450 C CD  . ARG A 1 71  ? -10.050 4.579   13.496  1.00 91.66  ? 71  ARG A CD  1 
ATOM   451 N NE  . ARG A 1 71  ? -9.546  5.838   14.049  1.00 98.15  ? 71  ARG A NE  1 
ATOM   452 C CZ  . ARG A 1 71  ? -9.585  6.168   15.337  1.00 109.81 ? 71  ARG A CZ  1 
ATOM   453 N NH1 . ARG A 1 71  ? -10.105 5.332   16.228  1.00 95.81  ? 71  ARG A NH1 1 
ATOM   454 N NH2 . ARG A 1 71  ? -9.097  7.332   15.745  1.00 95.63  ? 71  ARG A NH2 1 
ATOM   455 N N   . ILE A 1 72  ? -10.946 1.003   8.902   1.00 80.09  ? 72  ILE A N   1 
ATOM   456 C CA  . ILE A 1 72  ? -11.075 -0.360  8.369   1.00 81.47  ? 72  ILE A CA  1 
ATOM   457 C C   . ILE A 1 72  ? -10.323 -0.427  7.026   1.00 85.90  ? 72  ILE A C   1 
ATOM   458 O O   . ILE A 1 72  ? -9.548  -1.364  6.810   1.00 85.90  ? 72  ILE A O   1 
ATOM   459 C CB  . ILE A 1 72  ? -12.568 -0.783  8.269   1.00 86.48  ? 72  ILE A CB  1 
ATOM   460 C CG1 . ILE A 1 72  ? -13.052 -1.301  9.639   1.00 88.31  ? 72  ILE A CG1 1 
ATOM   461 C CG2 . ILE A 1 72  ? -12.802 -1.846  7.183   1.00 88.36  ? 72  ILE A CG2 1 
ATOM   462 C CD1 . ILE A 1 72  ? -14.464 -0.961  10.010  1.00 97.33  ? 72  ILE A CD1 1 
ATOM   463 N N   . LEU A 1 73  ? -10.533 0.586   6.150   1.00 82.28  ? 73  LEU A N   1 
ATOM   464 C CA  . LEU A 1 73  ? -9.861  0.726   4.853   1.00 81.75  ? 73  LEU A CA  1 
ATOM   465 C C   . LEU A 1 73  ? -8.356  0.943   5.041   1.00 84.71  ? 73  LEU A C   1 
ATOM   466 O O   . LEU A 1 73  ? -7.564  0.453   4.233   1.00 84.51  ? 73  LEU A O   1 
ATOM   467 C CB  . LEU A 1 73  ? -10.460 1.891   4.051   1.00 81.40  ? 73  LEU A CB  1 
ATOM   468 C CG  . LEU A 1 73  ? -11.839 1.670   3.442   1.00 88.00  ? 73  LEU A CG  1 
ATOM   469 C CD1 . LEU A 1 73  ? -12.505 2.987   3.141   1.00 87.74  ? 73  LEU A CD1 1 
ATOM   470 C CD2 . LEU A 1 73  ? -11.762 0.823   2.181   1.00 92.24  ? 73  LEU A CD2 1 
ATOM   471 N N   . ALA A 1 74  ? -7.971  1.669   6.115   1.00 80.46  ? 74  ALA A N   1 
ATOM   472 C CA  . ALA A 1 74  ? -6.581  1.941   6.479   1.00 79.42  ? 74  ALA A CA  1 
ATOM   473 C C   . ALA A 1 74  ? -5.875  0.651   6.878   1.00 85.86  ? 74  ALA A C   1 
ATOM   474 O O   . ALA A 1 74  ? -4.713  0.466   6.519   1.00 85.01  ? 74  ALA A O   1 
ATOM   475 C CB  . ALA A 1 74  ? -6.525  2.940   7.621   1.00 79.08  ? 74  ALA A CB  1 
ATOM   476 N N   . SER A 1 75  ? -6.593  -0.245  7.607   1.00 85.15  ? 75  SER A N   1 
ATOM   477 C CA  . SER A 1 75  ? -6.106  -1.550  8.073   1.00 86.46  ? 75  SER A CA  1 
ATOM   478 C C   . SER A 1 75  ? -5.736  -2.445  6.889   1.00 92.82  ? 75  SER A C   1 
ATOM   479 O O   . SER A 1 75  ? -4.700  -3.115  6.928   1.00 92.92  ? 75  SER A O   1 
ATOM   480 C CB  . SER A 1 75  ? -7.156  -2.238  8.940   1.00 90.95  ? 75  SER A CB  1 
ATOM   481 O OG  . SER A 1 75  ? -7.548  -1.409  10.020  1.00 98.44  ? 75  SER A OG  1 
ATOM   482 N N   . ILE A 1 76  ? -6.576  -2.428  5.829   1.00 90.67  ? 76  ILE A N   1 
ATOM   483 C CA  . ILE A 1 76  ? -6.383  -3.178  4.585   1.00 92.12  ? 76  ILE A CA  1 
ATOM   484 C C   . ILE A 1 76  ? -5.097  -2.684  3.918   1.00 95.43  ? 76  ILE A C   1 
ATOM   485 O O   . ILE A 1 76  ? -4.255  -3.501  3.553   1.00 95.72  ? 76  ILE A O   1 
ATOM   486 C CB  . ILE A 1 76  ? -7.633  -3.037  3.661   1.00 96.35  ? 76  ILE A CB  1 
ATOM   487 C CG1 . ILE A 1 76  ? -8.895  -3.638  4.333   1.00 98.08  ? 76  ILE A CG1 1 
ATOM   488 C CG2 . ILE A 1 76  ? -7.391  -3.659  2.275   1.00 98.74  ? 76  ILE A CG2 1 
ATOM   489 C CD1 . ILE A 1 76  ? -10.225 -2.987  3.922   1.00 104.35 ? 76  ILE A CD1 1 
ATOM   490 N N   . MET A 1 77  ? -4.933  -1.344  3.831   1.00 91.42  ? 77  MET A N   1 
ATOM   491 C CA  . MET A 1 77  ? -3.780  -0.653  3.244   1.00 91.09  ? 77  MET A CA  1 
ATOM   492 C C   . MET A 1 77  ? -2.477  -0.988  3.997   1.00 95.17  ? 77  MET A C   1 
ATOM   493 O O   . MET A 1 77  ? -1.421  -1.089  3.370   1.00 95.54  ? 77  MET A O   1 
ATOM   494 C CB  . MET A 1 77  ? -4.023  0.868   3.226   1.00 92.01  ? 77  MET A CB  1 
ATOM   495 C CG  . MET A 1 77  ? -3.081  1.637   2.316   1.00 95.78  ? 77  MET A CG  1 
ATOM   496 S SD  . MET A 1 77  ? -3.170  1.141   0.576   1.00 102.60 ? 77  MET A SD  1 
ATOM   497 C CE  . MET A 1 77  ? -4.430  2.229   0.003   1.00 98.95  ? 77  MET A CE  1 
ATOM   498 N N   . MET A 1 78  ? -2.563  -1.171  5.326   1.00 91.02  ? 78  MET A N   1 
ATOM   499 C CA  . MET A 1 78  ? -1.430  -1.545  6.171   1.00 90.55  ? 78  MET A CA  1 
ATOM   500 C C   . MET A 1 78  ? -1.065  -3.006  5.929   1.00 96.40  ? 78  MET A C   1 
ATOM   501 O O   . MET A 1 78  ? 0.118   -3.315  5.782   1.00 96.21  ? 78  MET A O   1 
ATOM   502 C CB  . MET A 1 78  ? -1.752  -1.304  7.649   1.00 92.07  ? 78  MET A CB  1 
ATOM   503 C CG  . MET A 1 78  ? -1.789  0.149   8.010   1.00 94.11  ? 78  MET A CG  1 
ATOM   504 S SD  . MET A 1 78  ? -2.532  0.456   9.618   1.00 98.01  ? 78  MET A SD  1 
ATOM   505 C CE  . MET A 1 78  ? -2.471  2.205   9.648   1.00 93.20  ? 78  MET A CE  1 
ATOM   506 N N   . LEU A 1 79  ? -2.088  -3.894  5.857   1.00 94.91  ? 79  LEU A N   1 
ATOM   507 C CA  . LEU A 1 79  ? -1.943  -5.330  5.596   1.00 97.36  ? 79  LEU A CA  1 
ATOM   508 C C   . LEU A 1 79  ? -1.349  -5.569  4.205   1.00 103.65 ? 79  LEU A C   1 
ATOM   509 O O   . LEU A 1 79  ? -0.573  -6.508  4.032   1.00 105.20 ? 79  LEU A O   1 
ATOM   510 C CB  . LEU A 1 79  ? -3.288  -6.045  5.733   1.00 98.78  ? 79  LEU A CB  1 
ATOM   511 N N   . PHE A 1 80  ? -1.701  -4.712  3.224   1.00 100.18 ? 80  PHE A N   1 
ATOM   512 C CA  . PHE A 1 80  ? -1.149  -4.767  1.868   1.00 101.68 ? 80  PHE A CA  1 
ATOM   513 C C   . PHE A 1 80  ? 0.233   -4.106  1.848   1.00 105.15 ? 80  PHE A C   1 
ATOM   514 O O   . PHE A 1 80  ? 1.073   -4.462  1.020   1.00 106.45 ? 80  PHE A O   1 
ATOM   515 C CB  . PHE A 1 80  ? -2.088  -4.099  0.850   1.00 103.57 ? 80  PHE A CB  1 
ATOM   516 C CG  . PHE A 1 80  ? -3.101  -5.039  0.236   1.00 107.73 ? 80  PHE A CG  1 
ATOM   517 C CD1 . PHE A 1 80  ? -2.766  -5.832  -0.856  1.00 113.63 ? 80  PHE A CD1 1 
ATOM   518 C CD2 . PHE A 1 80  ? -4.389  -5.131  0.748   1.00 109.80 ? 80  PHE A CD2 1 
ATOM   519 C CE1 . PHE A 1 80  ? -3.699  -6.712  -1.413  1.00 117.11 ? 80  PHE A CE1 1 
ATOM   520 C CE2 . PHE A 1 80  ? -5.323  -6.005  0.185   1.00 115.05 ? 80  PHE A CE2 1 
ATOM   521 C CZ  . PHE A 1 80  ? -4.972  -6.790  -0.891  1.00 115.85 ? 80  PHE A CZ  1 
ATOM   522 N N   . GLY A 1 81  ? 0.444   -3.162  2.768   1.00 99.63  ? 81  GLY A N   1 
ATOM   523 C CA  . GLY A 1 81  ? 1.696   -2.433  2.931   1.00 98.55  ? 81  GLY A CA  1 
ATOM   524 C C   . GLY A 1 81  ? 2.844   -3.323  3.351   1.00 104.11 ? 81  GLY A C   1 
ATOM   525 O O   . GLY A 1 81  ? 3.933   -3.239  2.778   1.00 104.47 ? 81  GLY A O   1 
ATOM   526 N N   . ILE A 1 82  ? 2.593   -4.201  4.344   1.00 101.53 ? 82  ILE A N   1 
ATOM   527 C CA  . ILE A 1 82  ? 3.578   -5.163  4.850   1.00 103.05 ? 82  ILE A CA  1 
ATOM   528 C C   . ILE A 1 82  ? 3.792   -6.271  3.803   1.00 110.19 ? 82  ILE A C   1 
ATOM   529 O O   . ILE A 1 82  ? 4.909   -6.770  3.663   1.00 111.50 ? 82  ILE A O   1 
ATOM   530 C CB  . ILE A 1 82  ? 3.221   -5.736  6.259   1.00 105.94 ? 82  ILE A CB  1 
ATOM   531 C CG1 . ILE A 1 82  ? 1.851   -6.444  6.303   1.00 107.44 ? 82  ILE A CG1 1 
ATOM   532 C CG2 . ILE A 1 82  ? 3.314   -4.664  7.344   1.00 104.10 ? 82  ILE A CG2 1 
ATOM   533 C CD1 . ILE A 1 82  ? 1.900   -7.967  6.107   1.00 120.30 ? 82  ILE A CD1 1 
ATOM   534 N N   . ALA A 1 83  ? 2.723   -6.635  3.061   1.00 107.95 ? 83  ALA A N   1 
ATOM   535 C CA  . ALA A 1 83  ? 2.751   -7.647  2.004   1.00 111.05 ? 83  ALA A CA  1 
ATOM   536 C C   . ALA A 1 83  ? 3.588   -7.160  0.830   1.00 116.27 ? 83  ALA A C   1 
ATOM   537 O O   . ALA A 1 83  ? 4.213   -7.970  0.146   1.00 118.57 ? 83  ALA A O   1 
ATOM   538 C CB  . ALA A 1 83  ? 1.337   -7.966  1.547   1.00 112.45 ? 83  ALA A CB  1 
ATOM   539 N N   . PHE A 1 84  ? 3.611   -5.832  0.617   1.00 111.36 ? 84  PHE A N   1 
ATOM   540 C CA  . PHE A 1 84  ? 4.382   -5.170  -0.429  1.00 112.34 ? 84  PHE A CA  1 
ATOM   541 C C   . PHE A 1 84  ? 5.874   -5.305  -0.143  1.00 117.75 ? 84  PHE A C   1 
ATOM   542 O O   . PHE A 1 84  ? 6.633   -5.619  -1.059  1.00 119.59 ? 84  PHE A O   1 
ATOM   543 C CB  . PHE A 1 84  ? 3.968   -3.694  -0.544  1.00 111.65 ? 84  PHE A CB  1 
ATOM   544 C CG  . PHE A 1 84  ? 4.847   -2.818  -1.406  1.00 113.68 ? 84  PHE A CG  1 
ATOM   545 C CD1 . PHE A 1 84  ? 4.956   -3.044  -2.775  1.00 119.38 ? 84  PHE A CD1 1 
ATOM   546 C CD2 . PHE A 1 84  ? 5.529   -1.740  -0.859  1.00 113.94 ? 84  PHE A CD2 1 
ATOM   547 C CE1 . PHE A 1 84  ? 5.760   -2.228  -3.573  1.00 120.92 ? 84  PHE A CE1 1 
ATOM   548 C CE2 . PHE A 1 84  ? 6.321   -0.915  -1.660  1.00 117.45 ? 84  PHE A CE2 1 
ATOM   549 C CZ  . PHE A 1 84  ? 6.440   -1.169  -3.010  1.00 118.08 ? 84  PHE A CZ  1 
ATOM   550 N N   . ILE A 1 85  ? 6.286   -5.102  1.127   1.00 113.56 ? 85  ILE A N   1 
ATOM   551 C CA  . ILE A 1 85  ? 7.684   -5.230  1.560   1.00 114.83 ? 85  ILE A CA  1 
ATOM   552 C C   . ILE A 1 85  ? 8.127   -6.688  1.357   1.00 122.77 ? 85  ILE A C   1 
ATOM   553 O O   . ILE A 1 85  ? 9.191   -6.923  0.787   1.00 124.82 ? 85  ILE A O   1 
ATOM   554 C CB  . ILE A 1 85  ? 7.915   -4.738  3.025   1.00 115.75 ? 85  ILE A CB  1 
ATOM   555 C CG1 . ILE A 1 85  ? 7.287   -3.344  3.266   1.00 113.22 ? 85  ILE A CG1 1 
ATOM   556 C CG2 . ILE A 1 85  ? 9.417   -4.733  3.379   1.00 117.59 ? 85  ILE A CG2 1 
ATOM   557 C CD1 . ILE A 1 85  ? 6.809   -3.103  4.677   1.00 118.06 ? 85  ILE A CD1 1 
ATOM   558 N N   . GLY A 1 86  ? 7.274   -7.633  1.769   1.00 120.14 ? 86  GLY A N   1 
ATOM   559 C CA  . GLY A 1 86  ? 7.499   -9.067  1.628   1.00 123.39 ? 86  GLY A CA  1 
ATOM   560 C C   . GLY A 1 86  ? 7.642   -9.508  0.185   1.00 130.56 ? 86  GLY A C   1 
ATOM   561 O O   . GLY A 1 86  ? 8.432   -10.408 -0.109  1.00 133.16 ? 86  GLY A O   1 
ATOM   562 N N   . MET A 1 87  ? 6.893   -8.853  -0.725  1.00 126.93 ? 87  MET A N   1 
ATOM   563 C CA  . MET A 1 87  ? 6.927   -9.118  -2.163  1.00 130.10 ? 87  MET A CA  1 
ATOM   564 C C   . MET A 1 87  ? 8.213   -8.551  -2.780  1.00 134.91 ? 87  MET A C   1 
ATOM   565 O O   . MET A 1 87  ? 8.790   -9.180  -3.668  1.00 138.18 ? 87  MET A O   1 
ATOM   566 C CB  . MET A 1 87  ? 5.686   -8.519  -2.851  1.00 131.47 ? 87  MET A CB  1 
ATOM   567 C CG  . MET A 1 87  ? 5.290   -9.241  -4.128  1.00 139.14 ? 87  MET A CG  1 
ATOM   568 S SD  . MET A 1 87  ? 4.279   -10.713 -3.831  1.00 145.95 ? 87  MET A SD  1 
ATOM   569 C CE  . MET A 1 87  ? 4.509   -11.576 -5.367  1.00 148.12 ? 87  MET A CE  1 
ATOM   570 N N   . ILE A 1 88  ? 8.655   -7.369  -2.304  1.00 128.53 ? 88  ILE A N   1 
ATOM   571 C CA  . ILE A 1 88  ? 9.865   -6.690  -2.772  1.00 129.27 ? 88  ILE A CA  1 
ATOM   572 C C   . ILE A 1 88  ? 11.109  -7.450  -2.274  1.00 135.77 ? 88  ILE A C   1 
ATOM   573 O O   . ILE A 1 88  ? 12.001  -7.719  -3.078  1.00 138.68 ? 88  ILE A O   1 
ATOM   574 C CB  . ILE A 1 88  ? 9.856   -5.186  -2.347  1.00 128.75 ? 88  ILE A CB  1 
ATOM   575 C CG1 . ILE A 1 88  ? 8.847   -4.343  -3.187  1.00 127.93 ? 88  ILE A CG1 1 
ATOM   576 C CG2 . ILE A 1 88  ? 11.258  -4.543  -2.316  1.00 130.08 ? 88  ILE A CG2 1 
ATOM   577 C CD1 . ILE A 1 88  ? 9.082   -4.226  -4.757  1.00 138.35 ? 88  ILE A CD1 1 
ATOM   578 N N   . THR A 1 89  ? 11.150  -7.812  -0.969  1.00 131.23 ? 89  THR A N   1 
ATOM   579 C CA  . THR A 1 89  ? 12.262  -8.537  -0.337  1.00 133.25 ? 89  THR A CA  1 
ATOM   580 C C   . THR A 1 89  ? 12.455  -9.914  -0.997  1.00 142.36 ? 89  THR A C   1 
ATOM   581 O O   . THR A 1 89  ? 13.596  -10.304 -1.223  1.00 144.89 ? 89  THR A O   1 
ATOM   582 C CB  . THR A 1 89  ? 12.055  -8.652  1.184   1.00 138.38 ? 89  THR A CB  1 
ATOM   583 O OG1 . THR A 1 89  ? 11.700  -7.372  1.707   1.00 134.31 ? 89  THR A OG1 1 
ATOM   584 C CG2 . THR A 1 89  ? 13.295  -9.160  1.914   1.00 138.39 ? 89  THR A CG2 1 
ATOM   585 N N   . SER A 1 90  ? 11.355  -10.620 -1.334  1.00 140.55 ? 90  SER A N   1 
ATOM   586 C CA  . SER A 1 90  ? 11.401  -11.927 -2.004  1.00 145.35 ? 90  SER A CA  1 
ATOM   587 C C   . SER A 1 90  ? 11.925  -11.799 -3.444  1.00 153.64 ? 90  SER A C   1 
ATOM   588 O O   . SER A 1 90  ? 12.643  -12.685 -3.908  1.00 157.64 ? 90  SER A O   1 
ATOM   589 C CB  . SER A 1 90  ? 10.022  -12.580 -2.008  1.00 148.80 ? 90  SER A CB  1 
ATOM   590 O OG  . SER A 1 90  ? 10.031  -13.833 -2.672  1.00 162.29 ? 90  SER A OG  1 
ATOM   591 N N   . THR A 1 91  ? 11.585  -10.689 -4.135  1.00 149.05 ? 91  THR A N   1 
ATOM   592 C CA  . THR A 1 91  ? 12.018  -10.403 -5.507  1.00 152.04 ? 91  THR A CA  1 
ATOM   593 C C   . THR A 1 91  ? 13.511  -10.020 -5.564  1.00 158.58 ? 91  THR A C   1 
ATOM   594 O O   . THR A 1 91  ? 14.061  -9.899  -6.659  1.00 161.32 ? 91  THR A O   1 
ATOM   595 C CB  . THR A 1 91  ? 11.153  -9.295  -6.107  1.00 156.76 ? 91  THR A CB  1 
ATOM   596 N N   . ILE A 1 92  ? 14.154  -9.829  -4.392  1.00 154.14 ? 92  ILE A N   1 
ATOM   597 C CA  . ILE A 1 92  ? 15.567  -9.468  -4.257  1.00 155.80 ? 92  ILE A CA  1 
ATOM   598 C C   . ILE A 1 92  ? 16.341  -10.647 -3.623  1.00 164.00 ? 92  ILE A C   1 
ATOM   599 O O   . ILE A 1 92  ? 17.398  -11.013 -4.138  1.00 167.68 ? 92  ILE A O   1 
ATOM   600 C CB  . ILE A 1 92  ? 15.735  -8.132  -3.461  1.00 154.46 ? 92  ILE A CB  1 
ATOM   601 C CG1 . ILE A 1 92  ? 15.109  -6.944  -4.234  1.00 152.70 ? 92  ILE A CG1 1 
ATOM   602 C CG2 . ILE A 1 92  ? 17.208  -7.842  -3.129  1.00 156.79 ? 92  ILE A CG2 1 
ATOM   603 C CD1 . ILE A 1 92  ? 14.753  -5.708  -3.384  1.00 154.69 ? 92  ILE A CD1 1 
ATOM   604 N N   . THR A 1 93  ? 15.805  -11.245 -2.530  1.00 159.90 ? 93  THR A N   1 
ATOM   605 C CA  . THR A 1 93  ? 16.423  -12.369 -1.812  1.00 162.82 ? 93  THR A CA  1 
ATOM   606 C C   . THR A 1 93  ? 16.585  -13.606 -2.702  1.00 173.76 ? 93  THR A C   1 
ATOM   607 O O   . THR A 1 93  ? 17.600  -14.290 -2.590  1.00 176.93 ? 93  THR A O   1 
ATOM   608 C CB  . THR A 1 93  ? 15.627  -12.727 -0.555  1.00 167.31 ? 93  THR A CB  1 
ATOM   609 N N   . ASN A 1 94  ? 15.603  -13.881 -3.584  1.00 172.61 ? 94  ASN A N   1 
ATOM   610 C CA  . ASN A 1 94  ? 15.634  -15.021 -4.503  1.00 178.53 ? 94  ASN A CA  1 
ATOM   611 C C   . ASN A 1 94  ? 16.379  -14.680 -5.808  1.00 187.62 ? 94  ASN A C   1 
ATOM   612 O O   . ASN A 1 94  ? 16.776  -15.592 -6.538  1.00 192.40 ? 94  ASN A O   1 
ATOM   613 C CB  . ASN A 1 94  ? 14.216  -15.500 -4.813  1.00 179.13 ? 94  ASN A CB  1 
ATOM   614 N N   . PHE A 1 95  ? 16.574  -13.377 -6.087  1.00 183.10 ? 95  PHE A N   1 
ATOM   615 C CA  . PHE A 1 95  ? 17.255  -12.878 -7.284  1.00 186.70 ? 95  PHE A CA  1 
ATOM   616 C C   . PHE A 1 95  ? 18.782  -12.855 -7.107  1.00 194.85 ? 95  PHE A C   1 
ATOM   617 O O   . PHE A 1 95  ? 19.503  -13.189 -8.049  1.00 199.60 ? 95  PHE A O   1 
ATOM   618 C CB  . PHE A 1 95  ? 16.744  -11.470 -7.633  1.00 184.62 ? 95  PHE A CB  1 
ATOM   619 C CG  . PHE A 1 95  ? 17.158  -10.928 -8.982  1.00 189.32 ? 95  PHE A CG  1 
ATOM   620 C CD1 . PHE A 1 95  ? 16.449  -11.260 -10.130 1.00 195.16 ? 95  PHE A CD1 1 
ATOM   621 C CD2 . PHE A 1 95  ? 18.226  -10.047 -9.097  1.00 191.99 ? 95  PHE A CD2 1 
ATOM   622 C CE1 . PHE A 1 95  ? 16.823  -10.748 -11.378 1.00 199.14 ? 95  PHE A CE1 1 
ATOM   623 C CE2 . PHE A 1 95  ? 18.600  -9.533  -10.344 1.00 197.90 ? 95  PHE A CE2 1 
ATOM   624 C CZ  . PHE A 1 95  ? 17.896  -9.886  -11.475 1.00 198.59 ? 95  PHE A CZ  1 
ATOM   625 N N   . PHE A 1 96  ? 19.267  -12.445 -5.917  1.00 189.39 ? 96  PHE A N   1 
ATOM   626 C CA  . PHE A 1 96  ? 20.697  -12.334 -5.609  1.00 192.05 ? 96  PHE A CA  1 
ATOM   627 C C   . PHE A 1 96  ? 21.228  -13.565 -4.826  1.00 198.88 ? 96  PHE A C   1 
ATOM   628 O O   . PHE A 1 96  ? 22.248  -13.462 -4.138  1.00 198.69 ? 96  PHE A O   1 
ATOM   629 C CB  . PHE A 1 96  ? 20.971  -11.027 -4.837  1.00 189.61 ? 96  PHE A CB  1 
ATOM   630 C CG  . PHE A 1 96  ? 20.795  -9.760  -5.644  1.00 189.95 ? 96  PHE A CG  1 
ATOM   631 C CD1 . PHE A 1 96  ? 21.866  -9.199  -6.330  1.00 196.55 ? 96  PHE A CD1 1 
ATOM   632 C CD2 . PHE A 1 96  ? 19.566  -9.113  -5.698  1.00 187.95 ? 96  PHE A CD2 1 
ATOM   633 C CE1 . PHE A 1 96  ? 21.705  -8.021  -7.069  1.00 196.30 ? 96  PHE A CE1 1 
ATOM   634 C CE2 . PHE A 1 96  ? 19.406  -7.935  -6.434  1.00 189.61 ? 96  PHE A CE2 1 
ATOM   635 C CZ  . PHE A 1 96  ? 20.476  -7.398  -7.116  1.00 190.87 ? 96  PHE A CZ  1 
ATOM   636 N N   . ARG A 1 97  ? 20.561  -14.728 -4.972  1.00 198.16 ? 97  ARG A N   1 
ATOM   637 C CA  . ARG A 1 97  ? 20.955  -15.986 -4.327  1.00 201.16 ? 97  ARG A CA  1 
ATOM   638 C C   . ARG A 1 97  ? 21.260  -17.069 -5.371  1.00 212.16 ? 97  ARG A C   1 
ATOM   639 O O   . ARG A 1 97  ? 22.072  -17.959 -5.104  1.00 215.77 ? 97  ARG A O   1 
ATOM   640 C CB  . ARG A 1 97  ? 19.862  -16.472 -3.364  1.00 197.32 ? 97  ARG A CB  1 
ATOM   641 C CG  . ARG A 1 97  ? 20.383  -17.340 -2.226  1.00 206.81 ? 97  ARG A CG  1 
ATOM   642 N N   . CYS A 1 98  ? 20.613  -16.988 -6.553  1.00 210.50 ? 98  CYS A N   1 
ATOM   643 C CA  . CYS A 1 98  ? 20.781  -17.932 -7.663  1.00 217.08 ? 98  CYS A CA  1 
ATOM   644 C C   . CYS A 1 98  ? 22.115  -17.704 -8.407  1.00 224.89 ? 98  CYS A C   1 
ATOM   645 O O   . CYS A 1 98  ? 22.543  -18.581 -9.161  1.00 227.54 ? 98  CYS A O   1 
ATOM   646 C CB  . CYS A 1 98  ? 19.593  -17.858 -8.618  1.00 217.04 ? 98  CYS A CB  1 
ATOM   647 S SG  . CYS A 1 98  ? 19.370  -16.242 -9.410  1.00 217.36 ? 98  CYS A SG  1 
ATOM   648 N N   . LYS A 1 99  ? 22.764  -16.539 -8.192  1.00 219.67 ? 99  LYS A N   1 
ATOM   649 C CA  . LYS A 1 99  ? 24.039  -16.171 -8.816  1.00 219.30 ? 99  LYS A CA  1 
ATOM   650 C C   . LYS A 1 99  ? 25.251  -16.718 -8.018  1.00 221.77 ? 99  LYS A C   1 
ATOM   651 O O   . LYS A 1 99  ? 26.384  -16.638 -8.507  1.00 222.40 ? 99  LYS A O   1 
ATOM   652 C CB  . LYS A 1 99  ? 24.137  -14.641 -8.962  1.00 218.38 ? 99  LYS A CB  1 
ATOM   653 C CG  . LYS A 1 99  ? 24.877  -14.192 -10.217 1.00 232.15 ? 99  LYS A CG  1 
ATOM   654 C CD  . LYS A 1 99  ? 24.910  -12.678 -10.339 1.00 236.54 ? 99  LYS A CD  1 
ATOM   655 N N   . LYS A 1 100 ? 25.009  -17.288 -6.811  1.00 217.93 ? 100 LYS A N   1 
ATOM   656 C CA  . LYS A 1 100 ? 26.040  -17.861 -5.934  1.00 218.32 ? 100 LYS A CA  1 
ATOM   657 C C   . LYS A 1 100 ? 26.677  -19.151 -6.538  1.00 224.44 ? 100 LYS A C   1 
ATOM   658 O O   . LYS A 1 100 ? 27.910  -19.182 -6.603  1.00 224.45 ? 100 LYS A O   1 
ATOM   659 C CB  . LYS A 1 100 ? 25.488  -18.126 -4.514  1.00 218.25 ? 100 LYS A CB  1 
ATOM   660 C CG  . LYS A 1 100 ? 26.548  -18.467 -3.462  1.00 232.05 ? 100 LYS A CG  1 
ATOM   661 C CD  . LYS A 1 100 ? 27.143  -17.228 -2.799  1.00 238.82 ? 100 LYS A CD  1 
ATOM   662 N N   . PRO A 1 101 ? 25.933  -20.207 -6.989  1.00 223.83 ? 101 PRO A N   1 
ATOM   663 C CA  . PRO A 1 101 ? 26.622  -21.390 -7.542  1.00 226.30 ? 101 PRO A CA  1 
ATOM   664 C C   . PRO A 1 101 ? 27.167  -21.156 -8.958  1.00 229.50 ? 101 PRO A C   1 
ATOM   665 O O   . PRO A 1 101 ? 28.332  -21.472 -9.209  1.00 230.45 ? 101 PRO A O   1 
ATOM   666 C CB  . PRO A 1 101 ? 25.542  -22.486 -7.526  1.00 229.25 ? 101 PRO A CB  1 
ATOM   667 C CG  . PRO A 1 101 ? 24.347  -21.886 -6.833  1.00 230.48 ? 101 PRO A CG  1 
ATOM   668 C CD  . PRO A 1 101 ? 24.471  -20.411 -6.999  1.00 224.65 ? 101 PRO A CD  1 
ATOM   669 N N   . THR A 1 102 ? 26.337  -20.609 -9.876  1.00 226.73 ? 102 THR A N   1 
ATOM   670 C CA  . THR A 1 102 ? 26.714  -20.330 -11.265 1.00 250.28 ? 102 THR A CA  1 
ATOM   671 C C   . THR A 1 102 ? 26.132  -18.990 -11.730 1.00 255.89 ? 102 THR A C   1 
ATOM   672 O O   . THR A 1 102 ? 24.946  -18.720 -11.539 1.00 220.44 ? 102 THR A O   1 
ATOM   673 C CB  . THR A 1 102 ? 26.267  -21.472 -12.181 1.00 264.42 ? 102 THR A CB  1 
HETATM 674 K K   . K   B 2 .   ? 5.487   6.750   12.140  0.25 299.90 1 201 K   A K   1 
HETATM 675 K K   . K   C 2 .   ? 6.613   4.153   10.961  0.25 67.50  1 202 K   A K   1 
HETATM 676 K K   . K   D 2 .   ? 8.039   0.862   9.466   0.25 93.18  1 203 K   A K   1 
HETATM 677 C C8  . OLC E 3 .   ? -9.764  -5.200  11.259  1.00 71.01  ? 204 OLC A C8  1 
HETATM 678 C C24 . OLC E 3 .   ? -14.031 4.833   17.701  1.00 86.67  ? 204 OLC A C24 1 
HETATM 679 C C7  . OLC E 3 .   ? -9.818  -3.694  11.294  1.00 71.13  ? 204 OLC A C7  1 
HETATM 680 C C6  . OLC E 3 .   ? -10.460 -3.037  12.501  1.00 70.84  ? 204 OLC A C6  1 
HETATM 681 C C5  . OLC E 3 .   ? -10.097 -1.594  12.810  1.00 69.83  ? 204 OLC A C5  1 
HETATM 682 C C4  . OLC E 3 .   ? -10.972 -0.849  13.801  1.00 69.66  ? 204 OLC A C4  1 
HETATM 683 C C3  . OLC E 3 .   ? -12.084 0.025   13.236  1.00 71.09  ? 204 OLC A C3  1 
HETATM 684 C C2  . OLC E 3 .   ? -12.983 0.750   14.228  1.00 73.91  ? 204 OLC A C2  1 
HETATM 685 C C21 . OLC E 3 .   ? -13.321 4.359   15.374  1.00 83.73  ? 204 OLC A C21 1 
HETATM 686 C C1  . OLC E 3 .   ? -12.536 2.073   14.832  1.00 77.23  ? 204 OLC A C1  1 
HETATM 687 C C22 . OLC E 3 .   ? -14.227 5.186   16.250  1.00 85.84  ? 204 OLC A C22 1 
HETATM 688 O O19 . OLC E 3 .   ? -11.410 2.141   15.314  1.00 76.81  ? 204 OLC A O19 1 
HETATM 689 O O25 . OLC E 3 .   ? -15.065 4.192   18.364  1.00 87.14  ? 204 OLC A O25 1 
HETATM 690 O O23 . OLC E 3 .   ? -13.976 6.532   16.075  1.00 86.37  ? 204 OLC A O23 1 
HETATM 691 O O20 . OLC E 3 .   ? -13.534 2.967   15.265  1.00 80.92  ? 204 OLC A O20 1 
HETATM 692 C C8  . OLC F 3 .   ? -15.878 -6.940  6.686   1.00 116.64 ? 205 OLC A C8  1 
HETATM 693 C C24 . OLC F 3 .   ? -22.672 2.943   11.416  1.00 126.31 ? 205 OLC A C24 1 
HETATM 694 C C7  . OLC F 3 .   ? -15.552 -5.470  6.601   1.00 116.76 ? 205 OLC A C7  1 
HETATM 695 C C6  . OLC F 3 .   ? -16.704 -4.487  6.594   1.00 117.17 ? 205 OLC A C6  1 
HETATM 696 C C5  . OLC F 3 .   ? -17.136 -3.889  7.922   1.00 117.72 ? 205 OLC A C5  1 
HETATM 697 C C4  . OLC F 3 .   ? -17.943 -2.598  7.901   1.00 118.63 ? 205 OLC A C4  1 
HETATM 698 C C3  . OLC F 3 .   ? -17.985 -1.790  9.195   1.00 119.78 ? 205 OLC A C3  1 
HETATM 699 C C2  . OLC F 3 .   ? -19.076 -0.742  9.396   1.00 121.11 ? 205 OLC A C2  1 
HETATM 700 C C21 . OLC F 3 .   ? -20.489 1.831   11.583  1.00 124.90 ? 205 OLC A C21 1 
HETATM 701 C C1  . OLC F 3 .   ? -19.217 -0.094  10.766  1.00 122.66 ? 205 OLC A C1  1 
HETATM 702 C C22 . OLC F 3 .   ? -21.230 2.996   10.995  1.00 125.77 ? 205 OLC A C22 1 
HETATM 703 O O19 . OLC F 3 .   ? -19.017 -0.755  11.781  1.00 122.77 ? 205 OLC A O19 1 
HETATM 704 O O25 . OLC F 3 .   ? -23.534 2.131   10.695  1.00 126.57 ? 205 OLC A O25 1 
HETATM 705 O O23 . OLC F 3 .   ? -20.663 4.179   11.419  1.00 125.87 ? 205 OLC A O23 1 
HETATM 706 O O20 . OLC F 3 .   ? -19.411 1.293   10.857  1.00 123.90 ? 205 OLC A O20 1 
HETATM 707 C C24 . OLC G 3 .   ? -23.004 1.277   16.698  1.00 103.52 ? 206 OLC A C24 1 
HETATM 708 C C7  . OLC G 3 .   ? -17.840 -9.051  14.066  1.00 99.60  ? 206 OLC A C7  1 
HETATM 709 C C6  . OLC G 3 .   ? -17.923 -7.539  14.052  1.00 99.54  ? 206 OLC A C6  1 
HETATM 710 C C5  . OLC G 3 .   ? -18.883 -6.870  15.020  1.00 99.41  ? 206 OLC A C5  1 
HETATM 711 C C4  . OLC G 3 .   ? -19.469 -5.527  14.612  1.00 99.42  ? 206 OLC A C4  1 
HETATM 712 C C3  . OLC G 3 .   ? -20.303 -4.775  15.644  1.00 99.98  ? 206 OLC A C3  1 
HETATM 713 C C2  . OLC G 3 .   ? -19.671 -3.554  16.295  1.00 101.12 ? 206 OLC A C2  1 
HETATM 714 C C21 . OLC G 3 .   ? -21.542 -0.571  15.986  1.00 103.35 ? 206 OLC A C21 1 
HETATM 715 C C1  . OLC G 3 .   ? -20.579 -2.568  17.006  1.00 102.17 ? 206 OLC A C1  1 
HETATM 716 C C22 . OLC G 3 .   ? -22.840 0.138   15.728  1.00 103.41 ? 206 OLC A C22 1 
HETATM 717 O O19 . OLC G 3 .   ? -20.556 -2.500  18.228  1.00 101.92 ? 206 OLC A O19 1 
HETATM 718 O O25 . OLC G 3 .   ? -23.855 1.105   17.778  1.00 103.50 ? 206 OLC A O25 1 
HETATM 719 O O23 . OLC G 3 .   ? -22.877 0.605   14.432  1.00 103.22 ? 206 OLC A O23 1 
HETATM 720 O O20 . OLC G 3 .   ? -21.602 -1.943  16.284  1.00 103.12 ? 206 OLC A O20 1 
HETATM 721 C C24 . OLC H 3 .   ? -19.115 2.997   16.599  1.00 112.90 ? 207 OLC A C24 1 
HETATM 722 C C6  . OLC H 3 .   ? -14.630 -4.363  11.785  1.00 106.31 ? 207 OLC A C6  1 
HETATM 723 C C5  . OLC H 3 .   ? -15.475 -3.963  12.982  1.00 106.83 ? 207 OLC A C5  1 
HETATM 724 C C4  . OLC H 3 .   ? -14.764 -3.753  14.311  1.00 107.65 ? 207 OLC A C4  1 
HETATM 725 C C3  . OLC H 3 .   ? -15.569 -3.169  15.471  1.00 108.47 ? 207 OLC A C3  1 
HETATM 726 C C2  . OLC H 3 .   ? -15.505 -1.661  15.704  1.00 109.15 ? 207 OLC A C2  1 
HETATM 727 C C21 . OLC H 3 .   ? -17.823 0.926   16.391  1.00 111.28 ? 207 OLC A C21 1 
HETATM 728 C C1  . OLC H 3 .   ? -16.591 -0.756  15.142  1.00 109.77 ? 207 OLC A C1  1 
HETATM 729 C C22 . OLC H 3 .   ? -17.832 2.310   16.972  1.00 112.38 ? 207 OLC A C22 1 
HETATM 730 O O19 . OLC H 3 .   ? -17.093 -1.010  14.053  1.00 109.85 ? 207 OLC A O19 1 
HETATM 731 O O25 . OLC H 3 .   ? -19.323 4.285   17.060  1.00 113.20 ? 207 OLC A O25 1 
HETATM 732 O O23 . OLC H 3 .   ? -17.707 2.251   18.344  1.00 112.82 ? 207 OLC A O23 1 
HETATM 733 O O20 . OLC H 3 .   ? -16.702 0.547   15.638  1.00 110.32 ? 207 OLC A O20 1 
# 
loop_
_atom_site_anisotrop.id 
_atom_site_anisotrop.type_symbol 
_atom_site_anisotrop.pdbx_label_atom_id 
_atom_site_anisotrop.pdbx_label_alt_id 
_atom_site_anisotrop.pdbx_label_comp_id 
_atom_site_anisotrop.pdbx_label_asym_id 
_atom_site_anisotrop.pdbx_label_seq_id 
_atom_site_anisotrop.pdbx_PDB_ins_code 
_atom_site_anisotrop.U[1][1] 
_atom_site_anisotrop.U[2][2] 
_atom_site_anisotrop.U[3][3] 
_atom_site_anisotrop.U[1][2] 
_atom_site_anisotrop.U[1][3] 
_atom_site_anisotrop.U[2][3] 
_atom_site_anisotrop.pdbx_auth_seq_id 
_atom_site_anisotrop.pdbx_auth_comp_id 
_atom_site_anisotrop.pdbx_auth_asym_id 
_atom_site_anisotrop.pdbx_auth_atom_id 
1   N N   . ARG A 12  ? 2.6148 2.3653 1.9760 -0.0552 -0.0611 -0.1013 12  ARG A N   
2   C CA  . ARG A 12  ? 2.6851 2.4106 1.9540 -0.0515 -0.0609 -0.1363 12  ARG A CA  
3   C C   . ARG A 12  ? 2.6710 2.4933 1.9378 -0.0391 -0.0239 -0.1198 12  ARG A C   
4   O O   . ARG A 12  ? 2.5476 2.4566 1.8830 -0.0572 -0.0166 -0.0787 12  ARG A O   
5   C CB  . ARG A 12  ? 2.7007 2.3898 1.9406 -0.1050 -0.1114 -0.1440 12  ARG A CB  
6   N N   . SER A 13  ? 2.7125 2.5170 1.8971 -0.0087 -0.0019 -0.1518 13  SER A N   
7   C CA  . SER A 13  ? 2.6707 2.5597 1.8414 0.0053  0.0336  -0.1387 13  SER A CA  
8   C C   . SER A 13  ? 2.6391 2.5797 1.8129 -0.0450 0.0088  -0.1188 13  SER A C   
9   O O   . SER A 13  ? 2.5423 2.5742 1.7573 -0.0501 0.0286  -0.0851 13  SER A O   
10  C CB  . SER A 13  ? 2.8411 2.6879 1.9136 0.0482  0.0593  -0.1804 13  SER A CB  
11  O OG  . SER A 13  ? 3.0531 2.8102 2.0387 0.0296  0.0225  -0.2213 13  SER A OG  
12  N N   . ASN A 14  ? 2.6298 2.5108 1.7642 -0.0823 -0.0365 -0.1378 14  ASN A N   
13  C CA  . ASN A 14  ? 2.5618 2.4823 1.6995 -0.1305 -0.0654 -0.1205 14  ASN A CA  
14  C C   . ASN A 14  ? 2.4931 2.4479 1.7219 -0.1687 -0.0894 -0.0831 14  ASN A C   
15  O O   . ASN A 14  ? 2.4246 2.4184 1.6699 -0.2074 -0.1119 -0.0640 14  ASN A O   
16  C CB  . ASN A 14  ? 2.6706 2.5137 1.7221 -0.1516 -0.1032 -0.1573 14  ASN A CB  
17  C CG  . ASN A 14  ? 3.0226 2.8484 1.9752 -0.1244 -0.0839 -0.1895 14  ASN A CG  
18  O OD1 . ASN A 14  ? 2.9111 2.8047 1.8599 -0.1002 -0.0446 -0.1769 14  ASN A OD1 
19  N ND2 . ASN A 14  ? 3.0308 2.7654 1.8988 -0.1307 -0.1139 -0.2303 14  ASN A ND2 
20  N N   . GLY A 15  ? 2.4252 2.3671 1.7108 -0.1555 -0.0831 -0.0723 15  GLY A N   
21  C CA  . GLY A 15  ? 2.3279 2.2999 1.6973 -0.1854 -0.1013 -0.0369 15  GLY A CA  
22  C C   . GLY A 15  ? 2.2479 2.3221 1.6753 -0.1955 -0.0839 0.0035  15  GLY A C   
23  O O   . GLY A 15  ? 2.1696 2.2765 1.6391 -0.2322 -0.1062 0.0285  15  GLY A O   
24  N N   . LEU A 16  ? 2.1808 2.3055 1.6101 -0.1626 -0.0440 0.0106  16  LEU A N   
25  C CA  . LEU A 16  ? 2.0720 2.2899 1.5511 -0.1693 -0.0266 0.0479  16  LEU A CA  
26  C C   . LEU A 16  ? 2.0892 2.3388 1.5367 -0.1972 -0.0403 0.0504  16  LEU A C   
27  O O   . LEU A 16  ? 1.9959 2.2990 1.4878 -0.2236 -0.0499 0.0796  16  LEU A O   
28  C CB  . LEU A 16  ? 2.0748 2.3341 1.5627 -0.1266 0.0179  0.0552  16  LEU A CB  
29  C CG  . LEU A 16  ? 2.0336 2.3857 1.5807 -0.1314 0.0354  0.0966  16  LEU A CG  
30  C CD1 . LEU A 16  ? 1.9678 2.3394 1.5939 -0.1387 0.0300  0.1256  16  LEU A CD1 
31  C CD2 . LEU A 16  ? 2.0872 2.4812 1.6233 -0.0936 0.0769  0.1005  16  LEU A CD2 
32  N N   . ASN A 17  ? 2.1236 2.3367 1.4920 -0.1902 -0.0420 0.0192  17  ASN A N   
33  C CA  . ASN A 17  ? 2.1144 2.3490 1.4422 -0.2141 -0.0563 0.0181  17  ASN A CA  
34  C C   . ASN A 17  ? 2.1233 2.3429 1.4680 -0.2592 -0.1001 0.0245  17  ASN A C   
35  O O   . ASN A 17  ? 2.0567 2.3270 1.4182 -0.2839 -0.1099 0.0457  17  ASN A O   
36  C CB  . ASN A 17  ? 2.2410 2.4281 1.4736 -0.1940 -0.0500 -0.0200 17  ASN A CB  
37  C CG  . ASN A 17  ? 2.5514 2.7541 1.7338 -0.2178 -0.0672 -0.0230 17  ASN A CG  
38  O OD1 . ASN A 17  ? 2.4018 2.6737 1.6142 -0.2340 -0.0645 0.0064  17  ASN A OD1 
39  N ND2 . ASN A 17  ? 2.5534 2.6885 1.6549 -0.2198 -0.0864 -0.0592 17  ASN A ND2 
40  N N   . ARG A 18  ? 2.1164 2.2678 1.4595 -0.2694 -0.1258 0.0082  18  ARG A N   
41  C CA  . ARG A 18  ? 2.0908 2.2258 1.4540 -0.3118 -0.1676 0.0161  18  ARG A CA  
42  C C   . ARG A 18  ? 2.0131 2.2124 1.4599 -0.3309 -0.1686 0.0568  18  ARG A C   
43  O O   . ARG A 18  ? 1.9622 2.1906 1.4270 -0.3628 -0.1910 0.0733  18  ARG A O   
44  C CB  . ARG A 18  ? 2.1750 2.2216 1.5220 -0.3155 -0.1928 -0.0075 18  ARG A CB  
45  N N   . PHE A 19  ? 1.9179 2.1396 1.4141 -0.3104 -0.1445 0.0728  19  PHE A N   
46  C CA  . PHE A 19  ? 1.8124 2.0910 1.3815 -0.3246 -0.1435 0.1094  19  PHE A CA  
47  C C   . PHE A 19  ? 1.7805 2.1332 1.3616 -0.3254 -0.1274 0.1303  19  PHE A C   
48  O O   . PHE A 19  ? 1.7020 2.0972 1.3242 -0.3470 -0.1373 0.1557  19  PHE A O   
49  C CB  . PHE A 19  ? 1.8223 2.0963 1.4351 -0.3024 -0.1256 0.1193  19  PHE A CB  
50  N N   . LEU A 20  ? 1.7555 2.1226 1.2999 -0.3012 -0.1026 0.1204  20  LEU A N   
51  C CA  . LEU A 20  ? 1.6950 2.1286 1.2478 -0.3011 -0.0874 0.1408  20  LEU A CA  
52  C C   . LEU A 20  ? 1.7336 2.1787 1.2591 -0.3280 -0.1101 0.1406  20  LEU A C   
53  O O   . LEU A 20  ? 1.6590 2.1547 1.2169 -0.3427 -0.1132 0.1655  20  LEU A O   
54  C CB  . LEU A 20  ? 1.7311 2.1780 1.2542 -0.2669 -0.0534 0.1332  20  LEU A CB  
55  C CG  . LEU A 20  ? 1.7311 2.2503 1.2779 -0.2633 -0.0337 0.1613  20  LEU A CG  
56  C CD1 . LEU A 20  ? 1.6745 2.2288 1.2875 -0.2528 -0.0179 0.1877  20  LEU A CD1 
57  C CD2 . LEU A 20  ? 1.8159 2.3457 1.3111 -0.2394 -0.0086 0.1503  20  LEU A CD2 
58  N N   . MET A 21  ? 1.7637 2.1602 1.2294 -0.3342 -0.1273 0.1129  21  MET A N   
59  C CA  . MET A 21  ? 1.7650 2.1707 1.2023 -0.3598 -0.1511 0.1128  21  MET A CA  
60  C C   . MET A 21  ? 1.7492 2.1699 1.2350 -0.3926 -0.1798 0.1328  21  MET A C   
61  O O   . MET A 21  ? 1.7098 2.1675 1.2008 -0.4103 -0.1915 0.1476  21  MET A O   
62  C CB  . MET A 21  ? 1.8997 2.2457 1.2581 -0.3597 -0.1660 0.0780  21  MET A CB  
63  C CG  . MET A 21  ? 2.0069 2.2816 1.3553 -0.3713 -0.1930 0.0573  21  MET A CG  
64  S SD  . MET A 21  ? 2.1833 2.3874 1.4367 -0.3816 -0.2222 0.0191  21  MET A SD  
65  C CE  . MET A 21  ? 2.0946 2.3332 1.3735 -0.4281 -0.2622 0.0426  21  MET A CE  
66  N N   . ILE A 22  ? 1.6904 2.0857 1.2132 -0.3990 -0.1898 0.1354  22  ILE A N   
67  C CA  . ILE A 22  ? 1.6347 2.0478 1.2058 -0.4279 -0.2134 0.1569  22  ILE A CA  
68  C C   . ILE A 22  ? 1.5819 2.0561 1.2102 -0.4242 -0.1963 0.1874  22  ILE A C   
69  O O   . ILE A 22  ? 1.5291 2.0394 1.1863 -0.4431 -0.2088 0.2073  22  ILE A O   
70  C CB  . ILE A 22  ? 1.7119 2.0719 1.2957 -0.4402 -0.2346 0.1494  22  ILE A CB  
71  C CG1 . ILE A 22  ? 1.6834 2.0634 1.3080 -0.4740 -0.2630 0.1715  22  ILE A CG1 
72  C CG2 . ILE A 22  ? 1.7123 2.0561 1.3252 -0.4194 -0.2156 0.1512  22  ILE A CG2 
73  C CD1 . ILE A 22  ? 1.8277 2.1948 1.4200 -0.4998 -0.2945 0.1639  22  ILE A CD1 
74  N N   . PHE A 23  ? 1.5085 1.9940 1.1517 -0.3994 -0.1688 0.1912  23  PHE A N   
75  C CA  . PHE A 23  ? 1.4242 1.9610 1.1157 -0.3953 -0.1544 0.2183  23  PHE A CA  
76  C C   . PHE A 23  ? 1.4188 2.0017 1.1027 -0.3976 -0.1498 0.2299  23  PHE A C   
77  O O   . PHE A 23  ? 1.3571 1.9749 1.0730 -0.4097 -0.1563 0.2504  23  PHE A O   
78  C CB  . PHE A 23  ? 1.4471 1.9823 1.1547 -0.3693 -0.1292 0.2199  23  PHE A CB  
79  C CG  . PHE A 23  ? 1.3993 1.9835 1.1515 -0.3653 -0.1164 0.2472  23  PHE A CG  
80  C CD1 . PHE A 23  ? 1.4229 2.0419 1.1721 -0.3509 -0.0969 0.2555  23  PHE A CD1 
81  C CD2 . PHE A 23  ? 1.3826 1.9773 1.1780 -0.3766 -0.1251 0.2653  23  PHE A CD2 
82  C CE1 . PHE A 23  ? 1.3766 2.0358 1.1655 -0.3499 -0.0897 0.2806  23  PHE A CE1 
83  C CE2 . PHE A 23  ? 1.3635 1.9976 1.1929 -0.3734 -0.1162 0.2882  23  PHE A CE2 
84  C CZ  . PHE A 23  ? 1.3262 1.9897 1.1524 -0.3608 -0.1000 0.2951  23  PHE A CZ  
85  N N   . VAL A 24  ? 1.3986 1.9796 1.0381 -0.3854 -0.1387 0.2170  24  VAL A N   
86  C CA  . VAL A 24  ? 1.3676 1.9885 0.9949 -0.3875 -0.1349 0.2282  24  VAL A CA  
87  C C   . VAL A 24  ? 1.3952 2.0227 1.0194 -0.4127 -0.1620 0.2324  24  VAL A C   
88  O O   . VAL A 24  ? 1.3399 2.0062 0.9876 -0.4200 -0.1651 0.2526  24  VAL A O   
89  C CB  . VAL A 24  ? 1.4690 2.0844 1.0449 -0.3688 -0.1169 0.2135  24  VAL A CB  
90  C CG1 . VAL A 24  ? 1.4572 2.1073 1.0129 -0.3762 -0.1196 0.2245  24  VAL A CG1 
91  C CG2 . VAL A 24  ? 1.4603 2.0881 1.0531 -0.3425 -0.0868 0.2190  24  VAL A CG2 
92  N N   . LEU A 25  ? 1.3918 1.9806 0.9912 -0.4261 -0.1833 0.2149  25  LEU A N   
93  C CA  . LEU A 25  ? 1.3835 1.9782 0.9843 -0.4515 -0.2117 0.2203  25  LEU A CA  
94  C C   . LEU A 25  ? 1.3565 1.9857 1.0166 -0.4629 -0.2180 0.2456  25  LEU A C   
95  O O   . LEU A 25  ? 1.3218 1.9843 0.9939 -0.4729 -0.2276 0.2607  25  LEU A O   
96  C CB  . LEU A 25  ? 1.4503 1.9929 1.0222 -0.4652 -0.2353 0.1992  25  LEU A CB  
97  N N   . LEU A 26  ? 1.2836 1.9056 0.9792 -0.4591 -0.2114 0.2509  26  LEU A N   
98  C CA  . LEU A 26  ? 1.2204 1.8731 0.9673 -0.4670 -0.2142 0.2739  26  LEU A CA  
99  C C   . LEU A 26  ? 1.2057 1.9006 0.9701 -0.4568 -0.1999 0.2909  26  LEU A C   
100 O O   . LEU A 26  ? 1.1604 1.8850 0.9463 -0.4649 -0.2080 0.3065  26  LEU A O   
101 C CB  . LEU A 26  ? 1.2182 1.8515 0.9924 -0.4639 -0.2094 0.2758  26  LEU A CB  
102 C CG  . LEU A 26  ? 1.3252 1.9173 1.0962 -0.4788 -0.2288 0.2658  26  LEU A CG  
103 C CD1 . LEU A 26  ? 1.3377 1.9014 1.1235 -0.4686 -0.2191 0.2630  26  LEU A CD1 
104 C CD2 . LEU A 26  ? 1.3350 1.9487 1.1375 -0.5024 -0.2495 0.2840  26  LEU A CD2 
105 N N   . VAL A 27  ? 1.1631 1.8600 0.9181 -0.4388 -0.1795 0.2886  27  VAL A N   
106 C CA  . VAL A 27  ? 1.1214 1.8527 0.8915 -0.4302 -0.1680 0.3051  27  VAL A CA  
107 C C   . VAL A 27  ? 1.1761 1.9282 0.9280 -0.4365 -0.1768 0.3099  27  VAL A C   
108 O O   . VAL A 27  ? 1.1408 1.9192 0.9070 -0.4337 -0.1740 0.3253  27  VAL A O   
109 C CB  . VAL A 27  ? 1.1745 1.9048 0.9422 -0.4117 -0.1460 0.3043  27  VAL A CB  
110 C CG1 . VAL A 27  ? 1.1328 1.8961 0.9176 -0.4067 -0.1384 0.3236  27  VAL A CG1 
111 C CG2 . VAL A 27  ? 1.1719 1.8827 0.9619 -0.4055 -0.1397 0.3024  27  VAL A CG2 
112 N N   . ILE A 28  ? 1.1724 1.9101 0.8933 -0.4463 -0.1904 0.2976  28  ILE A N   
113 C CA  . ILE A 28  ? 1.1756 1.9317 0.8789 -0.4540 -0.2020 0.3031  28  ILE A CA  
114 C C   . ILE A 28  ? 1.2089 1.9749 0.9334 -0.4714 -0.2246 0.3112  28  ILE A C   
115 O O   . ILE A 28  ? 1.1772 1.9718 0.9172 -0.4738 -0.2309 0.3269  28  ILE A O   
116 C CB  . ILE A 28  ? 1.2755 2.0127 0.9238 -0.4523 -0.2017 0.2860  28  ILE A CB  
117 C CG1 . ILE A 28  ? 1.2938 2.0300 0.9245 -0.4323 -0.1755 0.2817  28  ILE A CG1 
118 C CG2 . ILE A 28  ? 1.2979 2.0528 0.9254 -0.4634 -0.2179 0.2929  28  ILE A CG2 
119 C CD1 . ILE A 28  ? 1.3595 2.1327 1.0098 -0.4239 -0.1616 0.3038  28  ILE A CD1 
120 N N   . ILE A 29  ? 1.1832 1.9271 0.9124 -0.4826 -0.2366 0.3029  29  ILE A N   
121 C CA  . ILE A 29  ? 1.1753 1.9321 0.9284 -0.5007 -0.2585 0.3132  29  ILE A CA  
122 C C   . ILE A 29  ? 1.1664 1.9510 0.9704 -0.4984 -0.2530 0.3326  29  ILE A C   
123 O O   . ILE A 29  ? 1.1395 1.9559 0.9655 -0.5021 -0.2609 0.3487  29  ILE A O   
124 C CB  . ILE A 29  ? 1.2687 1.9890 1.0048 -0.5172 -0.2777 0.2987  29  ILE A CB  
125 C CG1 . ILE A 29  ? 1.3390 2.0279 1.0146 -0.5186 -0.2849 0.2767  29  ILE A CG1 
126 C CG2 . ILE A 29  ? 1.2732 2.0125 1.0428 -0.5385 -0.3014 0.3145  29  ILE A CG2 
127 C CD1 . ILE A 29  ? 1.4562 2.1688 1.1073 -0.5223 -0.2940 0.2828  29  ILE A CD1 
128 N N   . ILE A 30  ? 1.1009 1.8741 0.9218 -0.4912 -0.2398 0.3317  30  ILE A N   
129 C CA  . ILE A 30  ? 1.0533 1.8501 0.9151 -0.4883 -0.2336 0.3491  30  ILE A CA  
130 C C   . ILE A 30  ? 1.0526 1.8816 0.9255 -0.4765 -0.2261 0.3623  30  ILE A C   
131 O O   . ILE A 30  ? 1.0253 1.8809 0.9259 -0.4778 -0.2295 0.3772  30  ILE A O   
132 C CB  . ILE A 30  ? 1.0880 1.8654 0.9598 -0.4811 -0.2204 0.3462  30  ILE A CB  
133 C CG1 . ILE A 30  ? 1.1351 1.8759 1.0000 -0.4926 -0.2303 0.3345  30  ILE A CG1 
134 C CG2 . ILE A 30  ? 1.0572 1.8595 0.9632 -0.4763 -0.2125 0.3642  30  ILE A CG2 
135 C CD1 . ILE A 30  ? 1.2474 1.9934 1.1352 -0.5146 -0.2513 0.3448  30  ILE A CD1 
136 N N   . PRO A 31  ? 0.9943 1.8225 0.8472 -0.4653 -0.2173 0.3591  31  PRO A N   
137 C CA  . PRO A 31  ? 0.9599 1.8120 0.8236 -0.4560 -0.2148 0.3719  31  PRO A CA  
138 C C   . PRO A 31  ? 0.9895 1.8658 0.8635 -0.4614 -0.2290 0.3824  31  PRO A C   
139 O O   . PRO A 31  ? 0.9597 1.8545 0.8503 -0.4519 -0.2270 0.3938  31  PRO A O   
140 C CB  . PRO A 31  ? 0.9906 1.8349 0.8290 -0.4488 -0.2077 0.3676  31  PRO A CB  
141 C CG  . PRO A 31  ? 1.0655 1.8866 0.8905 -0.4471 -0.1978 0.3548  31  PRO A CG  
142 C CD  . PRO A 31  ? 1.0348 1.8416 0.8571 -0.4593 -0.2083 0.3455  31  PRO A CD  
143 N N   . VAL A 32  ? 0.9639 1.8386 0.8281 -0.4760 -0.2444 0.3786  32  VAL A N   
144 C CA  . VAL A 32  ? 0.9619 1.8623 0.8386 -0.4831 -0.2607 0.3908  32  VAL A CA  
145 C C   . VAL A 32  ? 0.9792 1.9082 0.8991 -0.4816 -0.2607 0.4072  32  VAL A C   
146 O O   . VAL A 32  ? 0.9576 1.9095 0.8934 -0.4691 -0.2579 0.4191  32  VAL A O   
147 C CB  . VAL A 32  ? 1.0523 1.9423 0.9064 -0.5017 -0.2805 0.3836  32  VAL A CB  
148 C CG1 . VAL A 32  ? 1.0499 1.9713 0.9248 -0.5104 -0.2996 0.4005  32  VAL A CG1 
149 C CG2 . VAL A 32  ? 1.0793 1.9471 0.8870 -0.4994 -0.2777 0.3694  32  VAL A CG2 
150 N N   . PRO A 33  ? 0.9255 1.8551 0.8650 -0.4922 -0.2631 0.4095  33  PRO A N   
151 C CA  . PRO A 33  ? 0.8970 1.8619 0.8780 -0.4888 -0.2601 0.4288  33  PRO A CA  
152 C C   . PRO A 33  ? 0.9131 1.8849 0.9006 -0.4664 -0.2399 0.4324  33  PRO A C   
153 O O   . PRO A 33  ? 0.8921 1.8951 0.9038 -0.4551 -0.2356 0.4469  33  PRO A O   
154 C CB  . PRO A 33  ? 0.9301 1.8871 0.9255 -0.5057 -0.2653 0.4302  33  PRO A CB  
155 C CG  . PRO A 33  ? 1.0070 1.9178 0.9673 -0.5093 -0.2637 0.4084  33  PRO A CG  
156 C CD  . PRO A 33  ? 0.9678 1.8666 0.8939 -0.5069 -0.2689 0.3967  33  PRO A CD  
157 N N   . MET A 34  ? 0.8634 1.8058 0.8276 -0.4589 -0.2283 0.4191  34  MET A N   
158 C CA  . MET A 34  ? 0.8413 1.7808 0.8040 -0.4407 -0.2127 0.4198  34  MET A CA  
159 C C   . MET A 34  ? 0.8678 1.8189 0.8290 -0.4244 -0.2120 0.4251  34  MET A C   
160 O O   . MET A 34  ? 0.8549 1.8089 0.8193 -0.4086 -0.2021 0.4285  34  MET A O   
161 C CB  . MET A 34  ? 0.8753 1.7824 0.8148 -0.4391 -0.2054 0.4065  34  MET A CB  
162 C CG  . MET A 34  ? 0.9323 1.8244 0.8763 -0.4486 -0.2026 0.4024  34  MET A CG  
163 S SD  . MET A 34  ? 0.9782 1.8895 0.9509 -0.4469 -0.1950 0.4172  34  MET A SD  
164 C CE  . MET A 34  ? 0.9237 1.8233 0.8831 -0.4291 -0.1814 0.4153  34  MET A CE  
165 N N   . VAL A 35  ? 0.8185 1.7734 0.7724 -0.4279 -0.2236 0.4258  35  VAL A N   
166 C CA  . VAL A 35  ? 0.8082 1.7705 0.7620 -0.4132 -0.2259 0.4321  35  VAL A CA  
167 C C   . VAL A 35  ? 0.8480 1.8445 0.8329 -0.4032 -0.2252 0.4467  35  VAL A C   
168 O O   . VAL A 35  ? 0.8381 1.8367 0.8260 -0.3826 -0.2174 0.4500  35  VAL A O   
169 C CB  . VAL A 35  ? 0.8671 1.8245 0.8038 -0.4213 -0.2392 0.4312  35  VAL A CB  
170 C CG1 . VAL A 35  ? 0.8647 1.8270 0.8040 -0.4065 -0.2436 0.4401  35  VAL A CG1 
171 C CG2 . VAL A 35  ? 0.8721 1.8017 0.7790 -0.4282 -0.2358 0.4188  35  VAL A CG2 
172 N N   . PHE A 36  ? 0.8077 1.8296 0.8150 -0.4173 -0.2338 0.4558  36  PHE A N   
173 C CA  . PHE A 36  ? 0.8030 1.8669 0.8474 -0.4107 -0.2343 0.4744  36  PHE A CA  
174 C C   . PHE A 36  ? 0.8111 1.8935 0.8759 -0.4035 -0.2182 0.4818  36  PHE A C   
175 O O   . PHE A 36  ? 0.7999 1.9199 0.8943 -0.3902 -0.2121 0.4980  36  PHE A O   
176 C CB  . PHE A 36  ? 0.8455 1.9306 0.9074 -0.4335 -0.2542 0.4842  36  PHE A CB  
177 C CG  . PHE A 36  ? 0.8923 1.9641 0.9321 -0.4420 -0.2714 0.4795  36  PHE A CG  
178 C CD1 . PHE A 36  ? 0.9568 1.9958 0.9619 -0.4595 -0.2793 0.4635  36  PHE A CD1 
179 C CD2 . PHE A 36  ? 0.9325 2.0248 0.9851 -0.4310 -0.2791 0.4920  36  PHE A CD2 
180 C CE1 . PHE A 36  ? 0.9902 2.0193 0.9703 -0.4667 -0.2936 0.4603  36  PHE A CE1 
181 C CE2 . PHE A 36  ? 0.9877 2.0690 1.0185 -0.4400 -0.2956 0.4903  36  PHE A CE2 
182 C CZ  . PHE A 36  ? 0.9798 2.0307 0.9729 -0.4583 -0.3025 0.4746  36  PHE A CZ  
183 N N   . ILE A 37  ? 0.7433 1.8028 0.7942 -0.4110 -0.2109 0.4720  37  ILE A N   
184 C CA  . ILE A 37  ? 0.7252 1.8029 0.7936 -0.4064 -0.1965 0.4814  37  ILE A CA  
185 C C   . ILE A 37  ? 0.7488 1.8073 0.7941 -0.3845 -0.1797 0.4730  37  ILE A C   
186 O O   . ILE A 37  ? 0.7378 1.8184 0.7943 -0.3714 -0.1656 0.4828  37  ILE A O   
187 C CB  . ILE A 37  ? 0.7663 1.8373 0.8427 -0.4311 -0.2019 0.4826  37  ILE A CB  
188 C CG1 . ILE A 37  ? 0.7694 1.7921 0.8123 -0.4383 -0.2026 0.4621  37  ILE A CG1 
189 C CG2 . ILE A 37  ? 0.7902 1.8827 0.8923 -0.4539 -0.2213 0.4942  37  ILE A CG2 
190 C CD1 . ILE A 37  ? 0.8472 1.8573 0.8963 -0.4552 -0.2041 0.4625  37  ILE A CD1 
191 N N   . GLU A 38  ? 0.6993 1.7187 0.7122 -0.3809 -0.1819 0.4564  38  GLU A N   
192 C CA  . GLU A 38  ? 0.6932 1.6889 0.6819 -0.3640 -0.1712 0.4482  38  GLU A CA  
193 C C   . GLU A 38  ? 0.7607 1.7464 0.7353 -0.3424 -0.1721 0.4446  38  GLU A C   
194 O O   . GLU A 38  ? 0.7580 1.7375 0.7305 -0.3455 -0.1836 0.4431  38  GLU A O   
195 C CB  . GLU A 38  ? 0.7023 1.6617 0.6688 -0.3755 -0.1740 0.4356  38  GLU A CB  
196 C CG  . GLU A 38  ? 0.7917 1.7509 0.7665 -0.3896 -0.1699 0.4377  38  GLU A CG  
197 C CD  . GLU A 38  ? 0.9803 1.9473 0.9557 -0.3800 -0.1573 0.4443  38  GLU A CD  
198 O OE1 . GLU A 38  ? 0.8561 1.8341 0.8477 -0.3918 -0.1546 0.4527  38  GLU A OE1 
199 O OE2 . GLU A 38  ? 0.8870 1.8454 0.8435 -0.3614 -0.1513 0.4412  38  GLU A OE2 
200 N N   . PRO A 39  ? 0.7347 1.7144 0.6957 -0.3203 -0.1612 0.4428  39  PRO A N   
201 C CA  . PRO A 39  ? 0.7560 1.7159 0.6994 -0.2987 -0.1643 0.4372  39  PRO A CA  
202 C C   . PRO A 39  ? 0.8233 1.7372 0.7375 -0.3043 -0.1754 0.4250  39  PRO A C   
203 O O   . PRO A 39  ? 0.8281 1.7258 0.7359 -0.2997 -0.1863 0.4234  39  PRO A O   
204 C CB  . PRO A 39  ? 0.7965 1.7624 0.7298 -0.2733 -0.1485 0.4375  39  PRO A CB  
205 C CG  . PRO A 39  ? 0.8380 1.8335 0.7874 -0.2837 -0.1366 0.4470  39  PRO A CG  
206 C CD  . PRO A 39  ? 0.7582 1.7453 0.7150 -0.3135 -0.1467 0.4456  39  PRO A CD  
207 N N   . GLU A 40  ? 0.7753 1.6707 0.6753 -0.3151 -0.1733 0.4195  40  GLU A N   
208 C CA  . GLU A 40  ? 0.7727 1.6313 0.6513 -0.3228 -0.1829 0.4121  40  GLU A CA  
209 C C   . GLU A 40  ? 0.7872 1.6456 0.6736 -0.3404 -0.1927 0.4135  40  GLU A C   
210 O O   . GLU A 40  ? 0.7901 1.6243 0.6634 -0.3443 -0.2018 0.4117  40  GLU A O   
211 C CB  . GLU A 40  ? 0.7875 1.6362 0.6574 -0.3304 -0.1775 0.4099  40  GLU A CB  
212 C CG  . GLU A 40  ? 0.9525 1.7636 0.7974 -0.3301 -0.1867 0.4046  40  GLU A CG  
213 C CD  . GLU A 40  ? 1.2538 2.0548 1.0869 -0.3325 -0.1829 0.4040  40  GLU A CD  
214 O OE1 . GLU A 40  ? 1.1022 1.8816 0.9275 -0.3421 -0.1918 0.4039  40  GLU A OE1 
215 O OE2 . GLU A 40  ? 1.2253 2.0422 1.0579 -0.3248 -0.1715 0.4061  40  GLU A OE2 
216 N N   . ILE A 41  ? 0.7110 1.5964 0.6172 -0.3514 -0.1915 0.4178  41  ILE A N   
217 C CA  . ILE A 41  ? 0.6974 1.5843 0.6051 -0.3669 -0.1998 0.4180  41  ILE A CA  
218 C C   . ILE A 41  ? 0.7453 1.6478 0.6623 -0.3614 -0.2082 0.4247  41  ILE A C   
219 O O   . ILE A 41  ? 0.7340 1.6644 0.6710 -0.3588 -0.2065 0.4312  41  ILE A O   
220 C CB  . ILE A 41  ? 0.7239 1.6210 0.6402 -0.3841 -0.1966 0.4157  41  ILE A CB  
221 C CG1 . ILE A 41  ? 0.7242 1.6045 0.6340 -0.3872 -0.1888 0.4110  41  ILE A CG1 
222 C CG2 . ILE A 41  ? 0.7302 1.6258 0.6393 -0.3971 -0.2047 0.4136  41  ILE A CG2 
223 C CD1 . ILE A 41  ? 0.7900 1.6777 0.7121 -0.3981 -0.1837 0.4103  41  ILE A CD1 
224 N N   . ASN A 42  ? 0.7056 1.5920 0.6110 -0.3599 -0.2182 0.4261  42  ASN A N   
225 C CA  . ASN A 42  ? 0.7100 1.6069 0.6233 -0.3533 -0.2280 0.4343  42  ASN A CA  
226 C C   . ASN A 42  ? 0.7547 1.6548 0.6622 -0.3694 -0.2390 0.4387  42  ASN A C   
227 O O   . ASN A 42  ? 0.7618 1.6695 0.6749 -0.3657 -0.2497 0.4477  42  ASN A O   
228 C CB  . ASN A 42  ? 0.7456 1.6182 0.6498 -0.3337 -0.2321 0.4346  42  ASN A CB  
229 C CG  . ASN A 42  ? 1.1454 2.0175 1.0505 -0.3134 -0.2210 0.4301  42  ASN A CG  
230 O OD1 . ASN A 42  ? 1.0694 1.9714 0.9938 -0.3036 -0.2133 0.4350  42  ASN A OD1 
231 N ND2 . ASN A 42  ? 1.0945 1.9337 0.9775 -0.3066 -0.2202 0.4221  42  ASN A ND2 
232 N N   . ASN A 43  ? 0.6990 1.5944 0.5944 -0.3854 -0.2360 0.4331  43  ASN A N   
233 C CA  . ASN A 43  ? 0.7025 1.6017 0.5852 -0.3995 -0.2433 0.4355  43  ASN A CA  
234 C C   . ASN A 43  ? 0.7472 1.6426 0.6176 -0.4122 -0.2350 0.4252  43  ASN A C   
235 O O   . ASN A 43  ? 0.7292 1.6160 0.6026 -0.4101 -0.2246 0.4184  43  ASN A O   
236 C CB  . ASN A 43  ? 0.7119 1.5970 0.5827 -0.3984 -0.2509 0.4439  43  ASN A CB  
237 C CG  . ASN A 43  ? 0.9865 1.8485 0.8524 -0.3934 -0.2465 0.4426  43  ASN A CG  
238 O OD1 . ASN A 43  ? 0.9017 1.7500 0.7728 -0.3805 -0.2474 0.4415  43  ASN A OD1 
239 N ND2 . ASN A 43  ? 0.9133 1.7707 0.7683 -0.4030 -0.2427 0.4440  43  ASN A ND2 
240 N N   . TYR A 44  ? 0.7187 1.6191 0.5728 -0.4239 -0.2400 0.4241  44  TYR A N   
241 C CA  . TYR A 44  ? 0.7252 1.6178 0.5619 -0.4329 -0.2323 0.4123  44  TYR A CA  
242 C C   . TYR A 44  ? 0.7891 1.6692 0.6163 -0.4292 -0.2206 0.4114  44  TYR A C   
243 O O   . TYR A 44  ? 0.7754 1.6465 0.6036 -0.4288 -0.2099 0.4022  44  TYR A O   
244 C CB  . TYR A 44  ? 0.7590 1.6569 0.5728 -0.4445 -0.2415 0.4098  44  TYR A CB  
245 C CG  . TYR A 44  ? 0.7930 1.6766 0.5845 -0.4508 -0.2338 0.3939  44  TYR A CG  
246 C CD1 . TYR A 44  ? 0.8267 1.7043 0.6228 -0.4582 -0.2376 0.3837  44  TYR A CD1 
247 C CD2 . TYR A 44  ? 0.8146 1.6903 0.5812 -0.4484 -0.2226 0.3900  44  TYR A CD2 
248 C CE1 . TYR A 44  ? 0.8642 1.7210 0.6376 -0.4622 -0.2320 0.3671  44  TYR A CE1 
249 C CE2 . TYR A 44  ? 0.8492 1.7091 0.5937 -0.4495 -0.2135 0.3737  44  TYR A CE2 
250 C CZ  . TYR A 44  ? 0.9572 1.8040 0.7033 -0.4561 -0.2191 0.3608  44  TYR A CZ  
251 O OH  . TYR A 44  ? 1.0042 1.8280 0.7259 -0.4557 -0.2119 0.3431  44  TYR A OH  
252 N N   . PRO A 45  ? 0.7697 1.6501 0.5910 -0.4274 -0.2227 0.4228  45  PRO A N   
253 C CA  . PRO A 45  ? 0.7722 1.6460 0.5911 -0.4257 -0.2119 0.4257  45  PRO A CA  
254 C C   . PRO A 45  ? 0.8239 1.6866 0.6605 -0.4194 -0.2065 0.4226  45  PRO A C   
255 O O   . PRO A 45  ? 0.8140 1.6729 0.6516 -0.4189 -0.1952 0.4187  45  PRO A O   
256 C CB  . PRO A 45  ? 0.7989 1.6760 0.6160 -0.4268 -0.2207 0.4433  45  PRO A CB  
257 C CG  . PRO A 45  ? 0.8642 1.7510 0.6724 -0.4306 -0.2327 0.4469  45  PRO A CG  
258 C CD  . PRO A 45  ? 0.7984 1.6858 0.6182 -0.4279 -0.2362 0.4366  45  PRO A CD  
259 N N   . ASP A 46  ? 0.7911 1.6488 0.6399 -0.4133 -0.2139 0.4241  46  ASP A N   
260 C CA  . ASP A 46  ? 0.7876 1.6344 0.6472 -0.4067 -0.2099 0.4208  46  ASP A CA  
261 C C   . ASP A 46  ? 0.8524 1.7021 0.7166 -0.4090 -0.1998 0.4102  46  ASP A C   
262 O O   . ASP A 46  ? 0.8495 1.6916 0.7179 -0.4082 -0.1924 0.4084  46  ASP A O   
263 C CB  . ASP A 46  ? 0.8127 1.6558 0.6785 -0.3965 -0.2178 0.4227  46  ASP A CB  
264 C CG  . ASP A 46  ? 0.9534 1.7775 0.8153 -0.3906 -0.2281 0.4304  46  ASP A CG  
265 O OD1 . ASP A 46  ? 0.9672 1.7846 0.8253 -0.3975 -0.2312 0.4381  46  ASP A OD1 
266 O OD2 . ASP A 46  ? 1.0301 1.8456 0.8926 -0.3786 -0.2332 0.4294  46  ASP A OD2 
267 N N   . ALA A 47  ? 0.8181 1.6783 0.6829 -0.4134 -0.2018 0.4051  47  ALA A N   
268 C CA  . ALA A 47  ? 0.8168 1.6771 0.6864 -0.4186 -0.1968 0.3964  47  ALA A CA  
269 C C   . ALA A 47  ? 0.8705 1.7201 0.7280 -0.4228 -0.1887 0.3881  47  ALA A C   
270 O O   . ALA A 47  ? 0.8633 1.7038 0.7274 -0.4230 -0.1820 0.3828  47  ALA A O   
271 C CB  . ALA A 47  ? 0.8344 1.7084 0.7078 -0.4253 -0.2060 0.3962  47  ALA A CB  
272 N N   . LEU A 48  ? 0.8354 1.6860 0.6740 -0.4248 -0.1886 0.3878  48  LEU A N   
273 C CA  . LEU A 48  ? 0.8464 1.6892 0.6692 -0.4243 -0.1779 0.3801  48  LEU A CA  
274 C C   . LEU A 48  ? 0.8734 1.7131 0.7093 -0.4172 -0.1669 0.3856  48  LEU A C   
275 O O   . LEU A 48  ? 0.8747 1.7056 0.7103 -0.4137 -0.1563 0.3783  48  LEU A O   
276 C CB  . LEU A 48  ? 0.8677 1.7187 0.6664 -0.4264 -0.1794 0.3828  48  LEU A CB  
277 C CG  . LEU A 48  ? 0.9561 1.8023 0.7312 -0.4227 -0.1661 0.3743  48  LEU A CG  
278 C CD1 . LEU A 48  ? 0.9893 1.8177 0.7430 -0.4267 -0.1685 0.3550  48  LEU A CD1 
279 C CD2 . LEU A 48  ? 1.0055 1.8668 0.7609 -0.4232 -0.1652 0.3844  48  LEU A CD2 
280 N N   . TRP A 49  ? 0.8082 1.6533 0.6559 -0.4150 -0.1712 0.3990  49  TRP A N   
281 C CA  . TRP A 49  ? 0.7913 1.6344 0.6535 -0.4112 -0.1665 0.4082  49  TRP A CA  
282 C C   . TRP A 49  ? 0.8144 1.6478 0.6902 -0.4090 -0.1634 0.4032  49  TRP A C   
283 O O   . TRP A 49  ? 0.8112 1.6421 0.6957 -0.4060 -0.1544 0.4041  49  TRP A O   
284 C CB  . TRP A 49  ? 0.7706 1.6142 0.6375 -0.4120 -0.1782 0.4220  49  TRP A CB  
285 C CG  . TRP A 49  ? 0.7764 1.6124 0.6573 -0.4107 -0.1808 0.4307  49  TRP A CG  
286 C CD1 . TRP A 49  ? 0.8092 1.6319 0.6922 -0.4084 -0.1905 0.4311  49  TRP A CD1 
287 C CD2 . TRP A 49  ? 0.7745 1.6166 0.6680 -0.4115 -0.1751 0.4415  49  TRP A CD2 
288 N NE1 . TRP A 49  ? 0.8002 1.6164 0.6926 -0.4098 -0.1940 0.4404  49  TRP A NE1 
289 C CE2 . TRP A 49  ? 0.8181 1.6482 0.7208 -0.4126 -0.1850 0.4486  49  TRP A CE2 
290 C CE3 . TRP A 49  ? 0.7980 1.6560 0.6953 -0.4104 -0.1618 0.4466  49  TRP A CE3 
291 C CZ2 . TRP A 49  ? 0.8086 1.6435 0.7285 -0.4153 -0.1852 0.4627  49  TRP A CZ2 
292 C CZ3 . TRP A 49  ? 0.8141 1.6808 0.7317 -0.4105 -0.1585 0.4615  49  TRP A CZ3 
293 C CH2 . TRP A 49  ? 0.8142 1.6699 0.7450 -0.4142 -0.1715 0.4703  49  TRP A CH2 
294 N N   . TRP A 50  ? 0.7483 1.5790 0.6273 -0.4097 -0.1702 0.4000  50  TRP A N   
295 C CA  . TRP A 50  ? 0.7307 1.5556 0.6210 -0.4087 -0.1679 0.3980  50  TRP A CA  
296 C C   . TRP A 50  ? 0.7754 1.5937 0.6681 -0.4111 -0.1602 0.3891  50  TRP A C   
297 O O   . TRP A 50  ? 0.7683 1.5796 0.6723 -0.4092 -0.1554 0.3910  50  TRP A O   
298 C CB  . TRP A 50  ? 0.7108 1.5417 0.6032 -0.4081 -0.1741 0.3980  50  TRP A CB  
299 C CG  . TRP A 50  ? 0.7242 1.5552 0.6280 -0.4096 -0.1706 0.3973  50  TRP A CG  
300 C CD1 . TRP A 50  ? 0.7577 1.5850 0.6670 -0.4057 -0.1683 0.4027  50  TRP A CD1 
301 C CD2 . TRP A 50  ? 0.7301 1.5637 0.6406 -0.4170 -0.1704 0.3927  50  TRP A CD2 
302 N NE1 . TRP A 50  ? 0.7538 1.5846 0.6745 -0.4099 -0.1652 0.4035  50  TRP A NE1 
303 C CE2 . TRP A 50  ? 0.7789 1.6125 0.7022 -0.4176 -0.1673 0.3977  50  TRP A CE2 
304 C CE3 . TRP A 50  ? 0.7594 1.5935 0.6644 -0.4249 -0.1750 0.3856  50  TRP A CE3 
305 C CZ2 . TRP A 50  ? 0.7769 1.6119 0.7122 -0.4266 -0.1687 0.3978  50  TRP A CZ2 
306 C CZ3 . TRP A 50  ? 0.7881 1.6197 0.7022 -0.4341 -0.1782 0.3835  50  TRP A CZ3 
307 C CH2 . TRP A 50  ? 0.7906 1.6231 0.7220 -0.4354 -0.1750 0.3904  50  TRP A CH2 
308 N N   . ALA A 51  ? 0.7388 1.5559 0.6191 -0.4154 -0.1613 0.3796  51  ALA A N   
309 C CA  . ALA A 51  ? 0.7524 1.5546 0.6277 -0.4177 -0.1573 0.3679  51  ALA A CA  
310 C C   . ALA A 51  ? 0.7982 1.5917 0.6737 -0.4091 -0.1447 0.3659  51  ALA A C   
311 O O   . ALA A 51  ? 0.7979 1.5763 0.6820 -0.4073 -0.1407 0.3616  51  ALA A O   
312 C CB  . ALA A 51  ? 0.7844 1.5843 0.6383 -0.4240 -0.1637 0.3577  51  ALA A CB  
313 N N   . ILE A 52  ? 0.7467 1.5516 0.6165 -0.4035 -0.1385 0.3719  52  ILE A N   
314 C CA  . ILE A 52  ? 0.7494 1.5552 0.6247 -0.3934 -0.1244 0.3748  52  ILE A CA  
315 C C   . ILE A 52  ? 0.7696 1.5769 0.6726 -0.3915 -0.1245 0.3872  52  ILE A C   
316 O O   . ILE A 52  ? 0.7690 1.5662 0.6834 -0.3855 -0.1172 0.3850  52  ILE A O   
317 C CB  . ILE A 52  ? 0.7932 1.6180 0.6584 -0.3900 -0.1183 0.3831  52  ILE A CB  
318 C CG1 . ILE A 52  ? 0.8304 1.6527 0.6628 -0.3923 -0.1192 0.3707  52  ILE A CG1 
319 C CG2 . ILE A 52  ? 0.8039 1.6378 0.6814 -0.3780 -0.1016 0.3903  52  ILE A CG2 
320 C CD1 . ILE A 52  ? 0.9557 1.7993 0.7768 -0.3944 -0.1200 0.3826  52  ILE A CD1 
321 N N   . VAL A 53  ? 0.7002 1.5162 0.6112 -0.3964 -0.1346 0.3994  53  VAL A N   
322 C CA  . VAL A 53  ? 0.6803 1.4959 0.6101 -0.3969 -0.1392 0.4115  53  VAL A CA  
323 C C   . VAL A 53  ? 0.7243 1.5268 0.6632 -0.3970 -0.1382 0.4068  53  VAL A C   
324 O O   . VAL A 53  ? 0.7131 1.5139 0.6690 -0.3944 -0.1366 0.4155  53  VAL A O   
325 C CB  . VAL A 53  ? 0.7169 1.5347 0.6410 -0.4016 -0.1527 0.4184  53  VAL A CB  
326 C CG1 . VAL A 53  ? 0.7067 1.5174 0.6383 -0.4024 -0.1598 0.4254  53  VAL A CG1 
327 C CG2 . VAL A 53  ? 0.7151 1.5426 0.6377 -0.4030 -0.1565 0.4290  53  VAL A CG2 
328 N N   . THR A 54  ? 0.6821 1.4770 0.6119 -0.4012 -0.1403 0.3953  54  THR A N   
329 C CA  . THR A 54  ? 0.6831 1.4661 0.6220 -0.4045 -0.1414 0.3928  54  THR A CA  
330 C C   . THR A 54  ? 0.7673 1.5321 0.7076 -0.4000 -0.1338 0.3830  54  THR A C   
331 O O   . THR A 54  ? 0.7658 1.5204 0.7225 -0.3977 -0.1319 0.3876  54  THR A O   
332 C CB  . THR A 54  ? 0.7360 1.5229 0.6685 -0.4128 -0.1493 0.3890  54  THR A CB  
333 O OG1 . THR A 54  ? 0.6752 1.4765 0.6033 -0.4120 -0.1541 0.3959  54  THR A OG1 
334 C CG2 . THR A 54  ? 0.7150 1.4959 0.6611 -0.4190 -0.1520 0.3926  54  THR A CG2 
335 N N   . ALA A 55  ? 0.7530 1.5117 0.6742 -0.3976 -0.1300 0.3695  55  ALA A N   
336 C CA  . ALA A 55  ? 0.7889 1.5243 0.7022 -0.3902 -0.1226 0.3557  55  ALA A CA  
337 C C   . ALA A 55  ? 0.8491 1.5875 0.7757 -0.3746 -0.1081 0.3617  55  ALA A C   
338 O O   . ALA A 55  ? 0.8712 1.5881 0.7986 -0.3647 -0.1008 0.3528  55  ALA A O   
339 C CB  . ALA A 55  ? 0.8255 1.5544 0.7069 -0.3911 -0.1229 0.3397  55  ALA A CB  
340 N N   . THR A 56  ? 0.7876 1.5523 0.7264 -0.3721 -0.1050 0.3777  56  THR A N   
341 C CA  . THR A 56  ? 0.7891 1.5658 0.7484 -0.3592 -0.0929 0.3894  56  THR A CA  
342 C C   . THR A 56  ? 0.8192 1.5971 0.8082 -0.3618 -0.0994 0.4057  56  THR A C   
343 O O   . THR A 56  ? 0.8136 1.6030 0.8264 -0.3528 -0.0926 0.4192  56  THR A O   
344 C CB  . THR A 56  ? 0.8969 1.7026 0.8552 -0.3579 -0.0886 0.4012  56  THR A CB  
345 O OG1 . THR A 56  ? 0.8659 1.6806 0.8229 -0.3716 -0.1038 0.4101  56  THR A OG1 
346 C CG2 . THR A 56  ? 0.9135 1.7208 0.8429 -0.3517 -0.0781 0.3882  56  THR A CG2 
347 N N   . THR A 57  ? 0.7614 1.5300 0.7491 -0.3738 -0.1122 0.4058  57  THR A N   
348 C CA  . THR A 57  ? 0.7445 1.5129 0.7516 -0.3786 -0.1204 0.4203  57  THR A CA  
349 C C   . THR A 57  ? 0.7556 1.5447 0.7738 -0.3800 -0.1255 0.4387  57  THR A C   
350 O O   . THR A 57  ? 0.7412 1.5330 0.7798 -0.3792 -0.1290 0.4536  57  THR A O   
351 C CB  . THR A 57  ? 0.9044 1.6548 0.9308 -0.3715 -0.1160 0.4216  57  THR A CB  
352 O OG1 . THR A 57  ? 0.9204 1.6781 0.9626 -0.3563 -0.1037 0.4262  57  THR A OG1 
353 C CG2 . THR A 57  ? 0.9161 1.6387 0.9303 -0.3739 -0.1168 0.4042  57  THR A CG2 
354 N N   . VAL A 58  ? 0.6994 1.5009 0.7037 -0.3835 -0.1285 0.4386  58  VAL A N   
355 C CA  . VAL A 58  ? 0.6853 1.5010 0.6968 -0.3877 -0.1375 0.4553  58  VAL A CA  
356 C C   . VAL A 58  ? 0.7310 1.5386 0.7275 -0.3965 -0.1523 0.4563  58  VAL A C   
357 O O   . VAL A 58  ? 0.7261 1.5327 0.7297 -0.3999 -0.1620 0.4690  58  VAL A O   
358 C CB  . VAL A 58  ? 0.7325 1.5637 0.7387 -0.3868 -0.1340 0.4574  58  VAL A CB  
359 C CG1 . VAL A 58  ? 0.7219 1.5621 0.7335 -0.3951 -0.1487 0.4749  58  VAL A CG1 
360 C CG2 . VAL A 58  ? 0.7404 1.5841 0.7616 -0.3747 -0.1162 0.4595  58  VAL A CG2 
361 N N   . GLY A 59  ? 0.6901 1.4928 0.6655 -0.3989 -0.1535 0.4435  59  GLY A N   
362 C CA  . GLY A 59  ? 0.6896 1.4868 0.6487 -0.4028 -0.1632 0.4423  59  GLY A CA  
363 C C   . GLY A 59  ? 0.7490 1.5431 0.6987 -0.4053 -0.1767 0.4513  59  GLY A C   
364 O O   . GLY A 59  ? 0.7506 1.5389 0.7002 -0.4071 -0.1844 0.4598  59  GLY A O   
365 N N   . TYR A 60  ? 0.7135 1.5084 0.6532 -0.4061 -0.1818 0.4498  60  TYR A N   
366 C CA  . TYR A 60  ? 0.7256 1.5103 0.6535 -0.4095 -0.1982 0.4568  60  TYR A CA  
367 C C   . TYR A 60  ? 0.7895 1.5586 0.6914 -0.4060 -0.2055 0.4498  60  TYR A C   
368 O O   . TYR A 60  ? 0.7976 1.5513 0.6859 -0.4080 -0.2197 0.4548  60  TYR A O   
369 C CB  . TYR A 60  ? 0.7451 1.5325 0.6691 -0.4113 -0.2020 0.4574  60  TYR A CB  
370 C CG  . TYR A 60  ? 0.7668 1.5703 0.7125 -0.4154 -0.1993 0.4710  60  TYR A CG  
371 C CD1 . TYR A 60  ? 0.7937 1.6082 0.7385 -0.4158 -0.1948 0.4712  60  TYR A CD1 
372 C CD2 . TYR A 60  ? 0.7770 1.5879 0.7450 -0.4189 -0.2023 0.4867  60  TYR A CD2 
373 C CE1 . TYR A 60  ? 0.8085 1.6428 0.7726 -0.4186 -0.1904 0.4866  60  TYR A CE1 
374 C CE2 . TYR A 60  ? 0.7881 1.6204 0.7804 -0.4213 -0.1981 0.5027  60  TYR A CE2 
375 C CZ  . TYR A 60  ? 0.8964 1.7414 0.8859 -0.4207 -0.1910 0.5026  60  TYR A CZ  
376 O OH  . TYR A 60  ? 0.9121 1.7835 0.9250 -0.4219 -0.1842 0.5209  60  TYR A OH  
377 N N   . GLY A 61  ? 0.7496 1.5237 0.6437 -0.4005 -0.1963 0.4388  61  GLY A N   
378 C CA  . GLY A 61  ? 0.7666 1.5334 0.6384 -0.3935 -0.1980 0.4328  61  GLY A CA  
379 C C   . GLY A 61  ? 0.8413 1.5980 0.6942 -0.3871 -0.2052 0.4263  61  GLY A C   
380 O O   . GLY A 61  ? 0.8555 1.6063 0.6886 -0.3771 -0.2049 0.4204  61  GLY A O   
381 N N   . ASP A 62  ? 0.8005 1.5564 0.6602 -0.3915 -0.2108 0.4285  62  ASP A N   
382 C CA  . ASP A 62  ? 0.8133 1.5578 0.6591 -0.3869 -0.2198 0.4249  62  ASP A CA  
383 C C   . ASP A 62  ? 0.8697 1.6287 0.7151 -0.3783 -0.2098 0.4167  62  ASP A C   
384 O O   . ASP A 62  ? 0.8847 1.6336 0.7156 -0.3682 -0.2151 0.4123  62  ASP A O   
385 C CB  . ASP A 62  ? 0.8285 1.5749 0.6862 -0.3962 -0.2269 0.4338  62  ASP A CB  
386 C CG  . ASP A 62  ? 0.9126 1.6843 0.7903 -0.4012 -0.2133 0.4359  62  ASP A CG  
387 O OD1 . ASP A 62  ? 0.8945 1.6772 0.7828 -0.4015 -0.2014 0.4334  62  ASP A OD1 
388 O OD2 . ASP A 62  ? 1.0034 1.7815 0.8841 -0.4048 -0.2155 0.4405  62  ASP A OD2 
389 N N   . ILE A 63  ? 0.8077 1.5889 0.6701 -0.3822 -0.1969 0.4156  63  ILE A N   
390 C CA  . ILE A 63  ? 0.7977 1.5972 0.6660 -0.3784 -0.1893 0.4111  63  ILE A CA  
391 C C   . ILE A 63  ? 0.8288 1.6404 0.7075 -0.3808 -0.1791 0.4119  63  ILE A C   
392 O O   . ILE A 63  ? 0.8105 1.6234 0.7009 -0.3894 -0.1754 0.4132  63  ILE A O   
393 C CB  . ILE A 63  ? 0.8306 1.6409 0.7072 -0.3852 -0.1896 0.4105  63  ILE A CB  
394 C CG1 . ILE A 63  ? 0.8446 1.6443 0.7120 -0.3833 -0.2009 0.4136  63  ILE A CG1 
395 C CG2 . ILE A 63  ? 0.8379 1.6681 0.7234 -0.3851 -0.1849 0.4078  63  ILE A CG2 
396 C CD1 . ILE A 63  ? 0.9272 1.7332 0.7988 -0.3925 -0.2014 0.4174  63  ILE A CD1 
397 N N   . VAL A 64  ? 0.7936 1.6136 0.6681 -0.3721 -0.1744 0.4127  64  VAL A N   
398 C CA  . VAL A 64  ? 0.7876 1.6214 0.6729 -0.3753 -0.1655 0.4176  64  VAL A CA  
399 C C   . VAL A 64  ? 0.8348 1.6958 0.7334 -0.3723 -0.1587 0.4211  64  VAL A C   
400 O O   . VAL A 64  ? 0.8362 1.7048 0.7270 -0.3589 -0.1573 0.4207  64  VAL A O   
401 C CB  . VAL A 64  ? 0.8471 1.6702 0.7162 -0.3701 -0.1647 0.4215  64  VAL A CB  
402 C CG1 . VAL A 64  ? 0.8416 1.6455 0.7094 -0.3780 -0.1722 0.4232  64  VAL A CG1 
403 C CG2 . VAL A 64  ? 0.8682 1.6822 0.7099 -0.3535 -0.1665 0.4174  64  VAL A CG2 
404 N N   . PRO A 65  ? 0.7838 1.6595 0.7041 -0.3845 -0.1556 0.4257  65  PRO A N   
405 C CA  . PRO A 65  ? 0.7789 1.6844 0.7176 -0.3851 -0.1518 0.4333  65  PRO A CA  
406 C C   . PRO A 65  ? 0.8330 1.7575 0.7710 -0.3748 -0.1414 0.4438  65  PRO A C   
407 O O   . PRO A 65  ? 0.8316 1.7480 0.7622 -0.3760 -0.1379 0.4478  65  PRO A O   
408 C CB  . PRO A 65  ? 0.7965 1.7029 0.7551 -0.4039 -0.1554 0.4350  65  PRO A CB  
409 C CG  . PRO A 65  ? 0.8538 1.7308 0.8018 -0.4086 -0.1590 0.4252  65  PRO A CG  
410 C CD  . PRO A 65  ? 0.8001 1.6643 0.7305 -0.3979 -0.1568 0.4250  65  PRO A CD  
411 N N   . VAL A 66  ? 0.7856 1.7374 0.7308 -0.3632 -0.1359 0.4497  66  VAL A N   
412 C CA  . VAL A 66  ? 0.7894 1.7660 0.7325 -0.3485 -0.1223 0.4606  66  VAL A CA  
413 C C   . VAL A 66  ? 0.8099 1.8292 0.7905 -0.3591 -0.1171 0.4797  66  VAL A C   
414 O O   . VAL A 66  ? 0.8045 1.8408 0.7912 -0.3615 -0.1082 0.4934  66  VAL A O   
415 C CB  . VAL A 66  ? 0.8571 1.8340 0.7804 -0.3224 -0.1173 0.4543  66  VAL A CB  
416 C CG1 . VAL A 66  ? 0.8790 1.8780 0.7909 -0.3027 -0.1002 0.4631  66  VAL A CG1 
417 C CG2 . VAL A 66  ? 0.8647 1.7959 0.7544 -0.3164 -0.1279 0.4372  66  VAL A CG2 
418 N N   . THR A 67  ? 0.7454 1.7825 0.7512 -0.3668 -0.1244 0.4827  67  THR A N   
419 C CA  . THR A 67  ? 0.7292 1.8076 0.7749 -0.3798 -0.1248 0.5026  67  THR A CA  
420 C C   . THR A 67  ? 0.7580 1.8280 0.8191 -0.4056 -0.1320 0.5096  67  THR A C   
421 O O   . THR A 67  ? 0.7470 1.7771 0.7913 -0.4146 -0.1399 0.4948  67  THR A O   
422 C CB  . THR A 67  ? 0.8020 1.8926 0.8658 -0.3848 -0.1366 0.5020  67  THR A CB  
423 O OG1 . THR A 67  ? 0.7690 1.8231 0.8210 -0.4015 -0.1523 0.4861  67  THR A OG1 
424 C CG2 . THR A 67  ? 0.7912 1.8909 0.8453 -0.3586 -0.1307 0.4980  67  THR A CG2 
425 N N   . PRO A 68  ? 0.7076 1.8146 0.8025 -0.4173 -0.1296 0.5332  68  PRO A N   
426 C CA  . PRO A 68  ? 0.7064 1.7995 0.8164 -0.4424 -0.1391 0.5407  68  PRO A CA  
427 C C   . PRO A 68  ? 0.7506 1.8097 0.8614 -0.4622 -0.1595 0.5257  68  PRO A C   
428 O O   . PRO A 68  ? 0.7459 1.7647 0.8416 -0.4696 -0.1648 0.5133  68  PRO A O   
429 C CB  . PRO A 68  ? 0.7324 1.8778 0.8834 -0.4517 -0.1351 0.5723  68  PRO A CB  
430 C CG  . PRO A 68  ? 0.7850 1.9721 0.9493 -0.4357 -0.1281 0.5794  68  PRO A CG  
431 C CD  . PRO A 68  ? 0.7277 1.8915 0.8509 -0.4077 -0.1180 0.5567  68  PRO A CD  
432 N N   . ILE A 69  ? 0.7039 1.7786 0.8290 -0.4683 -0.1704 0.5262  69  ILE A N   
433 C CA  . ILE A 69  ? 0.7065 1.7512 0.8261 -0.4860 -0.1906 0.5115  69  ILE A CA  
434 C C   . ILE A 69  ? 0.7395 1.7383 0.8193 -0.4759 -0.1891 0.4842  69  ILE A C   
435 O O   . ILE A 69  ? 0.7456 1.7071 0.8133 -0.4877 -0.1983 0.4709  69  ILE A O   
436 C CB  . ILE A 69  ? 0.7462 1.8220 0.8850 -0.4904 -0.2015 0.5192  69  ILE A CB  
437 C CG1 . ILE A 69  ? 0.7522 1.8800 0.9384 -0.5023 -0.2036 0.5511  69  ILE A CG1 
438 C CG2 . ILE A 69  ? 0.7733 1.8151 0.8968 -0.5079 -0.2234 0.5020  69  ILE A CG2 
439 C CD1 . ILE A 69  ? 0.8298 2.0106 1.0398 -0.4878 -0.1974 0.5673  69  ILE A CD1 
440 N N   . GLY A 70  ? 0.6757 1.6780 0.7367 -0.4537 -0.1774 0.4776  70  GLY A N   
441 C CA  . GLY A 70  ? 0.6668 1.6336 0.6951 -0.4438 -0.1754 0.4574  70  GLY A CA  
442 C C   . GLY A 70  ? 0.7084 1.6479 0.7258 -0.4442 -0.1699 0.4528  70  GLY A C   
443 O O   . GLY A 70  ? 0.7022 1.6105 0.7015 -0.4445 -0.1723 0.4381  70  GLY A O   
444 N N   . ARG A 71  ? 0.6595 1.6138 0.6893 -0.4437 -0.1621 0.4678  71  ARG A N   
445 C CA  . ARG A 71  ? 0.6539 1.5869 0.6780 -0.4451 -0.1582 0.4687  71  ARG A CA  
446 C C   . ARG A 71  ? 0.7133 1.6278 0.7538 -0.4650 -0.1684 0.4703  71  ARG A C   
447 O O   . ARG A 71  ? 0.7063 1.5924 0.7409 -0.4662 -0.1685 0.4654  71  ARG A O   
448 C CB  . ARG A 71  ? 0.6371 1.5941 0.6632 -0.4360 -0.1462 0.4852  71  ARG A CB  
449 C CG  . ARG A 71  ? 0.7311 1.6862 0.7288 -0.4144 -0.1379 0.4777  71  ARG A CG  
450 C CD  . ARG A 71  ? 0.8390 1.8141 0.8296 -0.4037 -0.1257 0.4916  71  ARG A CD  
451 N NE  . ARG A 71  ? 0.9366 1.8996 0.8930 -0.3833 -0.1211 0.4811  71  ARG A NE  
452 C CZ  . ARG A 71  ? 1.0889 2.0590 1.0241 -0.3698 -0.1113 0.4873  71  ARG A CZ  
453 N NH1 . ARG A 71  ? 0.8992 1.8948 0.8465 -0.3745 -0.1029 0.5066  71  ARG A NH1 
454 N NH2 . ARG A 71  ? 0.9278 1.8782 0.8275 -0.3524 -0.1110 0.4746  71  ARG A NH2 
455 N N   . ILE A 72  ? 0.6845 1.6131 0.7456 -0.4803 -0.1788 0.4774  72  ILE A N   
456 C CA  . ILE A 72  ? 0.7051 1.6106 0.7796 -0.5013 -0.1934 0.4777  72  ILE A CA  
457 C C   . ILE A 72  ? 0.7829 1.6484 0.8325 -0.5018 -0.2015 0.4518  72  ILE A C   
458 O O   . ILE A 72  ? 0.7976 1.6256 0.8407 -0.5059 -0.2056 0.4422  72  ILE A O   
459 C CB  . ILE A 72  ? 0.7472 1.6849 0.8539 -0.5193 -0.2043 0.4976  72  ILE A CB  
460 C CG1 . ILE A 72  ? 0.7515 1.7187 0.8851 -0.5237 -0.1968 0.5257  72  ILE A CG1 
461 C CG2 . ILE A 72  ? 0.7806 1.6863 0.8905 -0.5419 -0.2268 0.4896  72  ILE A CG2 
462 C CD1 . ILE A 72  ? 0.8364 1.8613 1.0002 -0.5260 -0.1933 0.5513  72  ILE A CD1 
463 N N   . LEU A 73  ? 0.7390 1.6132 0.7740 -0.4955 -0.2028 0.4415  73  LEU A N   
464 C CA  . LEU A 73  ? 0.7518 1.5956 0.7587 -0.4938 -0.2078 0.4190  73  LEU A CA  
465 C C   . LEU A 73  ? 0.8032 1.6246 0.7909 -0.4781 -0.1952 0.4076  73  LEU A C   
466 O O   . LEU A 73  ? 0.8170 1.6068 0.7870 -0.4772 -0.1965 0.3916  73  LEU A O   
467 C CB  . LEU A 73  ? 0.7430 1.6081 0.7415 -0.4903 -0.2116 0.4165  73  LEU A CB  
468 C CG  . LEU A 73  ? 0.8148 1.6987 0.8301 -0.5075 -0.2285 0.4254  73  LEU A CG  
469 C CD1 . LEU A 73  ? 0.7997 1.7167 0.8174 -0.4991 -0.2282 0.4312  73  LEU A CD1 
470 C CD2 . LEU A 73  ? 0.8871 1.7344 0.8830 -0.5230 -0.2458 0.4092  73  LEU A CD2 
471 N N   . ALA A 74  ? 0.7426 1.5809 0.7336 -0.4654 -0.1833 0.4165  74  ALA A N   
472 C CA  . ALA A 74  ? 0.7388 1.5614 0.7174 -0.4527 -0.1738 0.4112  74  ALA A CA  
473 C C   . ALA A 74  ? 0.8256 1.6237 0.8128 -0.4565 -0.1733 0.4121  74  ALA A C   
474 O O   . ALA A 74  ? 0.8252 1.6015 0.8031 -0.4494 -0.1691 0.4024  74  ALA A O   
475 C CB  . ALA A 74  ? 0.7281 1.5709 0.7059 -0.4415 -0.1661 0.4216  74  ALA A CB  
476 N N   . SER A 75  ? 0.8079 1.6116 0.8156 -0.4676 -0.1776 0.4259  75  SER A N   
477 C CA  . SER A 75  ? 0.8283 1.6082 0.8487 -0.4733 -0.1800 0.4306  75  SER A CA  
478 C C   . SER A 75  ? 0.9249 1.6657 0.9361 -0.4771 -0.1874 0.4123  75  SER A C   
479 O O   . SER A 75  ? 0.9357 1.6493 0.9455 -0.4698 -0.1837 0.4066  75  SER A O   
480 C CB  . SER A 75  ? 0.8710 1.6684 0.9163 -0.4875 -0.1854 0.4519  75  SER A CB  
481 O OG  . SER A 75  ? 0.9524 1.7867 1.0010 -0.4810 -0.1761 0.4676  75  SER A OG  
482 N N   . ILE A 76  ? 0.9015 1.6392 0.9042 -0.4870 -0.1980 0.4029  76  ILE A N   
483 C CA  . ILE A 76  ? 0.9394 1.6375 0.9232 -0.4905 -0.2068 0.3823  76  ILE A CA  
484 C C   . ILE A 76  ? 0.9940 1.6792 0.9528 -0.4712 -0.1936 0.3650  76  ILE A C   
485 O O   . ILE A 76  ? 1.0124 1.6627 0.9620 -0.4637 -0.1908 0.3526  76  ILE A O   
486 C CB  . ILE A 76  ? 0.9932 1.6975 0.9703 -0.5063 -0.2230 0.3784  76  ILE A CB  
487 C CG1 . ILE A 76  ? 0.9986 1.7200 1.0078 -0.5272 -0.2367 0.4002  76  ILE A CG1 
488 C CG2 . ILE A 76  ? 1.0490 1.7084 0.9943 -0.5085 -0.2329 0.3532  76  ILE A CG2 
489 C CD1 . ILE A 76  ? 1.0634 1.8203 1.0811 -0.5392 -0.2472 0.4093  76  ILE A CD1 
490 N N   . MET A 77  ? 0.9361 1.6506 0.8869 -0.4623 -0.1851 0.3668  77  MET A N   
491 C CA  . MET A 77  ? 0.9387 1.6517 0.8708 -0.4463 -0.1728 0.3570  77  MET A CA  
492 C C   . MET A 77  ? 0.9887 1.6941 0.9330 -0.4338 -0.1614 0.3624  77  MET A C   
493 O O   . MET A 77  ? 1.0012 1.6939 0.9348 -0.4210 -0.1519 0.3528  77  MET A O   
494 C CB  . MET A 77  ? 0.9411 1.6868 0.8682 -0.4430 -0.1703 0.3632  77  MET A CB  
495 C CG  . MET A 77  ? 0.9954 1.7417 0.9020 -0.4315 -0.1617 0.3548  77  MET A CG  
496 S SD  . MET A 77  ? 1.1007 1.8238 0.9737 -0.4331 -0.1651 0.3334  77  MET A SD  
497 C CE  . MET A 77  ? 1.0488 1.7972 0.9138 -0.4433 -0.1773 0.3375  77  MET A CE  
498 N N   . MET A 78  ? 0.9251 1.6407 0.8923 -0.4369 -0.1621 0.3792  78  MET A N   
499 C CA  . MET A 78  ? 0.9161 1.6262 0.8981 -0.4278 -0.1549 0.3881  78  MET A CA  
500 C C   . MET A 78  ? 1.0003 1.6743 0.9883 -0.4263 -0.1564 0.3811  78  MET A C   
501 O O   . MET A 78  ? 1.0009 1.6628 0.9918 -0.4122 -0.1474 0.3781  78  MET A O   
502 C CB  . MET A 78  ? 0.9232 1.6538 0.9213 -0.4329 -0.1571 0.4084  78  MET A CB  
503 C CG  . MET A 78  ? 0.9430 1.7009 0.9318 -0.4288 -0.1544 0.4135  78  MET A CG  
504 S SD  . MET A 78  ? 0.9824 1.7633 0.9785 -0.4336 -0.1564 0.4328  78  MET A SD  
505 C CE  . MET A 78  ? 0.9221 1.7203 0.8987 -0.4245 -0.1545 0.4305  78  MET A CE  
506 N N   . LEU A 79  ? 0.9862 1.6425 0.9776 -0.4407 -0.1688 0.3795  79  LEU A N   
507 C CA  . LEU A 79  ? 1.0305 1.6437 1.0251 -0.4420 -0.1752 0.3715  79  LEU A CA  
508 C C   . LEU A 79  ? 1.1296 1.7125 1.0960 -0.4287 -0.1698 0.3457  79  LEU A C   
509 O O   . LEU A 79  ? 1.1603 1.7095 1.1273 -0.4166 -0.1658 0.3376  79  LEU A O   
510 C CB  . LEU A 79  ? 1.0489 1.6523 1.0520 -0.4644 -0.1934 0.3770  79  LEU A CB  
511 N N   . PHE A 80  ? 1.0901 1.6856 1.0306 -0.4293 -0.1689 0.3336  80  PHE A N   
512 C CA  . PHE A 80  ? 1.1275 1.7012 1.0347 -0.4157 -0.1615 0.3102  80  PHE A CA  
513 C C   . PHE A 80  ? 1.1634 1.7581 1.0737 -0.3941 -0.1405 0.3138  80  PHE A C   
514 O O   . PHE A 80  ? 1.1921 1.7680 1.0845 -0.3763 -0.1285 0.2991  80  PHE A O   
515 C CB  . PHE A 80  ? 1.1580 1.7402 1.0368 -0.4265 -0.1703 0.2997  80  PHE A CB  
516 C CG  . PHE A 80  ? 1.2286 1.7736 1.0909 -0.4428 -0.1911 0.2863  80  PHE A CG  
517 C CD1 . PHE A 80  ? 1.3314 1.8292 1.1570 -0.4346 -0.1927 0.2603  80  PHE A CD1 
518 C CD2 . PHE A 80  ? 1.2441 1.8011 1.1266 -0.4664 -0.2097 0.3005  80  PHE A CD2 
519 C CE1 . PHE A 80  ? 1.3952 1.8521 1.2022 -0.4521 -0.2165 0.2473  80  PHE A CE1 
520 C CE2 . PHE A 80  ? 1.3257 1.8490 1.1967 -0.4850 -0.2327 0.2912  80  PHE A CE2 
521 C CZ  . PHE A 80  ? 1.3664 1.8369 1.1985 -0.4790 -0.2379 0.2640  80  PHE A CZ  
522 N N   . GLY A 81  ? 1.0734 1.7063 1.0057 -0.3958 -0.1368 0.3342  81  GLY A N   
523 C CA  . GLY A 81  ? 1.0483 1.7056 0.9905 -0.3808 -0.1219 0.3439  81  GLY A CA  
524 C C   . GLY A 81  ? 1.1167 1.7595 1.0797 -0.3655 -0.1127 0.3483  81  GLY A C   
525 O O   . GLY A 81  ? 1.1197 1.7679 1.0817 -0.3474 -0.0975 0.3458  81  GLY A O   
526 N N   . ILE A 82  ? 1.0821 1.7088 1.0665 -0.3724 -0.1217 0.3573  82  ILE A N   
527 C CA  . ILE A 82  ? 1.0991 1.7088 1.1074 -0.3590 -0.1162 0.3640  82  ILE A CA  
528 C C   . ILE A 82  ? 1.2104 1.7757 1.2006 -0.3446 -0.1111 0.3406  82  ILE A C   
529 O O   . ILE A 82  ? 1.2262 1.7830 1.2274 -0.3228 -0.0978 0.3399  82  ILE A O   
530 C CB  . ILE A 82  ? 1.1277 1.7343 1.1633 -0.3718 -0.1286 0.3836  82  ILE A CB  
531 C CG1 . ILE A 82  ? 1.1569 1.7397 1.1857 -0.3912 -0.1448 0.3785  82  ILE A CG1 
532 C CG2 . ILE A 82  ? 1.0865 1.7336 1.1352 -0.3794 -0.1305 0.4056  82  ILE A CG2 
533 C CD1 . ILE A 82  ? 1.3351 1.8672 1.3686 -0.3881 -0.1513 0.3700  82  ILE A CD1 
534 N N   . ALA A 83  ? 1.2011 1.7381 1.1626 -0.3561 -0.1225 0.3214  83  ALA A N   
535 C CA  . ALA A 83  ? 1.2668 1.7530 1.1994 -0.3450 -0.1221 0.2947  83  ALA A CA  
536 C C   . ALA A 83  ? 1.3391 1.8342 1.2444 -0.3221 -0.1012 0.2797  83  ALA A C   
537 O O   . ALA A 83  ? 1.3851 1.8459 1.2741 -0.2998 -0.0905 0.2619  83  ALA A O   
538 C CB  . ALA A 83  ? 1.3015 1.7615 1.2097 -0.3678 -0.1436 0.2816  83  ALA A CB  
539 N N   . PHE A 84  ? 1.2631 1.8046 1.1635 -0.3264 -0.0950 0.2880  84  PHE A N   
540 C CA  . PHE A 84  ? 1.2761 1.8378 1.1546 -0.3081 -0.0752 0.2808  84  PHE A CA  
541 C C   . PHE A 84  ? 1.3292 1.9082 1.2367 -0.2830 -0.0541 0.2935  84  PHE A C   
542 O O   . PHE A 84  ? 1.3612 1.9327 1.2502 -0.2586 -0.0349 0.2806  84  PHE A O   
543 C CB  . PHE A 84  ? 1.2538 1.8604 1.1280 -0.3226 -0.0781 0.2924  84  PHE A CB  
544 C CG  . PHE A 84  ? 1.2734 1.9115 1.1346 -0.3075 -0.0587 0.2945  84  PHE A CG  
545 C CD1 . PHE A 84  ? 1.3657 1.9867 1.1835 -0.2939 -0.0478 0.2725  84  PHE A CD1 
546 C CD2 . PHE A 84  ? 1.2516 1.9361 1.1417 -0.3083 -0.0528 0.3195  84  PHE A CD2 
547 C CE1 . PHE A 84  ? 1.3776 2.0330 1.1839 -0.2803 -0.0285 0.2781  84  PHE A CE1 
548 C CE2 . PHE A 84  ? 1.2881 2.0045 1.1699 -0.2972 -0.0365 0.3257  84  PHE A CE2 
549 C CZ  . PHE A 84  ? 1.3135 2.0180 1.1550 -0.2830 -0.0230 0.3063  84  PHE A CZ  
550 N N   . ILE A 85  ? 1.2533 1.8561 1.2055 -0.2883 -0.0577 0.3194  85  ILE A N   
551 C CA  . ILE A 85  ? 1.2502 1.8739 1.2389 -0.2680 -0.0421 0.3371  85  ILE A CA  
552 C C   . ILE A 85  ? 1.3653 1.9439 1.3554 -0.2457 -0.0347 0.3232  85  ILE A C   
553 O O   . ILE A 85  ? 1.3875 1.9727 1.3825 -0.2176 -0.0128 0.3216  85  ILE A O   
554 C CB  . ILE A 85  ? 1.2377 1.8915 1.2686 -0.2823 -0.0532 0.3675  85  ILE A CB  
555 C CG1 . ILE A 85  ? 1.1977 1.8839 1.2204 -0.3042 -0.0637 0.3770  85  ILE A CG1 
556 C CG2 . ILE A 85  ? 1.2383 1.9204 1.3090 -0.2631 -0.0391 0.3893  85  ILE A CG2 
557 C CD1 . ILE A 85  ? 1.2498 1.9438 1.2923 -0.3235 -0.0814 0.3950  85  ILE A CD1 
558 N N   . GLY A 86  ? 1.3486 1.8820 1.3342 -0.2579 -0.0529 0.3137  86  GLY A N   
559 C CA  . GLY A 86  ? 1.4083 1.8873 1.3926 -0.2405 -0.0521 0.2989  86  GLY A CA  
560 C C   . GLY A 86  ? 1.5263 1.9707 1.4638 -0.2174 -0.0379 0.2664  86  GLY A C   
561 O O   . GLY A 86  ? 1.5682 1.9836 1.5075 -0.1879 -0.0238 0.2567  86  GLY A O   
562 N N   . MET A 87  ? 1.4940 1.9416 1.3874 -0.2290 -0.0410 0.2499  87  MET A N   
563 C CA  . MET A 87  ? 1.5626 1.9801 1.4004 -0.2103 -0.0291 0.2183  87  MET A CA  
564 C C   . MET A 87  ? 1.6085 2.0692 1.4482 -0.1797 0.0040  0.2243  87  MET A C   
565 O O   . MET A 87  ? 1.6690 2.1024 1.4787 -0.1487 0.0233  0.2028  87  MET A O   
566 C CB  . MET A 87  ? 1.5957 2.0096 1.3899 -0.2363 -0.0462 0.2044  87  MET A CB  
567 C CG  . MET A 87  ? 1.7336 2.0898 1.4632 -0.2264 -0.0483 0.1668  87  MET A CG  
568 S SD  . MET A 87  ? 1.8519 2.1240 1.5693 -0.2432 -0.0815 0.1473  87  MET A SD  
569 C CE  . MET A 87  ? 1.9277 2.1308 1.5695 -0.2131 -0.0720 0.1021  87  MET A CE  
570 N N   . ILE A 88  ? 1.4942 2.0213 1.3682 -0.1882 0.0104  0.2541  88  ILE A N   
571 C CA  . ILE A 88  ? 1.4822 2.0612 1.3683 -0.1652 0.0390  0.2685  88  ILE A CA  
572 C C   . ILE A 88  ? 1.5480 2.1319 1.4789 -0.1357 0.0567  0.2820  88  ILE A C   
573 O O   . ILE A 88  ? 1.5853 2.1768 1.5072 -0.1020 0.0847  0.2757  88  ILE A O   
574 C CB  . ILE A 88  ? 1.4469 2.0886 1.3564 -0.1885 0.0335  0.2972  88  ILE A CB  
575 C CG1 . ILE A 88  ? 1.4518 2.0951 1.3138 -0.2083 0.0236  0.2837  88  ILE A CG1 
576 C CG2 . ILE A 88  ? 1.4311 2.1329 1.3785 -0.1707 0.0568  0.3254  88  ILE A CG2 
577 C CD1 . ILE A 88  ? 1.6025 2.2441 1.4101 -0.1886 0.0442  0.2630  88  ILE A CD1 
578 N N   . THR A 89  ? 1.4757 2.0564 1.4540 -0.1471 0.0408  0.3013  89  THR A N   
579 C CA  . THR A 89  ? 1.4833 2.0690 1.5106 -0.1228 0.0524  0.3186  89  THR A CA  
580 C C   . THR A 89  ? 1.6273 2.1519 1.6300 -0.0900 0.0645  0.2893  89  THR A C   
581 O O   . THR A 89  ? 1.6475 2.1853 1.6724 -0.0544 0.0896  0.2953  89  THR A O   
582 C CB  . THR A 89  ? 1.5315 2.1209 1.6052 -0.1463 0.0282  0.3438  89  THR A CB  
583 O OG1 . THR A 89  ? 1.4620 2.0967 1.5446 -0.1762 0.0155  0.3638  89  THR A OG1 
584 C CG2 . THR A 89  ? 1.5062 2.1143 1.6376 -0.1245 0.0382  0.3696  89  THR A CG2 
585 N N   . SER A 90  ? 1.6418 2.0997 1.5986 -0.1012 0.0462  0.2581  90  SER A N   
586 C CA  . SER A 90  ? 1.7378 2.1242 1.6607 -0.0729 0.0522  0.2253  90  SER A CA  
587 C C   . SER A 90  ? 1.8584 2.2470 1.7320 -0.0394 0.0830  0.2015  90  SER A C   
588 O O   . SER A 90  ? 1.9230 2.2795 1.7871 0.0005  0.1034  0.1853  90  SER A O   
589 C CB  . SER A 90  ? 1.8170 2.1345 1.7025 -0.1000 0.0199  0.2009  90  SER A CB  
590 O OG  . SER A 90  ? 2.0264 2.2657 1.8740 -0.0748 0.0213  0.1671  90  SER A OG  
591 N N   . THR A 91  ? 1.7975 2.2254 1.6402 -0.0540 0.0871  0.2006  91  THR A N   
592 C CA  . THR A 91  ? 1.8480 2.2878 1.6409 -0.0267 0.1159  0.1825  91  THR A CA  
593 C C   . THR A 91  ? 1.8938 2.4012 1.7303 0.0067  0.1528  0.2097  91  THR A C   
594 O O   . THR A 91  ? 1.9350 2.4578 1.7366 0.0364  0.1828  0.1984  91  THR A O   
595 C CB  . THR A 91  ? 1.9126 2.3771 1.6663 -0.0570 0.1048  0.1796  91  THR A CB  
596 N N   . ILE A 92  ? 1.7984 2.3478 1.7106 0.0013  0.1499  0.2471  92  ILE A N   
597 C CA  . ILE A 92  ? 1.7779 2.3964 1.7454 0.0275  0.1791  0.2802  92  ILE A CA  
598 C C   . ILE A 92  ? 1.8753 2.4689 1.8873 0.0578  0.1863  0.2856  92  ILE A C   
599 O O   . ILE A 92  ? 1.9114 2.5240 1.9357 0.1011  0.2199  0.2882  92  ILE A O   
600 C CB  . ILE A 92  ? 1.7192 2.4120 1.7377 -0.0062 0.1668  0.3227  92  ILE A CB  
601 C CG1 . ILE A 92  ? 1.7024 2.4215 1.6778 -0.0292 0.1642  0.3186  92  ILE A CG1 
602 C CG2 . ILE A 92  ? 1.7023 2.4656 1.7896 0.0158  0.1900  0.3628  92  ILE A CG2 
603 C CD1 . ILE A 92  ? 1.7027 2.4649 1.7100 -0.0713 0.1392  0.3484  92  ILE A CD1 
604 N N   . THR A 93  ? 1.8288 2.3818 1.8649 0.0363  0.1557  0.2884  93  THR A N   
605 C CA  . THR A 93  ? 1.8602 2.3852 1.9409 0.0597  0.1563  0.2963  93  THR A CA  
606 C C   . THR A 93  ? 2.0366 2.4916 2.0740 0.1033  0.1745  0.2575  93  THR A C   
607 O O   . THR A 93  ? 2.0638 2.5207 2.1380 0.1426  0.1952  0.2663  93  THR A O   
608 C CB  . THR A 93  ? 1.9203 2.4124 2.0244 0.0231  0.1176  0.3057  93  THR A CB  
609 N N   . ASN A 94  ? 2.0687 2.4613 2.0283 0.0972  0.1659  0.2152  94  ASN A N   
610 C CA  . ASN A 94  ? 2.1884 2.5028 2.0923 0.1364  0.1791  0.1723  94  ASN A CA  
611 C C   . ASN A 94  ? 2.3064 2.6520 2.1703 0.1771  0.2218  0.1585  94  ASN A C   
612 O O   . ASN A 94  ? 2.3975 2.6908 2.2220 0.2218  0.2427  0.1273  94  ASN A O   
613 C CB  . ASN A 94  ? 2.2462 2.4758 2.0841 0.1075  0.1450  0.1345  94  ASN A CB  
614 N N   . PHE A 95  ? 2.2182 2.6474 2.0913 0.1626  0.2346  0.1826  95  PHE A N   
615 C CA  . PHE A 95  ? 2.2601 2.7338 2.0998 0.1952  0.2749  0.1778  95  PHE A CA  
616 C C   . PHE A 95  ? 2.3172 2.8613 2.2250 0.2365  0.3132  0.2124  95  PHE A C   
617 O O   . PHE A 95  ? 2.3851 2.9340 2.2650 0.2852  0.3523  0.1983  95  PHE A O   
618 C CB  . PHE A 95  ? 2.2208 2.7513 2.0425 0.1569  0.2676  0.1916  95  PHE A CB  
619 C CG  . PHE A 95  ? 2.2849 2.8522 2.0561 0.1822  0.3030  0.1830  95  PHE A CG  
620 C CD1 . PHE A 95  ? 2.4111 2.9178 2.0863 0.1902  0.3038  0.1370  95  PHE A CD1 
621 C CD2 . PHE A 95  ? 2.2706 2.9348 2.0894 0.1946  0.3331  0.2234  95  PHE A CD2 
622 C CE1 . PHE A 95  ? 2.4666 3.0091 2.0906 0.2132  0.3369  0.1305  95  PHE A CE1 
623 C CE2 . PHE A 95  ? 2.3479 3.0508 2.1207 0.2168  0.3667  0.2191  95  PHE A CE2 
624 C CZ  . PHE A 95  ? 2.4100 3.0521 2.0837 0.2267  0.3694  0.1724  95  PHE A CZ  
625 N N   . PHE A 96  ? 2.2001 2.8004 2.1955 0.2173  0.3018  0.2586  96  PHE A N   
626 C CA  . PHE A 96  ? 2.1828 2.8588 2.2553 0.2491  0.3318  0.2996  96  PHE A CA  
627 C C   . PHE A 96  ? 2.2658 2.9037 2.3873 0.2775  0.3304  0.3034  96  PHE A C   
628 O O   . PHE A 96  ? 2.2155 2.9153 2.4184 0.2901  0.3410  0.3457  96  PHE A O   
629 C CB  . PHE A 96  ? 2.1006 2.8660 2.2377 0.2090  0.3181  0.3508  96  PHE A CB  
630 C CG  . PHE A 96  ? 2.0976 2.9166 2.2028 0.1902  0.3271  0.3572  96  PHE A CG  
631 C CD1 . PHE A 96  ? 2.1473 3.0461 2.2749 0.2174  0.3655  0.3833  96  PHE A CD1 
632 C CD2 . PHE A 96  ? 2.0969 2.8903 2.1540 0.1449  0.2966  0.3409  96  PHE A CD2 
633 C CE1 . PHE A 96  ? 2.1368 3.0850 2.2367 0.1982  0.3720  0.3926  96  PHE A CE1 
634 C CE2 . PHE A 96  ? 2.1109 2.9524 2.1409 0.1277  0.3032  0.3489  96  PHE A CE2 
635 C CZ  . PHE A 96  ? 2.0949 3.0118 2.1453 0.1536  0.3401  0.3747  96  PHE A CZ  
636 N N   . ARG A 97  ? 2.3070 2.8427 2.3795 0.2877  0.3164  0.2605  97  ARG A N   
637 C CA  . ARG A 97  ? 2.3494 2.8343 2.4595 0.3154  0.3126  0.2595  97  ARG A CA  
638 C C   . ARG A 97  ? 2.5292 2.9475 2.5843 0.3753  0.3429  0.2161  97  ARG A C   
639 O O   . ARG A 97  ? 2.5663 2.9696 2.6624 0.4178  0.3585  0.2223  97  ARG A O   
640 C CB  . ARG A 97  ? 2.3241 2.7402 2.4328 0.2715  0.2632  0.2516  97  ARG A CB  
641 C CG  . ARG A 97  ? 2.4252 2.8262 2.6062 0.2819  0.2512  0.2766  97  ARG A CG  
642 N N   . CYS A 98  ? 2.5536 2.9305 2.5140 0.3795  0.3505  0.1723  98  CYS A N   
643 C CA  . CYS A 98  ? 2.6848 2.9904 2.5728 0.4343  0.3776  0.1239  98  CYS A CA  
644 C C   . CYS A 98  ? 2.7527 3.1260 2.6659 0.4752  0.4267  0.1273  98  CYS A C   
645 O O   . CYS A 98  ? 2.8090 3.1231 2.7136 0.4779  0.4283  0.0635  98  CYS A O   
646 C CB  . CYS A 98  ? 2.7430 2.9811 2.5227 0.4128  0.3606  0.0750  98  CYS A CB  
647 S SG  . CYS A 98  ? 2.7277 3.0560 2.4749 0.3827  0.3728  0.0888  98  CYS A SG  
648 N N   . LYS A 99  ? 2.6276 3.1252 2.5936 0.4791  0.4519  0.1885  99  LYS A N   
649 C CA  . LYS A 99  ? 2.5895 3.1372 2.6059 0.4652  0.4727  0.1681  99  LYS A CA  
650 C C   . LYS A 99  ? 2.5799 3.1422 2.7040 0.4614  0.4636  0.1700  99  LYS A C   
651 O O   . LYS A 99  ? 2.5617 3.1611 2.7274 0.4642  0.4836  0.1521  99  LYS A O   
652 C CB  . LYS A 99  ? 2.5409 3.1853 2.5711 0.4341  0.4809  0.2079  99  LYS A CB  
653 C CG  . LYS A 99  ? 2.7226 3.3481 2.7497 0.3799  0.4871  0.1386  99  LYS A CG  
654 C CD  . LYS A 99  ? 2.7595 3.4294 2.7985 0.3213  0.4793  0.1549  99  LYS A CD  
655 N N   . LYS A 100 ? 2.5244 3.0693 2.6868 0.4738  0.4438  0.2064  100 LYS A N   
656 C CA  . LYS A 100 ? 2.4928 3.0534 2.7490 0.4813  0.4340  0.2199  100 LYS A CA  
657 C C   . LYS A 100 ? 2.5928 3.0769 2.8580 0.4809  0.4179  0.1306  100 LYS A C   
658 O O   . LYS A 100 ? 2.5572 3.0825 2.8884 0.4752  0.4193  0.1124  100 LYS A O   
659 C CB  . LYS A 100 ? 2.4861 3.0271 2.7792 0.4634  0.3986  0.2599  100 LYS A CB  
660 C CG  . LYS A 100 ? 2.6270 3.1767 3.0131 0.4353  0.3621  0.2531  100 LYS A CG  
661 C CD  . LYS A 100 ? 2.6671 3.2982 3.1089 0.3900  0.3485  0.2856  100 LYS A CD  
662 N N   . PRO A 101 ? 2.6369 3.0265 2.8411 0.5033  0.4126  0.0895  101 PRO A N   
663 C CA  . PRO A 101 ? 2.6717 3.0160 2.9106 0.5010  0.3961  0.0129  101 PRO A CA  
664 C C   . PRO A 101 ? 2.7039 3.0708 2.9454 0.4644  0.4072  -0.0574 101 PRO A C   
665 O O   . PRO A 101 ? 2.6813 3.0820 2.9926 0.4600  0.4082  -0.0908 101 PRO A O   
666 C CB  . PRO A 101 ? 2.7597 2.9950 2.9558 0.4928  0.3603  -0.0265 101 PRO A CB  
667 C CG  . PRO A 101 ? 2.7987 3.0157 2.9429 0.4781  0.3486  0.0217  101 PRO A CG  
668 C CD  . PRO A 101 ? 2.7009 3.0121 2.8227 0.4936  0.3940  0.0819  101 PRO A CD  
669 N N   . THR A 102 ? 2.7056 3.0599 2.8493 0.4767  0.4394  -0.0541 102 THR A N   
670 C CA  . THR A 102 ? 2.9865 3.3501 3.1729 0.3616  0.4143  -0.1575 102 THR A CA  
671 C C   . THR A 102 ? 3.0930 3.3906 3.2390 0.1935  0.3114  -0.1534 102 THR A C   
672 O O   . THR A 102 ? 2.6414 2.9710 2.7634 0.2222  0.3663  -0.1712 102 THR A O   
673 C CB  . THR A 102 ? 3.1978 3.5002 3.3487 0.3814  0.4224  -0.2105 102 THR A CB  
# 
loop_
_pdbx_poly_seq_scheme.asym_id 
_pdbx_poly_seq_scheme.entity_id 
_pdbx_poly_seq_scheme.seq_id 
_pdbx_poly_seq_scheme.mon_id 
_pdbx_poly_seq_scheme.ndb_seq_num 
_pdbx_poly_seq_scheme.pdb_seq_num 
_pdbx_poly_seq_scheme.auth_seq_num 
_pdbx_poly_seq_scheme.pdb_mon_id 
_pdbx_poly_seq_scheme.auth_mon_id 
_pdbx_poly_seq_scheme.pdb_strand_id 
_pdbx_poly_seq_scheme.pdb_ins_code 
_pdbx_poly_seq_scheme.hetero 
A 1 1   MET 1   1   ?   ?   ?   A . n 
A 1 2   ARG 2   2   ?   ?   ?   A . n 
A 1 3   TYR 3   3   ?   ?   ?   A . n 
A 1 4   ILE 4   4   ?   ?   ?   A . n 
A 1 5   VAL 5   5   ?   ?   ?   A . n 
A 1 6   PRO 6   6   ?   ?   ?   A . n 
A 1 7   ILE 7   7   ?   ?   ?   A . n 
A 1 8   TYR 8   8   ?   ?   ?   A . n 
A 1 9   SER 9   9   ?   ?   ?   A . n 
A 1 10  PHE 10  10  ?   ?   ?   A . n 
A 1 11  PHE 11  11  ?   ?   ?   A . n 
A 1 12  ARG 12  12  12  ARG ARG A . n 
A 1 13  SER 13  13  13  SER SER A . n 
A 1 14  ASN 14  14  14  ASN ASN A . n 
A 1 15  GLY 15  15  15  GLY GLY A . n 
A 1 16  LEU 16  16  16  LEU LEU A . n 
A 1 17  ASN 17  17  17  ASN ASN A . n 
A 1 18  ARG 18  18  18  ARG ARG A . n 
A 1 19  PHE 19  19  19  PHE PHE A . n 
A 1 20  LEU 20  20  20  LEU LEU A . n 
A 1 21  MET 21  21  21  MET MET A . n 
A 1 22  ILE 22  22  22  ILE ILE A . n 
A 1 23  PHE 23  23  23  PHE PHE A . n 
A 1 24  VAL 24  24  24  VAL VAL A . n 
A 1 25  LEU 25  25  25  LEU LEU A . n 
A 1 26  LEU 26  26  26  LEU LEU A . n 
A 1 27  VAL 27  27  27  VAL VAL A . n 
A 1 28  ILE 28  28  28  ILE ILE A . n 
A 1 29  ILE 29  29  29  ILE ILE A . n 
A 1 30  ILE 30  30  30  ILE ILE A . n 
A 1 31  PRO 31  31  31  PRO PRO A . n 
A 1 32  VAL 32  32  32  VAL VAL A . n 
A 1 33  PRO 33  33  33  PRO PRO A . n 
A 1 34  MET 34  34  34  MET MET A . n 
A 1 35  VAL 35  35  35  VAL VAL A . n 
A 1 36  PHE 36  36  36  PHE PHE A . n 
A 1 37  ILE 37  37  37  ILE ILE A . n 
A 1 38  GLU 38  38  38  GLU GLU A . n 
A 1 39  PRO 39  39  39  PRO PRO A . n 
A 1 40  GLU 40  40  40  GLU GLU A . n 
A 1 41  ILE 41  41  41  ILE ILE A . n 
A 1 42  ASN 42  42  42  ASN ASN A . n 
A 1 43  ASN 43  43  43  ASN ASN A . n 
A 1 44  TYR 44  44  44  TYR TYR A . n 
A 1 45  PRO 45  45  45  PRO PRO A . n 
A 1 46  ASP 46  46  46  ASP ASP A . n 
A 1 47  ALA 47  47  47  ALA ALA A . n 
A 1 48  LEU 48  48  48  LEU LEU A . n 
A 1 49  TRP 49  49  49  TRP TRP A . n 
A 1 50  TRP 50  50  50  TRP TRP A . n 
A 1 51  ALA 51  51  51  ALA ALA A . n 
A 1 52  ILE 52  52  52  ILE ILE A . n 
A 1 53  VAL 53  53  53  VAL VAL A . n 
A 1 54  THR 54  54  54  THR THR A . n 
A 1 55  ALA 55  55  55  ALA ALA A . n 
A 1 56  THR 56  56  56  THR THR A . n 
A 1 57  THR 57  57  57  THR THR A . n 
A 1 58  VAL 58  58  58  VAL VAL A . n 
A 1 59  GLY 59  59  59  GLY GLY A . n 
A 1 60  TYR 60  60  60  TYR TYR A . n 
A 1 61  GLY 61  61  61  GLY GLY A . n 
A 1 62  ASP 62  62  62  ASP ASP A . n 
A 1 63  ILE 63  63  63  ILE ILE A . n 
A 1 64  VAL 64  64  64  VAL VAL A . n 
A 1 65  PRO 65  65  65  PRO PRO A . n 
A 1 66  VAL 66  66  66  VAL VAL A . n 
A 1 67  THR 67  67  67  THR THR A . n 
A 1 68  PRO 68  68  68  PRO PRO A . n 
A 1 69  ILE 69  69  69  ILE ILE A . n 
A 1 70  GLY 70  70  70  GLY GLY A . n 
A 1 71  ARG 71  71  71  ARG ARG A . n 
A 1 72  ILE 72  72  72  ILE ILE A . n 
A 1 73  LEU 73  73  73  LEU LEU A . n 
A 1 74  ALA 74  74  74  ALA ALA A . n 
A 1 75  SER 75  75  75  SER SER A . n 
A 1 76  ILE 76  76  76  ILE ILE A . n 
A 1 77  MET 77  77  77  MET MET A . n 
A 1 78  MET 78  78  78  MET MET A . n 
A 1 79  LEU 79  79  79  LEU LEU A . n 
A 1 80  PHE 80  80  80  PHE PHE A . n 
A 1 81  GLY 81  81  81  GLY GLY A . n 
A 1 82  ILE 82  82  82  ILE ILE A . n 
A 1 83  ALA 83  83  83  ALA ALA A . n 
A 1 84  PHE 84  84  84  PHE PHE A . n 
A 1 85  ILE 85  85  85  ILE ILE A . n 
A 1 86  GLY 86  86  86  GLY GLY A . n 
A 1 87  MET 87  87  87  MET MET A . n 
A 1 88  ILE 88  88  88  ILE ILE A . n 
A 1 89  THR 89  89  89  THR THR A . n 
A 1 90  SER 90  90  90  SER SER A . n 
A 1 91  THR 91  91  91  THR THR A . n 
A 1 92  ILE 92  92  92  ILE ILE A . n 
A 1 93  THR 93  93  93  THR THR A . n 
A 1 94  ASN 94  94  94  ASN ASN A . n 
A 1 95  PHE 95  95  95  PHE PHE A . n 
A 1 96  PHE 96  96  96  PHE PHE A . n 
A 1 97  ARG 97  97  97  ARG ARG A . n 
A 1 98  CYS 98  98  98  CYS CYS A . n 
A 1 99  LYS 99  99  99  LYS LYS A . n 
A 1 100 LYS 100 100 100 LYS LYS A . n 
A 1 101 PRO 101 101 101 PRO PRO A . n 
A 1 102 THR 102 102 102 THR THR A . n 
A 1 103 ASN 103 103 ?   ?   ?   A . n 
A 1 104 SER 104 104 ?   ?   ?   A . n 
A 1 105 SER 105 105 ?   ?   ?   A . n 
A 1 106 THR 106 106 ?   ?   ?   A . n 
A 1 107 GLN 107 107 ?   ?   ?   A . n 
A 1 108 ARG 108 108 ?   ?   ?   A . n 
A 1 109 ALA 109 109 ?   ?   ?   A . n 
A 1 110 ASN 110 110 ?   ?   ?   A . n 
A 1 111 LYS 111 111 ?   ?   ?   A . n 
A 1 112 ILE 112 112 ?   ?   ?   A . n 
A 1 113 THR 113 113 ?   ?   ?   A . n 
A 1 114 GLN 114 114 ?   ?   ?   A . n 
A 1 115 LEU 115 115 ?   ?   ?   A . n 
A 1 116 ILE 116 116 ?   ?   ?   A . n 
A 1 117 SER 117 117 ?   ?   ?   A . n 
A 1 118 GLU 118 118 ?   ?   ?   A . n 
A 1 119 THR 119 119 ?   ?   ?   A . n 
A 1 120 PRO 120 120 ?   ?   ?   A . n 
A 1 121 ASP 121 121 ?   ?   ?   A . n 
A 1 122 LEU 122 122 ?   ?   ?   A . n 
A 1 123 THR 123 123 ?   ?   ?   A . n 
A 1 124 LYS 124 124 ?   ?   ?   A . n 
A 1 125 GLU 125 125 ?   ?   ?   A . n 
A 1 126 GLU 126 126 ?   ?   ?   A . n 
A 1 127 ILE 127 127 ?   ?   ?   A . n 
A 1 128 ALA 128 128 ?   ?   ?   A . n 
A 1 129 VAL 129 129 ?   ?   ?   A . n 
A 1 130 VAL 130 130 ?   ?   ?   A . n 
A 1 131 GLU 131 131 ?   ?   ?   A . n 
A 1 132 GLN 132 132 ?   ?   ?   A . n 
A 1 133 PHE 133 133 ?   ?   ?   A . n 
A 1 134 LEU 134 134 ?   ?   ?   A . n 
A 1 135 THR 135 135 ?   ?   ?   A . n 
A 1 136 LEU 136 136 ?   ?   ?   A . n 
A 1 137 ARG 137 137 ?   ?   ?   A . n 
# 
loop_
_pdbx_nonpoly_scheme.asym_id 
_pdbx_nonpoly_scheme.entity_id 
_pdbx_nonpoly_scheme.mon_id 
_pdbx_nonpoly_scheme.ndb_seq_num 
_pdbx_nonpoly_scheme.pdb_seq_num 
_pdbx_nonpoly_scheme.auth_seq_num 
_pdbx_nonpoly_scheme.pdb_mon_id 
_pdbx_nonpoly_scheme.auth_mon_id 
_pdbx_nonpoly_scheme.pdb_strand_id 
_pdbx_nonpoly_scheme.pdb_ins_code 
B 2 K   1 201 1 K   K   A . 
C 2 K   1 202 2 K   K   A . 
D 2 K   1 203 3 K   K   A . 
E 3 OLC 1 204 4 OLC OLC A . 
F 3 OLC 1 205 5 OLC OLC A . 
G 3 OLC 1 206 6 OLC OLC A . 
H 3 OLC 1 207 7 OLC OLC A . 
# 
_pdbx_struct_assembly.id                   1 
_pdbx_struct_assembly.details              author_and_software_defined_assembly 
_pdbx_struct_assembly.method_details       PISA 
_pdbx_struct_assembly.oligomeric_details   tetrameric 
_pdbx_struct_assembly.oligomeric_count     4 
# 
_pdbx_struct_assembly_gen.assembly_id       1 
_pdbx_struct_assembly_gen.oper_expression   1,2,3,4 
_pdbx_struct_assembly_gen.asym_id_list      A,B,C,D,E,F,G,H 
# 
loop_
_pdbx_struct_assembly_prop.biol_id 
_pdbx_struct_assembly_prop.type 
_pdbx_struct_assembly_prop.value 
_pdbx_struct_assembly_prop.details 
1 'ABSA (A^2)' 8040  ? 
1 MORE         -76   ? 
1 'SSA (A^2)'  18490 ? 
# 
loop_
_pdbx_struct_oper_list.id 
_pdbx_struct_oper_list.type 
_pdbx_struct_oper_list.name 
_pdbx_struct_oper_list.symmetry_operation 
_pdbx_struct_oper_list.matrix[1][1] 
_pdbx_struct_oper_list.matrix[1][2] 
_pdbx_struct_oper_list.matrix[1][3] 
_pdbx_struct_oper_list.vector[1] 
_pdbx_struct_oper_list.matrix[2][1] 
_pdbx_struct_oper_list.matrix[2][2] 
_pdbx_struct_oper_list.matrix[2][3] 
_pdbx_struct_oper_list.vector[2] 
_pdbx_struct_oper_list.matrix[3][1] 
_pdbx_struct_oper_list.matrix[3][2] 
_pdbx_struct_oper_list.matrix[3][3] 
_pdbx_struct_oper_list.vector[3] 
1 'identity operation'         1_555 x,y,z          1.0000000000  0.0000000000  0.0000000000  0.0000000000  0.0000000000  1.0000000000 0.0000000000  0.0000000000  0.0000000000  0.0000000000  1.0000000000  0.0000000000  
2 'crystal symmetry operation' 2_655 -x+1,-y,z      -0.7306771876 -0.6216154545 -0.2823208710 17.1207009646 -0.6216154545 0.4347309455 0.6516158620  -0.6839724952 -0.2823208710 0.6516158620  -0.7040537580 17.8384374813 
3 'crystal symmetry operation' 3_545 -y+1/2,x-1/2,z 0.1346614062  -0.6954804726 0.7058138691  0.8744486025  0.0738650181  0.7173654728 0.6927703354  -6.9079377228 -0.9881347402 -0.0411544733 0.1479731210  16.0441195425 
4 'crystal symmetry operation' 4_555 y+1/2,-x+1/2,z 0.1346614062  0.0738650181  -0.9881347402 16.2462523621 -0.6954804726 0.7173654728 -0.0411544733 6.2239652276  0.7058138691  0.6927703354  0.1479731210  1.7943179388 
# 
loop_
_pdbx_struct_special_symmetry.id 
_pdbx_struct_special_symmetry.PDB_model_num 
_pdbx_struct_special_symmetry.auth_asym_id 
_pdbx_struct_special_symmetry.auth_comp_id 
_pdbx_struct_special_symmetry.auth_seq_id 
_pdbx_struct_special_symmetry.PDB_ins_code 
_pdbx_struct_special_symmetry.label_asym_id 
_pdbx_struct_special_symmetry.label_comp_id 
_pdbx_struct_special_symmetry.label_seq_id 
1 1 A K 201 ? B K . 
2 1 A K 202 ? C K . 
3 1 A K 203 ? D K . 
# 
_pdbx_struct_conn_angle.id                    1 
_pdbx_struct_conn_angle.ptnr1_label_atom_id   O 
_pdbx_struct_conn_angle.ptnr1_label_alt_id    ? 
_pdbx_struct_conn_angle.ptnr1_label_asym_id   A 
_pdbx_struct_conn_angle.ptnr1_label_comp_id   VAL 
_pdbx_struct_conn_angle.ptnr1_label_seq_id    58 
_pdbx_struct_conn_angle.ptnr1_auth_atom_id    ? 
_pdbx_struct_conn_angle.ptnr1_auth_asym_id    A 
_pdbx_struct_conn_angle.ptnr1_auth_comp_id    VAL 
_pdbx_struct_conn_angle.ptnr1_auth_seq_id     58 
_pdbx_struct_conn_angle.ptnr1_PDB_ins_code    ? 
_pdbx_struct_conn_angle.ptnr1_symmetry        1_555 
_pdbx_struct_conn_angle.ptnr2_label_atom_id   K 
_pdbx_struct_conn_angle.ptnr2_label_alt_id    ? 
_pdbx_struct_conn_angle.ptnr2_label_asym_id   B 
_pdbx_struct_conn_angle.ptnr2_label_comp_id   K 
_pdbx_struct_conn_angle.ptnr2_label_seq_id    . 
_pdbx_struct_conn_angle.ptnr2_auth_atom_id    ? 
_pdbx_struct_conn_angle.ptnr2_auth_asym_id    A 
_pdbx_struct_conn_angle.ptnr2_auth_comp_id    K 
_pdbx_struct_conn_angle.ptnr2_auth_seq_id     201 
_pdbx_struct_conn_angle.ptnr2_PDB_ins_code    ? 
_pdbx_struct_conn_angle.ptnr2_symmetry        1_555 
_pdbx_struct_conn_angle.ptnr3_label_atom_id   O 
_pdbx_struct_conn_angle.ptnr3_label_alt_id    ? 
_pdbx_struct_conn_angle.ptnr3_label_asym_id   A 
_pdbx_struct_conn_angle.ptnr3_label_comp_id   GLY 
_pdbx_struct_conn_angle.ptnr3_label_seq_id    59 
_pdbx_struct_conn_angle.ptnr3_auth_atom_id    ? 
_pdbx_struct_conn_angle.ptnr3_auth_asym_id    A 
_pdbx_struct_conn_angle.ptnr3_auth_comp_id    GLY 
_pdbx_struct_conn_angle.ptnr3_auth_seq_id     59 
_pdbx_struct_conn_angle.ptnr3_PDB_ins_code    ? 
_pdbx_struct_conn_angle.ptnr3_symmetry        1_555 
_pdbx_struct_conn_angle.value                 65.5 
_pdbx_struct_conn_angle.value_esd             ? 
# 
loop_
_pdbx_audit_revision_history.ordinal 
_pdbx_audit_revision_history.data_content_type 
_pdbx_audit_revision_history.major_revision 
_pdbx_audit_revision_history.minor_revision 
_pdbx_audit_revision_history.revision_date 
1 'Structure model' 1 0 2012-11-07 
2 'Structure model' 1 1 2013-01-16 
3 'Structure model' 1 2 2017-11-15 
4 'Structure model' 1 3 2023-09-20 
# 
_pdbx_audit_revision_details.ordinal             1 
_pdbx_audit_revision_details.revision_ordinal    1 
_pdbx_audit_revision_details.data_content_type   'Structure model' 
_pdbx_audit_revision_details.provider            repository 
_pdbx_audit_revision_details.type                'Initial release' 
_pdbx_audit_revision_details.description         ? 
_pdbx_audit_revision_details.details             ? 
# 
loop_
_pdbx_audit_revision_group.ordinal 
_pdbx_audit_revision_group.revision_ordinal 
_pdbx_audit_revision_group.data_content_type 
_pdbx_audit_revision_group.group 
1 2 'Structure model' 'Database references'    
2 3 'Structure model' 'Refinement description' 
3 4 'Structure model' 'Data collection'        
4 4 'Structure model' 'Database references'    
5 4 'Structure model' 'Derived calculations'   
6 4 'Structure model' 'Refinement description' 
# 
loop_
_pdbx_audit_revision_category.ordinal 
_pdbx_audit_revision_category.revision_ordinal 
_pdbx_audit_revision_category.data_content_type 
_pdbx_audit_revision_category.category 
1 3 'Structure model' software                      
2 4 'Structure model' chem_comp_atom                
3 4 'Structure model' chem_comp_bond                
4 4 'Structure model' database_2                    
5 4 'Structure model' pdbx_initial_refinement_model 
6 4 'Structure model' pdbx_struct_conn_angle        
7 4 'Structure model' struct_conn                   
8 4 'Structure model' struct_ref_seq_dif            
9 4 'Structure model' struct_site                   
# 
loop_
_pdbx_audit_revision_item.ordinal 
_pdbx_audit_revision_item.revision_ordinal 
_pdbx_audit_revision_item.data_content_type 
_pdbx_audit_revision_item.item 
1  3 'Structure model' '_software.name'                              
2  4 'Structure model' '_database_2.pdbx_DOI'                        
3  4 'Structure model' '_database_2.pdbx_database_accession'         
4  4 'Structure model' '_pdbx_struct_conn_angle.ptnr1_auth_comp_id'  
5  4 'Structure model' '_pdbx_struct_conn_angle.ptnr1_auth_seq_id'   
6  4 'Structure model' '_pdbx_struct_conn_angle.ptnr1_label_comp_id' 
7  4 'Structure model' '_pdbx_struct_conn_angle.ptnr1_label_seq_id'  
8  4 'Structure model' '_pdbx_struct_conn_angle.ptnr3_auth_comp_id'  
9  4 'Structure model' '_pdbx_struct_conn_angle.ptnr3_auth_seq_id'   
10 4 'Structure model' '_pdbx_struct_conn_angle.ptnr3_label_comp_id' 
11 4 'Structure model' '_pdbx_struct_conn_angle.ptnr3_label_seq_id'  
12 4 'Structure model' '_struct_conn.pdbx_dist_value'                
13 4 'Structure model' '_struct_conn.ptnr1_auth_comp_id'             
14 4 'Structure model' '_struct_conn.ptnr1_auth_seq_id'              
15 4 'Structure model' '_struct_conn.ptnr1_label_comp_id'            
16 4 'Structure model' '_struct_conn.ptnr1_label_seq_id'             
17 4 'Structure model' '_struct_conn.ptnr2_auth_seq_id'              
18 4 'Structure model' '_struct_conn.ptnr2_label_asym_id'            
19 4 'Structure model' '_struct_ref_seq_dif.details'                 
20 4 'Structure model' '_struct_site.pdbx_auth_asym_id'              
21 4 'Structure model' '_struct_site.pdbx_auth_comp_id'              
22 4 'Structure model' '_struct_site.pdbx_auth_seq_id'               
# 
_pdbx_refine_tls.pdbx_refine_id   'X-RAY DIFFRACTION' 
_pdbx_refine_tls.id               1 
_pdbx_refine_tls.details          ? 
_pdbx_refine_tls.method           refined 
_pdbx_refine_tls.origin_x         -0.3422 
_pdbx_refine_tls.origin_y         0.8922 
_pdbx_refine_tls.origin_z         0.0529 
_pdbx_refine_tls.T[1][1]          -0.3808 
_pdbx_refine_tls.T[2][2]          0.3297 
_pdbx_refine_tls.T[3][3]          -0.5167 
_pdbx_refine_tls.T[1][2]          -0.4003 
_pdbx_refine_tls.T[1][3]          -0.1331 
_pdbx_refine_tls.T[2][3]          0.3264 
_pdbx_refine_tls.L[1][1]          3.0856 
_pdbx_refine_tls.L[2][2]          3.2348 
_pdbx_refine_tls.L[3][3]          3.2586 
_pdbx_refine_tls.L[1][2]          -0.1865 
_pdbx_refine_tls.L[1][3]          1.2571 
_pdbx_refine_tls.L[2][3]          -2.0236 
_pdbx_refine_tls.S[1][1]          0.0569 
_pdbx_refine_tls.S[1][2]          0.4738 
_pdbx_refine_tls.S[1][3]          -0.6330 
_pdbx_refine_tls.S[2][1]          -0.6615 
_pdbx_refine_tls.S[2][2]          -0.0856 
_pdbx_refine_tls.S[2][3]          -0.1070 
_pdbx_refine_tls.S[3][1]          0.6579 
_pdbx_refine_tls.S[3][2]          0.0576 
_pdbx_refine_tls.S[3][3]          0.0287 
# 
loop_
_pdbx_refine_tls_group.pdbx_refine_id 
_pdbx_refine_tls_group.id 
_pdbx_refine_tls_group.refine_tls_id 
_pdbx_refine_tls_group.beg_auth_asym_id 
_pdbx_refine_tls_group.beg_auth_seq_id 
_pdbx_refine_tls_group.beg_label_asym_id 
_pdbx_refine_tls_group.beg_label_seq_id 
_pdbx_refine_tls_group.end_auth_asym_id 
_pdbx_refine_tls_group.end_auth_seq_id 
_pdbx_refine_tls_group.end_label_asym_id 
_pdbx_refine_tls_group.end_label_seq_id 
_pdbx_refine_tls_group.selection 
_pdbx_refine_tls_group.selection_details 
'X-RAY DIFFRACTION' 1 1 A 30   ? ? A 120  ? ? ? '{ A|30 - A|120 A|3001 - A|3007 }' 
'X-RAY DIFFRACTION' 2 1 A 3001 ? ? A 3007 ? ? ? '{ A|30 - A|120 A|3001 - A|3007 }' 
# 
loop_
_software.name 
_software.classification 
_software.version 
_software.citation_id 
_software.pdbx_ordinal 
Blu-Ice  'data collection' Ice   ? 1 
PHASER   phasing           .     ? 2 
BUSTER   refinement        2.8.0 ? 3 
HKL-2000 'data reduction'  .     ? 4 
HKL-2000 'data scaling'    .     ? 5 
# 
loop_
_pdbx_unobs_or_zero_occ_atoms.id 
_pdbx_unobs_or_zero_occ_atoms.PDB_model_num 
_pdbx_unobs_or_zero_occ_atoms.polymer_flag 
_pdbx_unobs_or_zero_occ_atoms.occupancy_flag 
_pdbx_unobs_or_zero_occ_atoms.auth_asym_id 
_pdbx_unobs_or_zero_occ_atoms.auth_comp_id 
_pdbx_unobs_or_zero_occ_atoms.auth_seq_id 
_pdbx_unobs_or_zero_occ_atoms.PDB_ins_code 
_pdbx_unobs_or_zero_occ_atoms.auth_atom_id 
_pdbx_unobs_or_zero_occ_atoms.label_alt_id 
_pdbx_unobs_or_zero_occ_atoms.label_asym_id 
_pdbx_unobs_or_zero_occ_atoms.label_comp_id 
_pdbx_unobs_or_zero_occ_atoms.label_seq_id 
_pdbx_unobs_or_zero_occ_atoms.label_atom_id 
1  1 Y 1 A ARG 12  ? CG  ? A ARG 12  CG  
2  1 Y 1 A ARG 12  ? CD  ? A ARG 12  CD  
3  1 Y 1 A ARG 12  ? NE  ? A ARG 12  NE  
4  1 Y 1 A ARG 12  ? CZ  ? A ARG 12  CZ  
5  1 Y 1 A ARG 12  ? NH1 ? A ARG 12  NH1 
6  1 Y 1 A ARG 12  ? NH2 ? A ARG 12  NH2 
7  1 Y 1 A ARG 18  ? CG  ? A ARG 18  CG  
8  1 Y 1 A ARG 18  ? CD  ? A ARG 18  CD  
9  1 Y 1 A ARG 18  ? NE  ? A ARG 18  NE  
10 1 Y 1 A ARG 18  ? CZ  ? A ARG 18  CZ  
11 1 Y 1 A ARG 18  ? NH1 ? A ARG 18  NH1 
12 1 Y 1 A ARG 18  ? NH2 ? A ARG 18  NH2 
13 1 Y 1 A PHE 19  ? CG  ? A PHE 19  CG  
14 1 Y 1 A PHE 19  ? CD1 ? A PHE 19  CD1 
15 1 Y 1 A PHE 19  ? CD2 ? A PHE 19  CD2 
16 1 Y 1 A PHE 19  ? CE1 ? A PHE 19  CE1 
17 1 Y 1 A PHE 19  ? CE2 ? A PHE 19  CE2 
18 1 Y 1 A PHE 19  ? CZ  ? A PHE 19  CZ  
19 1 Y 1 A LEU 25  ? CG  ? A LEU 25  CG  
20 1 Y 1 A LEU 25  ? CD1 ? A LEU 25  CD1 
21 1 Y 1 A LEU 25  ? CD2 ? A LEU 25  CD2 
22 1 Y 1 A LEU 79  ? CG  ? A LEU 79  CG  
23 1 Y 1 A LEU 79  ? CD1 ? A LEU 79  CD1 
24 1 Y 1 A LEU 79  ? CD2 ? A LEU 79  CD2 
25 1 Y 1 A THR 91  ? OG1 ? A THR 91  OG1 
26 1 Y 1 A THR 91  ? CG2 ? A THR 91  CG2 
27 1 Y 1 A THR 93  ? OG1 ? A THR 93  OG1 
28 1 Y 1 A THR 93  ? CG2 ? A THR 93  CG2 
29 1 Y 1 A ASN 94  ? CG  ? A ASN 94  CG  
30 1 Y 1 A ASN 94  ? OD1 ? A ASN 94  OD1 
31 1 Y 1 A ASN 94  ? ND2 ? A ASN 94  ND2 
32 1 Y 1 A ARG 97  ? CD  ? A ARG 97  CD  
33 1 Y 1 A ARG 97  ? NE  ? A ARG 97  NE  
34 1 Y 1 A ARG 97  ? CZ  ? A ARG 97  CZ  
35 1 Y 1 A ARG 97  ? NH1 ? A ARG 97  NH1 
36 1 Y 1 A ARG 97  ? NH2 ? A ARG 97  NH2 
37 1 Y 1 A LYS 99  ? CE  ? A LYS 99  CE  
38 1 Y 1 A LYS 99  ? NZ  ? A LYS 99  NZ  
39 1 Y 1 A LYS 100 ? CE  ? A LYS 100 CE  
40 1 Y 1 A LYS 100 ? NZ  ? A LYS 100 NZ  
41 1 Y 1 A THR 102 ? OG1 ? A THR 102 OG1 
42 1 Y 1 A THR 102 ? CG2 ? A THR 102 CG2 
43 1 N 1 A OLC 204 ? C18 ? E OLC 1   C18 
44 1 N 1 A OLC 204 ? C10 ? E OLC 1   C10 
45 1 N 1 A OLC 204 ? C9  ? E OLC 1   C9  
46 1 N 1 A OLC 204 ? C17 ? E OLC 1   C17 
47 1 N 1 A OLC 204 ? C11 ? E OLC 1   C11 
48 1 N 1 A OLC 204 ? C16 ? E OLC 1   C16 
49 1 N 1 A OLC 204 ? C12 ? E OLC 1   C12 
50 1 N 1 A OLC 204 ? C15 ? E OLC 1   C15 
51 1 N 1 A OLC 204 ? C13 ? E OLC 1   C13 
52 1 N 1 A OLC 204 ? C14 ? E OLC 1   C14 
53 1 N 1 A OLC 205 ? C18 ? F OLC 1   C18 
54 1 N 1 A OLC 205 ? C10 ? F OLC 1   C10 
55 1 N 1 A OLC 205 ? C9  ? F OLC 1   C9  
56 1 N 1 A OLC 205 ? C17 ? F OLC 1   C17 
57 1 N 1 A OLC 205 ? C11 ? F OLC 1   C11 
58 1 N 1 A OLC 205 ? C16 ? F OLC 1   C16 
59 1 N 1 A OLC 205 ? C12 ? F OLC 1   C12 
60 1 N 1 A OLC 205 ? C15 ? F OLC 1   C15 
61 1 N 1 A OLC 205 ? C13 ? F OLC 1   C13 
62 1 N 1 A OLC 205 ? C14 ? F OLC 1   C14 
63 1 N 1 A OLC 206 ? C18 ? G OLC 1   C18 
64 1 N 1 A OLC 206 ? C10 ? G OLC 1   C10 
65 1 N 1 A OLC 206 ? C9  ? G OLC 1   C9  
66 1 N 1 A OLC 206 ? C17 ? G OLC 1   C17 
67 1 N 1 A OLC 206 ? C11 ? G OLC 1   C11 
68 1 N 1 A OLC 206 ? C8  ? G OLC 1   C8  
69 1 N 1 A OLC 206 ? C16 ? G OLC 1   C16 
70 1 N 1 A OLC 206 ? C12 ? G OLC 1   C12 
71 1 N 1 A OLC 206 ? C15 ? G OLC 1   C15 
72 1 N 1 A OLC 206 ? C13 ? G OLC 1   C13 
73 1 N 1 A OLC 206 ? C14 ? G OLC 1   C14 
74 1 N 1 A OLC 207 ? C18 ? H OLC 1   C18 
75 1 N 1 A OLC 207 ? C10 ? H OLC 1   C10 
76 1 N 1 A OLC 207 ? C9  ? H OLC 1   C9  
77 1 N 1 A OLC 207 ? C17 ? H OLC 1   C17 
78 1 N 1 A OLC 207 ? C11 ? H OLC 1   C11 
79 1 N 1 A OLC 207 ? C8  ? H OLC 1   C8  
80 1 N 1 A OLC 207 ? C16 ? H OLC 1   C16 
81 1 N 1 A OLC 207 ? C12 ? H OLC 1   C12 
82 1 N 1 A OLC 207 ? C7  ? H OLC 1   C7  
83 1 N 1 A OLC 207 ? C15 ? H OLC 1   C15 
84 1 N 1 A OLC 207 ? C13 ? H OLC 1   C13 
85 1 N 1 A OLC 207 ? C14 ? H OLC 1   C14 
# 
loop_
_pdbx_unobs_or_zero_occ_residues.id 
_pdbx_unobs_or_zero_occ_residues.PDB_model_num 
_pdbx_unobs_or_zero_occ_residues.polymer_flag 
_pdbx_unobs_or_zero_occ_residues.occupancy_flag 
_pdbx_unobs_or_zero_occ_residues.auth_asym_id 
_pdbx_unobs_or_zero_occ_residues.auth_comp_id 
_pdbx_unobs_or_zero_occ_residues.auth_seq_id 
_pdbx_unobs_or_zero_occ_residues.PDB_ins_code 
_pdbx_unobs_or_zero_occ_residues.label_asym_id 
_pdbx_unobs_or_zero_occ_residues.label_comp_id 
_pdbx_unobs_or_zero_occ_residues.label_seq_id 
1  1 Y 1 A MET 1   ? A MET 1   
2  1 Y 1 A ARG 2   ? A ARG 2   
3  1 Y 1 A TYR 3   ? A TYR 3   
4  1 Y 1 A ILE 4   ? A ILE 4   
5  1 Y 1 A VAL 5   ? A VAL 5   
6  1 Y 1 A PRO 6   ? A PRO 6   
7  1 Y 1 A ILE 7   ? A ILE 7   
8  1 Y 1 A TYR 8   ? A TYR 8   
9  1 Y 1 A SER 9   ? A SER 9   
10 1 Y 1 A PHE 10  ? A PHE 10  
11 1 Y 1 A PHE 11  ? A PHE 11  
12 1 Y 1 A ASN 103 ? A ASN 103 
13 1 Y 1 A SER 104 ? A SER 104 
14 1 Y 1 A SER 105 ? A SER 105 
15 1 Y 1 A THR 106 ? A THR 106 
16 1 Y 1 A GLN 107 ? A GLN 107 
17 1 Y 1 A ARG 108 ? A ARG 108 
18 1 Y 1 A ALA 109 ? A ALA 109 
19 1 Y 1 A ASN 110 ? A ASN 110 
20 1 Y 1 A LYS 111 ? A LYS 111 
21 1 Y 1 A ILE 112 ? A ILE 112 
22 1 Y 1 A THR 113 ? A THR 113 
23 1 Y 1 A GLN 114 ? A GLN 114 
24 1 Y 1 A LEU 115 ? A LEU 115 
25 1 Y 1 A ILE 116 ? A ILE 116 
26 1 Y 1 A SER 117 ? A SER 117 
27 1 Y 1 A GLU 118 ? A GLU 118 
28 1 Y 1 A THR 119 ? A THR 119 
29 1 Y 1 A PRO 120 ? A PRO 120 
30 1 Y 1 A ASP 121 ? A ASP 121 
31 1 Y 1 A LEU 122 ? A LEU 122 
32 1 Y 1 A THR 123 ? A THR 123 
33 1 Y 1 A LYS 124 ? A LYS 124 
34 1 Y 1 A GLU 125 ? A GLU 125 
35 1 Y 1 A GLU 126 ? A GLU 126 
36 1 Y 1 A ILE 127 ? A ILE 127 
37 1 Y 1 A ALA 128 ? A ALA 128 
38 1 Y 1 A VAL 129 ? A VAL 129 
39 1 Y 1 A VAL 130 ? A VAL 130 
40 1 Y 1 A GLU 131 ? A GLU 131 
41 1 Y 1 A GLN 132 ? A GLN 132 
42 1 Y 1 A PHE 133 ? A PHE 133 
43 1 Y 1 A LEU 134 ? A LEU 134 
44 1 Y 1 A THR 135 ? A THR 135 
45 1 Y 1 A LEU 136 ? A LEU 136 
46 1 Y 1 A ARG 137 ? A ARG 137 
# 
loop_
_chem_comp_atom.comp_id 
_chem_comp_atom.atom_id 
_chem_comp_atom.type_symbol 
_chem_comp_atom.pdbx_aromatic_flag 
_chem_comp_atom.pdbx_stereo_config 
_chem_comp_atom.pdbx_ordinal 
ALA N    N N N 1   
ALA CA   C N S 2   
ALA C    C N N 3   
ALA O    O N N 4   
ALA CB   C N N 5   
ALA OXT  O N N 6   
ALA H    H N N 7   
ALA H2   H N N 8   
ALA HA   H N N 9   
ALA HB1  H N N 10  
ALA HB2  H N N 11  
ALA HB3  H N N 12  
ALA HXT  H N N 13  
ARG N    N N N 14  
ARG CA   C N S 15  
ARG C    C N N 16  
ARG O    O N N 17  
ARG CB   C N N 18  
ARG CG   C N N 19  
ARG CD   C N N 20  
ARG NE   N N N 21  
ARG CZ   C N N 22  
ARG NH1  N N N 23  
ARG NH2  N N N 24  
ARG OXT  O N N 25  
ARG H    H N N 26  
ARG H2   H N N 27  
ARG HA   H N N 28  
ARG HB2  H N N 29  
ARG HB3  H N N 30  
ARG HG2  H N N 31  
ARG HG3  H N N 32  
ARG HD2  H N N 33  
ARG HD3  H N N 34  
ARG HE   H N N 35  
ARG HH11 H N N 36  
ARG HH12 H N N 37  
ARG HH21 H N N 38  
ARG HH22 H N N 39  
ARG HXT  H N N 40  
ASN N    N N N 41  
ASN CA   C N S 42  
ASN C    C N N 43  
ASN O    O N N 44  
ASN CB   C N N 45  
ASN CG   C N N 46  
ASN OD1  O N N 47  
ASN ND2  N N N 48  
ASN OXT  O N N 49  
ASN H    H N N 50  
ASN H2   H N N 51  
ASN HA   H N N 52  
ASN HB2  H N N 53  
ASN HB3  H N N 54  
ASN HD21 H N N 55  
ASN HD22 H N N 56  
ASN HXT  H N N 57  
ASP N    N N N 58  
ASP CA   C N S 59  
ASP C    C N N 60  
ASP O    O N N 61  
ASP CB   C N N 62  
ASP CG   C N N 63  
ASP OD1  O N N 64  
ASP OD2  O N N 65  
ASP OXT  O N N 66  
ASP H    H N N 67  
ASP H2   H N N 68  
ASP HA   H N N 69  
ASP HB2  H N N 70  
ASP HB3  H N N 71  
ASP HD2  H N N 72  
ASP HXT  H N N 73  
CYS N    N N N 74  
CYS CA   C N R 75  
CYS C    C N N 76  
CYS O    O N N 77  
CYS CB   C N N 78  
CYS SG   S N N 79  
CYS OXT  O N N 80  
CYS H    H N N 81  
CYS H2   H N N 82  
CYS HA   H N N 83  
CYS HB2  H N N 84  
CYS HB3  H N N 85  
CYS HG   H N N 86  
CYS HXT  H N N 87  
GLN N    N N N 88  
GLN CA   C N S 89  
GLN C    C N N 90  
GLN O    O N N 91  
GLN CB   C N N 92  
GLN CG   C N N 93  
GLN CD   C N N 94  
GLN OE1  O N N 95  
GLN NE2  N N N 96  
GLN OXT  O N N 97  
GLN H    H N N 98  
GLN H2   H N N 99  
GLN HA   H N N 100 
GLN HB2  H N N 101 
GLN HB3  H N N 102 
GLN HG2  H N N 103 
GLN HG3  H N N 104 
GLN HE21 H N N 105 
GLN HE22 H N N 106 
GLN HXT  H N N 107 
GLU N    N N N 108 
GLU CA   C N S 109 
GLU C    C N N 110 
GLU O    O N N 111 
GLU CB   C N N 112 
GLU CG   C N N 113 
GLU CD   C N N 114 
GLU OE1  O N N 115 
GLU OE2  O N N 116 
GLU OXT  O N N 117 
GLU H    H N N 118 
GLU H2   H N N 119 
GLU HA   H N N 120 
GLU HB2  H N N 121 
GLU HB3  H N N 122 
GLU HG2  H N N 123 
GLU HG3  H N N 124 
GLU HE2  H N N 125 
GLU HXT  H N N 126 
GLY N    N N N 127 
GLY CA   C N N 128 
GLY C    C N N 129 
GLY O    O N N 130 
GLY OXT  O N N 131 
GLY H    H N N 132 
GLY H2   H N N 133 
GLY HA2  H N N 134 
GLY HA3  H N N 135 
GLY HXT  H N N 136 
ILE N    N N N 137 
ILE CA   C N S 138 
ILE C    C N N 139 
ILE O    O N N 140 
ILE CB   C N S 141 
ILE CG1  C N N 142 
ILE CG2  C N N 143 
ILE CD1  C N N 144 
ILE OXT  O N N 145 
ILE H    H N N 146 
ILE H2   H N N 147 
ILE HA   H N N 148 
ILE HB   H N N 149 
ILE HG12 H N N 150 
ILE HG13 H N N 151 
ILE HG21 H N N 152 
ILE HG22 H N N 153 
ILE HG23 H N N 154 
ILE HD11 H N N 155 
ILE HD12 H N N 156 
ILE HD13 H N N 157 
ILE HXT  H N N 158 
K   K    K N N 159 
LEU N    N N N 160 
LEU CA   C N S 161 
LEU C    C N N 162 
LEU O    O N N 163 
LEU CB   C N N 164 
LEU CG   C N N 165 
LEU CD1  C N N 166 
LEU CD2  C N N 167 
LEU OXT  O N N 168 
LEU H    H N N 169 
LEU H2   H N N 170 
LEU HA   H N N 171 
LEU HB2  H N N 172 
LEU HB3  H N N 173 
LEU HG   H N N 174 
LEU HD11 H N N 175 
LEU HD12 H N N 176 
LEU HD13 H N N 177 
LEU HD21 H N N 178 
LEU HD22 H N N 179 
LEU HD23 H N N 180 
LEU HXT  H N N 181 
LYS N    N N N 182 
LYS CA   C N S 183 
LYS C    C N N 184 
LYS O    O N N 185 
LYS CB   C N N 186 
LYS CG   C N N 187 
LYS CD   C N N 188 
LYS CE   C N N 189 
LYS NZ   N N N 190 
LYS OXT  O N N 191 
LYS H    H N N 192 
LYS H2   H N N 193 
LYS HA   H N N 194 
LYS HB2  H N N 195 
LYS HB3  H N N 196 
LYS HG2  H N N 197 
LYS HG3  H N N 198 
LYS HD2  H N N 199 
LYS HD3  H N N 200 
LYS HE2  H N N 201 
LYS HE3  H N N 202 
LYS HZ1  H N N 203 
LYS HZ2  H N N 204 
LYS HZ3  H N N 205 
LYS HXT  H N N 206 
MET N    N N N 207 
MET CA   C N S 208 
MET C    C N N 209 
MET O    O N N 210 
MET CB   C N N 211 
MET CG   C N N 212 
MET SD   S N N 213 
MET CE   C N N 214 
MET OXT  O N N 215 
MET H    H N N 216 
MET H2   H N N 217 
MET HA   H N N 218 
MET HB2  H N N 219 
MET HB3  H N N 220 
MET HG2  H N N 221 
MET HG3  H N N 222 
MET HE1  H N N 223 
MET HE2  H N N 224 
MET HE3  H N N 225 
MET HXT  H N N 226 
OLC C18  C N N 227 
OLC C10  C N N 228 
OLC C9   C N N 229 
OLC C17  C N N 230 
OLC C11  C N N 231 
OLC C8   C N N 232 
OLC C24  C N N 233 
OLC C16  C N N 234 
OLC C12  C N N 235 
OLC C7   C N N 236 
OLC C15  C N N 237 
OLC C13  C N N 238 
OLC C6   C N N 239 
OLC C14  C N N 240 
OLC C5   C N N 241 
OLC C4   C N N 242 
OLC C3   C N N 243 
OLC C2   C N N 244 
OLC C21  C N N 245 
OLC C1   C N N 246 
OLC C22  C N R 247 
OLC O19  O N N 248 
OLC O25  O N N 249 
OLC O23  O N N 250 
OLC O20  O N N 251 
OLC H18  H N N 252 
OLC H18A H N N 253 
OLC H18B H N N 254 
OLC H10  H N N 255 
OLC H9   H N N 256 
OLC H17  H N N 257 
OLC H17A H N N 258 
OLC H11  H N N 259 
OLC H11A H N N 260 
OLC H8   H N N 261 
OLC H8A  H N N 262 
OLC H24  H N N 263 
OLC H24A H N N 264 
OLC H16  H N N 265 
OLC H16A H N N 266 
OLC H12  H N N 267 
OLC H12A H N N 268 
OLC H7   H N N 269 
OLC H7A  H N N 270 
OLC H15  H N N 271 
OLC H15A H N N 272 
OLC H13  H N N 273 
OLC H13A H N N 274 
OLC H6   H N N 275 
OLC H6A  H N N 276 
OLC H14  H N N 277 
OLC H14A H N N 278 
OLC H5   H N N 279 
OLC H5A  H N N 280 
OLC H4   H N N 281 
OLC H4A  H N N 282 
OLC H3   H N N 283 
OLC H3A  H N N 284 
OLC H2   H N N 285 
OLC H2A  H N N 286 
OLC H21  H N N 287 
OLC H21A H N N 288 
OLC H22  H N N 289 
OLC HO25 H N N 290 
OLC HO23 H N N 291 
PHE N    N N N 292 
PHE CA   C N S 293 
PHE C    C N N 294 
PHE O    O N N 295 
PHE CB   C N N 296 
PHE CG   C Y N 297 
PHE CD1  C Y N 298 
PHE CD2  C Y N 299 
PHE CE1  C Y N 300 
PHE CE2  C Y N 301 
PHE CZ   C Y N 302 
PHE OXT  O N N 303 
PHE H    H N N 304 
PHE H2   H N N 305 
PHE HA   H N N 306 
PHE HB2  H N N 307 
PHE HB3  H N N 308 
PHE HD1  H N N 309 
PHE HD2  H N N 310 
PHE HE1  H N N 311 
PHE HE2  H N N 312 
PHE HZ   H N N 313 
PHE HXT  H N N 314 
PRO N    N N N 315 
PRO CA   C N S 316 
PRO C    C N N 317 
PRO O    O N N 318 
PRO CB   C N N 319 
PRO CG   C N N 320 
PRO CD   C N N 321 
PRO OXT  O N N 322 
PRO H    H N N 323 
PRO HA   H N N 324 
PRO HB2  H N N 325 
PRO HB3  H N N 326 
PRO HG2  H N N 327 
PRO HG3  H N N 328 
PRO HD2  H N N 329 
PRO HD3  H N N 330 
PRO HXT  H N N 331 
SER N    N N N 332 
SER CA   C N S 333 
SER C    C N N 334 
SER O    O N N 335 
SER CB   C N N 336 
SER OG   O N N 337 
SER OXT  O N N 338 
SER H    H N N 339 
SER H2   H N N 340 
SER HA   H N N 341 
SER HB2  H N N 342 
SER HB3  H N N 343 
SER HG   H N N 344 
SER HXT  H N N 345 
THR N    N N N 346 
THR CA   C N S 347 
THR C    C N N 348 
THR O    O N N 349 
THR CB   C N R 350 
THR OG1  O N N 351 
THR CG2  C N N 352 
THR OXT  O N N 353 
THR H    H N N 354 
THR H2   H N N 355 
THR HA   H N N 356 
THR HB   H N N 357 
THR HG1  H N N 358 
THR HG21 H N N 359 
THR HG22 H N N 360 
THR HG23 H N N 361 
THR HXT  H N N 362 
TRP N    N N N 363 
TRP CA   C N S 364 
TRP C    C N N 365 
TRP O    O N N 366 
TRP CB   C N N 367 
TRP CG   C Y N 368 
TRP CD1  C Y N 369 
TRP CD2  C Y N 370 
TRP NE1  N Y N 371 
TRP CE2  C Y N 372 
TRP CE3  C Y N 373 
TRP CZ2  C Y N 374 
TRP CZ3  C Y N 375 
TRP CH2  C Y N 376 
TRP OXT  O N N 377 
TRP H    H N N 378 
TRP H2   H N N 379 
TRP HA   H N N 380 
TRP HB2  H N N 381 
TRP HB3  H N N 382 
TRP HD1  H N N 383 
TRP HE1  H N N 384 
TRP HE3  H N N 385 
TRP HZ2  H N N 386 
TRP HZ3  H N N 387 
TRP HH2  H N N 388 
TRP HXT  H N N 389 
TYR N    N N N 390 
TYR CA   C N S 391 
TYR C    C N N 392 
TYR O    O N N 393 
TYR CB   C N N 394 
TYR CG   C Y N 395 
TYR CD1  C Y N 396 
TYR CD2  C Y N 397 
TYR CE1  C Y N 398 
TYR CE2  C Y N 399 
TYR CZ   C Y N 400 
TYR OH   O N N 401 
TYR OXT  O N N 402 
TYR H    H N N 403 
TYR H2   H N N 404 
TYR HA   H N N 405 
TYR HB2  H N N 406 
TYR HB3  H N N 407 
TYR HD1  H N N 408 
TYR HD2  H N N 409 
TYR HE1  H N N 410 
TYR HE2  H N N 411 
TYR HH   H N N 412 
TYR HXT  H N N 413 
VAL N    N N N 414 
VAL CA   C N S 415 
VAL C    C N N 416 
VAL O    O N N 417 
VAL CB   C N N 418 
VAL CG1  C N N 419 
VAL CG2  C N N 420 
VAL OXT  O N N 421 
VAL H    H N N 422 
VAL H2   H N N 423 
VAL HA   H N N 424 
VAL HB   H N N 425 
VAL HG11 H N N 426 
VAL HG12 H N N 427 
VAL HG13 H N N 428 
VAL HG21 H N N 429 
VAL HG22 H N N 430 
VAL HG23 H N N 431 
VAL HXT  H N N 432 
# 
loop_
_chem_comp_bond.comp_id 
_chem_comp_bond.atom_id_1 
_chem_comp_bond.atom_id_2 
_chem_comp_bond.value_order 
_chem_comp_bond.pdbx_aromatic_flag 
_chem_comp_bond.pdbx_stereo_config 
_chem_comp_bond.pdbx_ordinal 
ALA N   CA   sing N N 1   
ALA N   H    sing N N 2   
ALA N   H2   sing N N 3   
ALA CA  C    sing N N 4   
ALA CA  CB   sing N N 5   
ALA CA  HA   sing N N 6   
ALA C   O    doub N N 7   
ALA C   OXT  sing N N 8   
ALA CB  HB1  sing N N 9   
ALA CB  HB2  sing N N 10  
ALA CB  HB3  sing N N 11  
ALA OXT HXT  sing N N 12  
ARG N   CA   sing N N 13  
ARG N   H    sing N N 14  
ARG N   H2   sing N N 15  
ARG CA  C    sing N N 16  
ARG CA  CB   sing N N 17  
ARG CA  HA   sing N N 18  
ARG C   O    doub N N 19  
ARG C   OXT  sing N N 20  
ARG CB  CG   sing N N 21  
ARG CB  HB2  sing N N 22  
ARG CB  HB3  sing N N 23  
ARG CG  CD   sing N N 24  
ARG CG  HG2  sing N N 25  
ARG CG  HG3  sing N N 26  
ARG CD  NE   sing N N 27  
ARG CD  HD2  sing N N 28  
ARG CD  HD3  sing N N 29  
ARG NE  CZ   sing N N 30  
ARG NE  HE   sing N N 31  
ARG CZ  NH1  sing N N 32  
ARG CZ  NH2  doub N N 33  
ARG NH1 HH11 sing N N 34  
ARG NH1 HH12 sing N N 35  
ARG NH2 HH21 sing N N 36  
ARG NH2 HH22 sing N N 37  
ARG OXT HXT  sing N N 38  
ASN N   CA   sing N N 39  
ASN N   H    sing N N 40  
ASN N   H2   sing N N 41  
ASN CA  C    sing N N 42  
ASN CA  CB   sing N N 43  
ASN CA  HA   sing N N 44  
ASN C   O    doub N N 45  
ASN C   OXT  sing N N 46  
ASN CB  CG   sing N N 47  
ASN CB  HB2  sing N N 48  
ASN CB  HB3  sing N N 49  
ASN CG  OD1  doub N N 50  
ASN CG  ND2  sing N N 51  
ASN ND2 HD21 sing N N 52  
ASN ND2 HD22 sing N N 53  
ASN OXT HXT  sing N N 54  
ASP N   CA   sing N N 55  
ASP N   H    sing N N 56  
ASP N   H2   sing N N 57  
ASP CA  C    sing N N 58  
ASP CA  CB   sing N N 59  
ASP CA  HA   sing N N 60  
ASP C   O    doub N N 61  
ASP C   OXT  sing N N 62  
ASP CB  CG   sing N N 63  
ASP CB  HB2  sing N N 64  
ASP CB  HB3  sing N N 65  
ASP CG  OD1  doub N N 66  
ASP CG  OD2  sing N N 67  
ASP OD2 HD2  sing N N 68  
ASP OXT HXT  sing N N 69  
CYS N   CA   sing N N 70  
CYS N   H    sing N N 71  
CYS N   H2   sing N N 72  
CYS CA  C    sing N N 73  
CYS CA  CB   sing N N 74  
CYS CA  HA   sing N N 75  
CYS C   O    doub N N 76  
CYS C   OXT  sing N N 77  
CYS CB  SG   sing N N 78  
CYS CB  HB2  sing N N 79  
CYS CB  HB3  sing N N 80  
CYS SG  HG   sing N N 81  
CYS OXT HXT  sing N N 82  
GLN N   CA   sing N N 83  
GLN N   H    sing N N 84  
GLN N   H2   sing N N 85  
GLN CA  C    sing N N 86  
GLN CA  CB   sing N N 87  
GLN CA  HA   sing N N 88  
GLN C   O    doub N N 89  
GLN C   OXT  sing N N 90  
GLN CB  CG   sing N N 91  
GLN CB  HB2  sing N N 92  
GLN CB  HB3  sing N N 93  
GLN CG  CD   sing N N 94  
GLN CG  HG2  sing N N 95  
GLN CG  HG3  sing N N 96  
GLN CD  OE1  doub N N 97  
GLN CD  NE2  sing N N 98  
GLN NE2 HE21 sing N N 99  
GLN NE2 HE22 sing N N 100 
GLN OXT HXT  sing N N 101 
GLU N   CA   sing N N 102 
GLU N   H    sing N N 103 
GLU N   H2   sing N N 104 
GLU CA  C    sing N N 105 
GLU CA  CB   sing N N 106 
GLU CA  HA   sing N N 107 
GLU C   O    doub N N 108 
GLU C   OXT  sing N N 109 
GLU CB  CG   sing N N 110 
GLU CB  HB2  sing N N 111 
GLU CB  HB3  sing N N 112 
GLU CG  CD   sing N N 113 
GLU CG  HG2  sing N N 114 
GLU CG  HG3  sing N N 115 
GLU CD  OE1  doub N N 116 
GLU CD  OE2  sing N N 117 
GLU OE2 HE2  sing N N 118 
GLU OXT HXT  sing N N 119 
GLY N   CA   sing N N 120 
GLY N   H    sing N N 121 
GLY N   H2   sing N N 122 
GLY CA  C    sing N N 123 
GLY CA  HA2  sing N N 124 
GLY CA  HA3  sing N N 125 
GLY C   O    doub N N 126 
GLY C   OXT  sing N N 127 
GLY OXT HXT  sing N N 128 
ILE N   CA   sing N N 129 
ILE N   H    sing N N 130 
ILE N   H2   sing N N 131 
ILE CA  C    sing N N 132 
ILE CA  CB   sing N N 133 
ILE CA  HA   sing N N 134 
ILE C   O    doub N N 135 
ILE C   OXT  sing N N 136 
ILE CB  CG1  sing N N 137 
ILE CB  CG2  sing N N 138 
ILE CB  HB   sing N N 139 
ILE CG1 CD1  sing N N 140 
ILE CG1 HG12 sing N N 141 
ILE CG1 HG13 sing N N 142 
ILE CG2 HG21 sing N N 143 
ILE CG2 HG22 sing N N 144 
ILE CG2 HG23 sing N N 145 
ILE CD1 HD11 sing N N 146 
ILE CD1 HD12 sing N N 147 
ILE CD1 HD13 sing N N 148 
ILE OXT HXT  sing N N 149 
LEU N   CA   sing N N 150 
LEU N   H    sing N N 151 
LEU N   H2   sing N N 152 
LEU CA  C    sing N N 153 
LEU CA  CB   sing N N 154 
LEU CA  HA   sing N N 155 
LEU C   O    doub N N 156 
LEU C   OXT  sing N N 157 
LEU CB  CG   sing N N 158 
LEU CB  HB2  sing N N 159 
LEU CB  HB3  sing N N 160 
LEU CG  CD1  sing N N 161 
LEU CG  CD2  sing N N 162 
LEU CG  HG   sing N N 163 
LEU CD1 HD11 sing N N 164 
LEU CD1 HD12 sing N N 165 
LEU CD1 HD13 sing N N 166 
LEU CD2 HD21 sing N N 167 
LEU CD2 HD22 sing N N 168 
LEU CD2 HD23 sing N N 169 
LEU OXT HXT  sing N N 170 
LYS N   CA   sing N N 171 
LYS N   H    sing N N 172 
LYS N   H2   sing N N 173 
LYS CA  C    sing N N 174 
LYS CA  CB   sing N N 175 
LYS CA  HA   sing N N 176 
LYS C   O    doub N N 177 
LYS C   OXT  sing N N 178 
LYS CB  CG   sing N N 179 
LYS CB  HB2  sing N N 180 
LYS CB  HB3  sing N N 181 
LYS CG  CD   sing N N 182 
LYS CG  HG2  sing N N 183 
LYS CG  HG3  sing N N 184 
LYS CD  CE   sing N N 185 
LYS CD  HD2  sing N N 186 
LYS CD  HD3  sing N N 187 
LYS CE  NZ   sing N N 188 
LYS CE  HE2  sing N N 189 
LYS CE  HE3  sing N N 190 
LYS NZ  HZ1  sing N N 191 
LYS NZ  HZ2  sing N N 192 
LYS NZ  HZ3  sing N N 193 
LYS OXT HXT  sing N N 194 
MET N   CA   sing N N 195 
MET N   H    sing N N 196 
MET N   H2   sing N N 197 
MET CA  C    sing N N 198 
MET CA  CB   sing N N 199 
MET CA  HA   sing N N 200 
MET C   O    doub N N 201 
MET C   OXT  sing N N 202 
MET CB  CG   sing N N 203 
MET CB  HB2  sing N N 204 
MET CB  HB3  sing N N 205 
MET CG  SD   sing N N 206 
MET CG  HG2  sing N N 207 
MET CG  HG3  sing N N 208 
MET SD  CE   sing N N 209 
MET CE  HE1  sing N N 210 
MET CE  HE2  sing N N 211 
MET CE  HE3  sing N N 212 
MET OXT HXT  sing N N 213 
OLC C18 C17  sing N N 214 
OLC C10 C9   doub N N 215 
OLC C10 C11  sing N N 216 
OLC C9  C8   sing N N 217 
OLC C17 C16  sing N Z 218 
OLC C11 C12  sing N N 219 
OLC C8  C7   sing N N 220 
OLC C24 C22  sing N N 221 
OLC C24 O25  sing N N 222 
OLC C16 C15  sing N N 223 
OLC C12 C13  sing N N 224 
OLC C7  C6   sing N N 225 
OLC C15 C14  sing N N 226 
OLC C13 C14  sing N N 227 
OLC C6  C5   sing N N 228 
OLC C5  C4   sing N N 229 
OLC C4  C3   sing N N 230 
OLC C3  C2   sing N N 231 
OLC C2  C1   sing N N 232 
OLC C21 C22  sing N N 233 
OLC C21 O20  sing N N 234 
OLC C1  O19  doub N N 235 
OLC C1  O20  sing N N 236 
OLC C22 O23  sing N N 237 
OLC C18 H18  sing N N 238 
OLC C18 H18A sing N N 239 
OLC C18 H18B sing N N 240 
OLC C10 H10  sing N N 241 
OLC C9  H9   sing N N 242 
OLC C17 H17  sing N N 243 
OLC C17 H17A sing N N 244 
OLC C11 H11  sing N N 245 
OLC C11 H11A sing N N 246 
OLC C8  H8   sing N N 247 
OLC C8  H8A  sing N N 248 
OLC C24 H24  sing N N 249 
OLC C24 H24A sing N N 250 
OLC C16 H16  sing N N 251 
OLC C16 H16A sing N N 252 
OLC C12 H12  sing N N 253 
OLC C12 H12A sing N N 254 
OLC C7  H7   sing N N 255 
OLC C7  H7A  sing N N 256 
OLC C15 H15  sing N N 257 
OLC C15 H15A sing N N 258 
OLC C13 H13  sing N N 259 
OLC C13 H13A sing N N 260 
OLC C6  H6   sing N N 261 
OLC C6  H6A  sing N N 262 
OLC C14 H14  sing N N 263 
OLC C14 H14A sing N N 264 
OLC C5  H5   sing N N 265 
OLC C5  H5A  sing N N 266 
OLC C4  H4   sing N N 267 
OLC C4  H4A  sing N N 268 
OLC C3  H3   sing N N 269 
OLC C3  H3A  sing N N 270 
OLC C2  H2   sing N N 271 
OLC C2  H2A  sing N N 272 
OLC C21 H21  sing N N 273 
OLC C21 H21A sing N N 274 
OLC C22 H22  sing N N 275 
OLC O25 HO25 sing N N 276 
OLC O23 HO23 sing N N 277 
PHE N   CA   sing N N 278 
PHE N   H    sing N N 279 
PHE N   H2   sing N N 280 
PHE CA  C    sing N N 281 
PHE CA  CB   sing N N 282 
PHE CA  HA   sing N N 283 
PHE C   O    doub N N 284 
PHE C   OXT  sing N N 285 
PHE CB  CG   sing N N 286 
PHE CB  HB2  sing N N 287 
PHE CB  HB3  sing N N 288 
PHE CG  CD1  doub Y N 289 
PHE CG  CD2  sing Y N 290 
PHE CD1 CE1  sing Y N 291 
PHE CD1 HD1  sing N N 292 
PHE CD2 CE2  doub Y N 293 
PHE CD2 HD2  sing N N 294 
PHE CE1 CZ   doub Y N 295 
PHE CE1 HE1  sing N N 296 
PHE CE2 CZ   sing Y N 297 
PHE CE2 HE2  sing N N 298 
PHE CZ  HZ   sing N N 299 
PHE OXT HXT  sing N N 300 
PRO N   CA   sing N N 301 
PRO N   CD   sing N N 302 
PRO N   H    sing N N 303 
PRO CA  C    sing N N 304 
PRO CA  CB   sing N N 305 
PRO CA  HA   sing N N 306 
PRO C   O    doub N N 307 
PRO C   OXT  sing N N 308 
PRO CB  CG   sing N N 309 
PRO CB  HB2  sing N N 310 
PRO CB  HB3  sing N N 311 
PRO CG  CD   sing N N 312 
PRO CG  HG2  sing N N 313 
PRO CG  HG3  sing N N 314 
PRO CD  HD2  sing N N 315 
PRO CD  HD3  sing N N 316 
PRO OXT HXT  sing N N 317 
SER N   CA   sing N N 318 
SER N   H    sing N N 319 
SER N   H2   sing N N 320 
SER CA  C    sing N N 321 
SER CA  CB   sing N N 322 
SER CA  HA   sing N N 323 
SER C   O    doub N N 324 
SER C   OXT  sing N N 325 
SER CB  OG   sing N N 326 
SER CB  HB2  sing N N 327 
SER CB  HB3  sing N N 328 
SER OG  HG   sing N N 329 
SER OXT HXT  sing N N 330 
THR N   CA   sing N N 331 
THR N   H    sing N N 332 
THR N   H2   sing N N 333 
THR CA  C    sing N N 334 
THR CA  CB   sing N N 335 
THR CA  HA   sing N N 336 
THR C   O    doub N N 337 
THR C   OXT  sing N N 338 
THR CB  OG1  sing N N 339 
THR CB  CG2  sing N N 340 
THR CB  HB   sing N N 341 
THR OG1 HG1  sing N N 342 
THR CG2 HG21 sing N N 343 
THR CG2 HG22 sing N N 344 
THR CG2 HG23 sing N N 345 
THR OXT HXT  sing N N 346 
TRP N   CA   sing N N 347 
TRP N   H    sing N N 348 
TRP N   H2   sing N N 349 
TRP CA  C    sing N N 350 
TRP CA  CB   sing N N 351 
TRP CA  HA   sing N N 352 
TRP C   O    doub N N 353 
TRP C   OXT  sing N N 354 
TRP CB  CG   sing N N 355 
TRP CB  HB2  sing N N 356 
TRP CB  HB3  sing N N 357 
TRP CG  CD1  doub Y N 358 
TRP CG  CD2  sing Y N 359 
TRP CD1 NE1  sing Y N 360 
TRP CD1 HD1  sing N N 361 
TRP CD2 CE2  doub Y N 362 
TRP CD2 CE3  sing Y N 363 
TRP NE1 CE2  sing Y N 364 
TRP NE1 HE1  sing N N 365 
TRP CE2 CZ2  sing Y N 366 
TRP CE3 CZ3  doub Y N 367 
TRP CE3 HE3  sing N N 368 
TRP CZ2 CH2  doub Y N 369 
TRP CZ2 HZ2  sing N N 370 
TRP CZ3 CH2  sing Y N 371 
TRP CZ3 HZ3  sing N N 372 
TRP CH2 HH2  sing N N 373 
TRP OXT HXT  sing N N 374 
TYR N   CA   sing N N 375 
TYR N   H    sing N N 376 
TYR N   H2   sing N N 377 
TYR CA  C    sing N N 378 
TYR CA  CB   sing N N 379 
TYR CA  HA   sing N N 380 
TYR C   O    doub N N 381 
TYR C   OXT  sing N N 382 
TYR CB  CG   sing N N 383 
TYR CB  HB2  sing N N 384 
TYR CB  HB3  sing N N 385 
TYR CG  CD1  doub Y N 386 
TYR CG  CD2  sing Y N 387 
TYR CD1 CE1  sing Y N 388 
TYR CD1 HD1  sing N N 389 
TYR CD2 CE2  doub Y N 390 
TYR CD2 HD2  sing N N 391 
TYR CE1 CZ   doub Y N 392 
TYR CE1 HE1  sing N N 393 
TYR CE2 CZ   sing Y N 394 
TYR CE2 HE2  sing N N 395 
TYR CZ  OH   sing N N 396 
TYR OH  HH   sing N N 397 
TYR OXT HXT  sing N N 398 
VAL N   CA   sing N N 399 
VAL N   H    sing N N 400 
VAL N   H2   sing N N 401 
VAL CA  C    sing N N 402 
VAL CA  CB   sing N N 403 
VAL CA  HA   sing N N 404 
VAL C   O    doub N N 405 
VAL C   OXT  sing N N 406 
VAL CB  CG1  sing N N 407 
VAL CB  CG2  sing N N 408 
VAL CB  HB   sing N N 409 
VAL CG1 HG11 sing N N 410 
VAL CG1 HG12 sing N N 411 
VAL CG1 HG13 sing N N 412 
VAL CG2 HG21 sing N N 413 
VAL CG2 HG22 sing N N 414 
VAL CG2 HG23 sing N N 415 
VAL OXT HXT  sing N N 416 
# 
loop_
_pdbx_entity_nonpoly.entity_id 
_pdbx_entity_nonpoly.name 
_pdbx_entity_nonpoly.comp_id 
2 'POTASSIUM ION'                                  K   
3 '(2R)-2,3-dihydroxypropyl (9Z)-octadec-9-enoate' OLC 
# 
loop_
_pdbx_initial_refinement_model.id 
_pdbx_initial_refinement_model.entity_id_list 
_pdbx_initial_refinement_model.type 
_pdbx_initial_refinement_model.source_name 
_pdbx_initial_refinement_model.accession_code 
_pdbx_initial_refinement_model.details 
1 ? 'experimental model' PDB 3EFF 'PDB ENTRY 3EFF, 2ATK, 2A79  and 1ORQ' 
2 ? 'experimental model' PDB 2ATK 'PDB ENTRY 3EFF, 2ATK, 2A79  and 1ORQ' 
3 ? 'experimental model' PDB 2A79 'PDB ENTRY 3EFF, 2ATK, 2A79  and 1ORQ' 
4 ? 'experimental model' PDB 1ORQ 'PDB ENTRY 3EFF, 2ATK, 2A79  and 1ORQ' 
# 
